data_3B1R
#
_entry.id   3B1R
#
_cell.length_a   125.222
_cell.length_b   125.222
_cell.length_c   115.002
_cell.angle_alpha   90.00
_cell.angle_beta   90.00
_cell.angle_gamma   120.00
#
_symmetry.space_group_name_H-M   'P 31'
#
loop_
_entity.id
_entity.type
_entity.pdbx_description
1 polymer 'Ribokinase, putative'
2 non-polymer 'ADENOSINE MONOPHOSPHATE'
3 non-polymer 'MAGNESIUM ION'
4 water water
#
_entity_poly.entity_id   1
_entity_poly.type   'polypeptide(L)'
_entity_poly.pdbx_seq_one_letter_code
;MGHHHHHHMATLICGSIAYDNIMTFEGRFREHILPDQVHLINLSFLVPTMRREFGGCAGNIAYALNLLGGDARMMGTLGA
VDAQPYLDRMDALGLSREYVRVLPDTYSAQAMITTDLDNNQITAFHPGAMMQSHVNHAGEAKDIKLAIVGPDGFQGMVQH
TEELAQAGVPFIFDPGQGLPLFDGATLRRSIELATYIAVNDYEAKLVCDKTGWSEDEIASRVQALIITRGEHGATIRHRD
GTEQIPAVRAERVIDPTGCGDAFRGGLLYGIEHGFDWATAGRLASLMGALKIAHQGPQTYAPTRAEIDARFETAFGYRPK
;
_entity_poly.pdbx_strand_id   A,B,C,D,E,F
#
# COMPACT_ATOMS: atom_id res chain seq x y z
N ALA A 10 14.29 4.94 9.58
CA ALA A 10 14.05 5.56 8.22
C ALA A 10 15.36 5.65 7.43
N THR A 11 15.47 4.84 6.38
CA THR A 11 16.69 4.68 5.60
C THR A 11 16.39 5.14 4.18
N LEU A 12 17.14 6.14 3.71
CA LEU A 12 16.96 6.67 2.37
C LEU A 12 17.71 5.83 1.34
N ILE A 13 16.98 5.37 0.33
CA ILE A 13 17.53 4.42 -0.61
C ILE A 13 17.55 5.06 -1.99
N CYS A 14 18.73 5.55 -2.37
CA CYS A 14 18.93 6.30 -3.61
C CYS A 14 19.52 5.39 -4.69
N GLY A 15 18.87 5.34 -5.85
CA GLY A 15 19.30 4.46 -6.92
C GLY A 15 18.25 4.26 -8.00
N SER A 16 18.61 3.52 -9.03
CA SER A 16 17.73 3.33 -10.17
C SER A 16 16.44 2.62 -9.74
N ILE A 17 15.35 2.97 -10.41
CA ILE A 17 14.12 2.17 -10.35
C ILE A 17 13.80 1.79 -11.79
N ALA A 18 13.75 0.49 -12.05
CA ALA A 18 13.85 -0.01 -13.42
C ALA A 18 13.01 -1.25 -13.67
N TYR A 19 12.75 -1.53 -14.94
CA TYR A 19 12.19 -2.83 -15.32
C TYR A 19 13.26 -3.73 -15.90
N ASP A 20 13.37 -4.91 -15.35
CA ASP A 20 14.38 -5.87 -15.77
C ASP A 20 13.81 -6.99 -16.63
N ASN A 21 14.57 -7.31 -17.65
CA ASN A 21 14.30 -8.41 -18.56
C ASN A 21 15.59 -9.25 -18.51
N ILE A 22 15.53 -10.39 -17.83
CA ILE A 22 16.74 -11.13 -17.43
C ILE A 22 16.89 -12.48 -18.13
N MET A 23 18.06 -12.71 -18.70
CA MET A 23 18.37 -13.95 -19.38
C MET A 23 19.58 -14.62 -18.72
N THR A 24 19.29 -15.61 -17.88
CA THR A 24 20.30 -16.31 -17.09
C THR A 24 20.74 -17.64 -17.72
N PHE A 25 21.96 -17.66 -18.25
CA PHE A 25 22.60 -18.91 -18.67
C PHE A 25 22.77 -19.79 -17.45
N GLU A 26 22.27 -21.03 -17.52
CA GLU A 26 22.43 -21.99 -16.43
C GLU A 26 23.77 -22.65 -16.62
N GLY A 27 24.82 -21.97 -16.16
CA GLY A 27 26.20 -22.39 -16.39
C GLY A 27 27.12 -21.24 -16.01
N ARG A 28 28.37 -21.31 -16.45
CA ARG A 28 29.32 -20.26 -16.13
C ARG A 28 30.08 -19.87 -17.37
N PHE A 29 29.98 -18.58 -17.72
CA PHE A 29 30.62 -18.02 -18.91
C PHE A 29 32.10 -18.41 -18.96
N ARG A 30 32.72 -18.46 -17.78
CA ARG A 30 34.13 -18.79 -17.61
C ARG A 30 34.54 -20.12 -18.26
N GLU A 31 33.65 -21.11 -18.19
CA GLU A 31 33.93 -22.42 -18.75
C GLU A 31 33.99 -22.42 -20.29
N HIS A 32 33.47 -21.35 -20.90
CA HIS A 32 33.27 -21.30 -22.35
C HIS A 32 34.07 -20.21 -23.05
N ILE A 33 35.04 -19.65 -22.35
CA ILE A 33 35.99 -18.70 -22.93
C ILE A 33 37.15 -19.46 -23.60
N LEU A 34 37.47 -19.10 -24.86
CA LEU A 34 38.65 -19.65 -25.55
C LEU A 34 39.56 -18.54 -26.10
N PRO A 35 40.47 -18.02 -25.25
CA PRO A 35 41.40 -16.92 -25.56
C PRO A 35 42.12 -17.04 -26.91
N ASP A 36 42.47 -18.28 -27.24
CA ASP A 36 43.28 -18.66 -28.40
C ASP A 36 42.57 -18.36 -29.74
N GLN A 37 41.25 -18.44 -29.72
CA GLN A 37 40.40 -18.07 -30.86
C GLN A 37 40.26 -16.57 -31.02
N VAL A 38 39.87 -16.14 -32.23
CA VAL A 38 39.50 -14.74 -32.45
C VAL A 38 38.13 -14.48 -31.79
N HIS A 39 37.24 -15.46 -31.87
CA HIS A 39 36.00 -15.45 -31.09
C HIS A 39 36.31 -16.02 -29.71
N LEU A 40 36.21 -15.17 -28.70
CA LEU A 40 36.49 -15.55 -27.33
C LEU A 40 35.42 -16.47 -26.75
N ILE A 41 34.16 -16.17 -27.02
CA ILE A 41 33.00 -16.95 -26.53
C ILE A 41 31.80 -16.79 -27.47
N ASN A 42 31.18 -17.91 -27.84
CA ASN A 42 29.89 -17.94 -28.51
C ASN A 42 28.97 -18.85 -27.69
N LEU A 43 27.82 -18.34 -27.24
CA LEU A 43 26.83 -19.18 -26.58
C LEU A 43 25.48 -18.87 -27.13
N SER A 44 24.62 -19.88 -27.18
CA SER A 44 23.23 -19.71 -27.55
C SER A 44 22.42 -20.69 -26.75
N PHE A 45 21.68 -20.18 -25.77
CA PHE A 45 20.96 -21.03 -24.82
C PHE A 45 19.47 -20.81 -24.93
N LEU A 46 18.73 -21.89 -24.74
CA LEU A 46 17.27 -21.89 -24.95
C LEU A 46 16.55 -21.31 -23.74
N VAL A 47 15.63 -20.39 -23.99
CA VAL A 47 14.87 -19.79 -22.89
C VAL A 47 13.39 -19.75 -23.23
N PRO A 48 12.54 -19.89 -22.20
CA PRO A 48 11.12 -19.90 -22.45
C PRO A 48 10.57 -18.47 -22.50
N THR A 49 9.26 -18.36 -22.44
CA THR A 49 8.53 -17.10 -22.56
C THR A 49 9.10 -15.98 -21.68
N MET A 50 9.00 -14.73 -22.17
CA MET A 50 9.51 -13.57 -21.43
C MET A 50 8.63 -13.27 -20.21
N ARG A 51 9.23 -12.62 -19.22
CA ARG A 51 8.53 -12.14 -18.02
C ARG A 51 9.29 -10.93 -17.47
N ARG A 52 8.73 -9.73 -17.64
CA ARG A 52 9.37 -8.49 -17.16
C ARG A 52 9.38 -8.44 -15.61
N GLU A 53 10.52 -8.13 -15.01
CA GLU A 53 10.64 -8.11 -13.53
C GLU A 53 10.68 -6.70 -12.94
N PHE A 54 10.40 -6.60 -11.65
CA PHE A 54 10.61 -5.37 -10.90
C PHE A 54 12.04 -5.31 -10.38
N GLY A 55 12.75 -4.26 -10.74
CA GLY A 55 14.17 -4.13 -10.40
C GLY A 55 14.61 -2.70 -10.23
N GLY A 56 15.86 -2.45 -10.61
CA GLY A 56 16.53 -1.18 -10.29
C GLY A 56 17.16 -1.29 -8.92
N CYS A 57 18.32 -0.67 -8.75
CA CYS A 57 19.08 -0.77 -7.51
C CYS A 57 18.31 -0.26 -6.28
N ALA A 58 17.70 0.91 -6.39
CA ALA A 58 16.92 1.40 -5.24
C ALA A 58 15.72 0.47 -4.95
N GLY A 59 15.06 0.03 -6.03
CA GLY A 59 13.96 -0.95 -5.95
C GLY A 59 14.32 -2.21 -5.21
N ASN A 60 15.41 -2.86 -5.63
CA ASN A 60 15.89 -4.10 -5.00
C ASN A 60 16.32 -3.91 -3.55
N ILE A 61 16.98 -2.80 -3.25
CA ILE A 61 17.52 -2.60 -1.91
C ILE A 61 16.39 -2.34 -0.91
N ALA A 62 15.40 -1.56 -1.32
CA ALA A 62 14.23 -1.29 -0.51
C ALA A 62 13.41 -2.55 -0.23
N TYR A 63 13.34 -3.42 -1.24
CA TYR A 63 12.61 -4.67 -1.13
C TYR A 63 13.23 -5.57 -0.07
N ALA A 64 14.54 -5.79 -0.18
CA ALA A 64 15.30 -6.56 0.80
C ALA A 64 15.21 -5.99 2.20
N LEU A 65 15.39 -4.67 2.33
CA LEU A 65 15.25 -4.00 3.62
C LEU A 65 13.84 -4.16 4.21
N ASN A 66 12.82 -4.00 3.37
CA ASN A 66 11.42 -4.19 3.76
C ASN A 66 11.09 -5.64 4.17
N LEU A 67 11.69 -6.61 3.49
CA LEU A 67 11.61 -8.01 3.88
C LEU A 67 12.12 -8.25 5.32
N LEU A 68 13.11 -7.47 5.73
CA LEU A 68 13.68 -7.61 7.07
C LEU A 68 12.88 -6.87 8.14
N GLY A 69 11.92 -6.06 7.71
CA GLY A 69 11.08 -5.26 8.60
C GLY A 69 11.71 -3.93 8.92
N GLY A 70 12.60 -3.48 8.05
CA GLY A 70 13.16 -2.14 8.13
C GLY A 70 12.22 -1.16 7.46
N ASP A 71 12.47 0.11 7.72
CA ASP A 71 11.79 1.24 7.10
C ASP A 71 12.66 1.71 5.92
N ALA A 72 12.12 1.57 4.72
CA ALA A 72 12.87 1.86 3.49
C ALA A 72 12.20 2.97 2.67
N ARG A 73 12.86 4.11 2.51
CA ARG A 73 12.35 5.21 1.66
C ARG A 73 13.15 5.32 0.36
N MET A 74 12.55 4.83 -0.73
CA MET A 74 13.16 4.88 -2.04
C MET A 74 13.20 6.30 -2.57
N MET A 75 14.37 6.71 -3.02
CA MET A 75 14.53 7.99 -3.70
C MET A 75 15.03 7.70 -5.10
N GLY A 76 14.24 8.06 -6.10
CA GLY A 76 14.59 7.73 -7.49
C GLY A 76 13.52 8.19 -8.45
N THR A 77 13.71 7.89 -9.74
CA THR A 77 12.81 8.42 -10.79
C THR A 77 12.24 7.37 -11.73
N LEU A 78 10.92 7.45 -11.93
CA LEU A 78 10.21 6.62 -12.88
C LEU A 78 9.66 7.51 -13.99
N GLY A 79 9.19 6.89 -15.07
CA GLY A 79 8.50 7.58 -16.16
C GLY A 79 7.02 7.24 -16.20
N ALA A 80 6.19 8.26 -16.40
CA ALA A 80 4.74 8.13 -16.25
C ALA A 80 4.04 7.11 -17.17
N VAL A 81 4.60 6.86 -18.34
CA VAL A 81 3.95 5.90 -19.28
C VAL A 81 3.90 4.46 -18.76
N ASP A 82 4.95 4.01 -18.09
CA ASP A 82 4.90 2.66 -17.56
C ASP A 82 5.15 2.57 -16.05
N ALA A 83 4.79 3.64 -15.33
CA ALA A 83 5.03 3.73 -13.90
C ALA A 83 4.10 2.87 -13.05
N GLN A 84 2.81 2.92 -13.35
CA GLN A 84 1.76 2.34 -12.50
C GLN A 84 2.03 0.92 -11.94
N PRO A 85 2.50 -0.03 -12.79
CA PRO A 85 2.72 -1.34 -12.20
C PRO A 85 3.77 -1.35 -11.08
N TYR A 86 4.77 -0.47 -11.18
CA TYR A 86 5.74 -0.33 -10.08
C TYR A 86 5.15 0.42 -8.87
N LEU A 87 4.43 1.51 -9.12
CA LEU A 87 3.80 2.27 -8.03
C LEU A 87 2.79 1.42 -7.22
N ASP A 88 1.98 0.63 -7.93
CA ASP A 88 1.00 -0.29 -7.32
C ASP A 88 1.69 -1.34 -6.45
N ARG A 89 2.82 -1.86 -6.91
CA ARG A 89 3.60 -2.83 -6.14
C ARG A 89 4.12 -2.19 -4.85
N MET A 90 4.62 -0.97 -4.99
CA MET A 90 5.10 -0.20 -3.84
C MET A 90 3.97 -0.05 -2.82
N ASP A 91 2.82 0.42 -3.30
CA ASP A 91 1.59 0.51 -2.50
C ASP A 91 1.22 -0.81 -1.83
N ALA A 92 1.15 -1.89 -2.60
CA ALA A 92 0.79 -3.20 -2.04
C ALA A 92 1.78 -3.67 -0.97
N LEU A 93 3.06 -3.33 -1.14
CA LEU A 93 4.08 -3.76 -0.20
C LEU A 93 4.22 -2.87 1.05
N GLY A 94 3.66 -1.67 1.02
CA GLY A 94 3.84 -0.72 2.13
C GLY A 94 5.13 0.07 2.05
N LEU A 95 5.59 0.29 0.81
CA LEU A 95 6.76 1.13 0.54
C LEU A 95 6.35 2.56 0.23
N SER A 96 6.93 3.52 0.95
CA SER A 96 6.62 4.92 0.72
C SER A 96 7.08 5.42 -0.65
N ARG A 97 6.24 6.26 -1.27
CA ARG A 97 6.55 6.91 -2.56
C ARG A 97 6.82 8.39 -2.36
N GLU A 98 7.23 8.76 -1.15
CA GLU A 98 7.58 10.14 -0.79
C GLU A 98 8.61 10.76 -1.73
N TYR A 99 9.65 9.99 -2.05
CA TYR A 99 10.75 10.50 -2.86
C TYR A 99 10.87 9.78 -4.20
N VAL A 100 9.85 8.99 -4.52
CA VAL A 100 9.69 8.37 -5.85
C VAL A 100 9.04 9.40 -6.76
N ARG A 101 9.83 9.97 -7.66
CA ARG A 101 9.31 10.94 -8.62
C ARG A 101 8.91 10.29 -9.95
N VAL A 102 7.72 10.62 -10.41
CA VAL A 102 7.19 10.12 -11.68
C VAL A 102 7.16 11.26 -12.69
N LEU A 103 7.90 11.10 -13.79
CA LEU A 103 7.99 12.16 -14.79
C LEU A 103 7.09 11.91 -16.00
N PRO A 104 6.14 12.84 -16.24
CA PRO A 104 5.23 12.81 -17.38
C PRO A 104 5.92 12.68 -18.73
N ASP A 105 5.44 11.72 -19.53
CA ASP A 105 5.82 11.51 -20.93
C ASP A 105 7.27 11.08 -21.20
N THR A 106 7.80 10.26 -20.30
CA THR A 106 9.08 9.58 -20.52
C THR A 106 8.99 8.16 -19.95
N TYR A 107 9.83 7.28 -20.48
CA TYR A 107 9.80 5.89 -20.07
C TYR A 107 10.72 5.67 -18.88
N SER A 108 10.33 4.71 -18.05
CA SER A 108 11.12 4.29 -16.92
C SER A 108 12.28 3.46 -17.45
N ALA A 109 13.40 3.51 -16.72
CA ALA A 109 14.57 2.69 -17.02
C ALA A 109 14.21 1.24 -17.29
N GLN A 110 14.96 0.61 -18.18
CA GLN A 110 14.82 -0.81 -18.44
C GLN A 110 16.20 -1.41 -18.63
N ALA A 111 16.40 -2.57 -18.01
CA ALA A 111 17.67 -3.25 -18.11
C ALA A 111 17.48 -4.58 -18.84
N MET A 112 18.21 -4.75 -19.94
CA MET A 112 18.26 -6.03 -20.62
C MET A 112 19.50 -6.74 -20.11
N ILE A 113 19.29 -7.69 -19.22
CA ILE A 113 20.40 -8.29 -18.50
C ILE A 113 20.62 -9.72 -18.98
N THR A 114 21.81 -9.99 -19.50
CA THR A 114 22.17 -11.37 -19.81
C THR A 114 23.33 -11.77 -18.91
N THR A 115 23.18 -12.91 -18.26
CA THR A 115 24.07 -13.25 -17.16
C THR A 115 24.32 -14.74 -17.08
N ASP A 116 25.15 -15.15 -16.12
CA ASP A 116 25.35 -16.57 -15.83
C ASP A 116 25.24 -16.81 -14.32
N LEU A 117 25.63 -18.00 -13.87
CA LEU A 117 25.54 -18.35 -12.45
C LEU A 117 26.69 -17.80 -11.62
N ASP A 118 27.63 -17.14 -12.29
CA ASP A 118 28.72 -16.41 -11.65
C ASP A 118 28.38 -14.93 -11.47
N ASN A 119 27.15 -14.56 -11.80
CA ASN A 119 26.71 -13.16 -11.73
C ASN A 119 27.49 -12.19 -12.64
N ASN A 120 28.01 -12.72 -13.74
CA ASN A 120 28.62 -11.90 -14.77
C ASN A 120 27.54 -11.20 -15.62
N GLN A 121 26.96 -10.15 -15.05
CA GLN A 121 25.90 -9.38 -15.72
C GLN A 121 26.46 -8.50 -16.81
N ILE A 122 25.99 -8.75 -18.03
CA ILE A 122 26.28 -7.90 -19.17
C ILE A 122 24.96 -7.25 -19.53
N THR A 123 24.83 -5.96 -19.26
CA THR A 123 23.53 -5.32 -19.37
C THR A 123 23.52 -4.25 -20.43
N ALA A 124 22.53 -4.37 -21.33
CA ALA A 124 22.17 -3.30 -22.22
C ALA A 124 21.12 -2.49 -21.47
N PHE A 125 21.44 -1.24 -21.18
CA PHE A 125 20.60 -0.45 -20.30
C PHE A 125 20.00 0.74 -21.03
N HIS A 126 18.68 0.91 -20.94
CA HIS A 126 18.00 2.10 -21.48
C HIS A 126 17.68 2.99 -20.29
N PRO A 127 18.51 4.03 -20.04
CA PRO A 127 18.34 4.83 -18.83
C PRO A 127 16.94 5.43 -18.63
N GLY A 128 16.29 5.87 -19.70
CA GLY A 128 14.93 6.42 -19.61
C GLY A 128 14.83 7.53 -18.57
N ALA A 129 13.86 7.40 -17.67
CA ALA A 129 13.63 8.41 -16.62
C ALA A 129 14.81 8.59 -15.66
N MET A 130 15.65 7.57 -15.55
CA MET A 130 16.83 7.64 -14.70
C MET A 130 17.78 8.79 -15.05
N MET A 131 17.67 9.29 -16.30
CA MET A 131 18.50 10.41 -16.77
CA MET A 131 18.50 10.41 -16.77
C MET A 131 18.17 11.71 -16.03
N GLN A 132 17.04 11.72 -15.33
CA GLN A 132 16.57 12.90 -14.61
C GLN A 132 16.72 12.75 -13.09
N SER A 133 17.41 11.70 -12.64
CA SER A 133 17.41 11.33 -11.21
C SER A 133 17.72 12.49 -10.26
N HIS A 134 18.43 13.50 -10.75
CA HIS A 134 18.88 14.62 -9.93
C HIS A 134 17.75 15.58 -9.48
N VAL A 135 16.53 15.38 -9.98
CA VAL A 135 15.39 16.20 -9.52
C VAL A 135 15.01 15.94 -8.05
N ASN A 136 15.42 14.79 -7.52
CA ASN A 136 15.29 14.51 -6.09
C ASN A 136 16.50 15.08 -5.37
N HIS A 137 16.27 15.64 -4.19
CA HIS A 137 17.33 16.19 -3.36
C HIS A 137 17.41 15.47 -2.04
N ALA A 138 18.46 14.66 -1.86
CA ALA A 138 18.65 13.83 -0.68
C ALA A 138 18.66 14.63 0.63
N GLY A 139 19.23 15.83 0.57
CA GLY A 139 19.28 16.72 1.72
C GLY A 139 17.89 16.98 2.30
N GLU A 140 16.91 17.15 1.42
CA GLU A 140 15.53 17.43 1.80
C GLU A 140 14.82 16.32 2.57
N ALA A 141 15.30 15.08 2.43
CA ALA A 141 14.66 13.93 3.10
C ALA A 141 14.60 14.10 4.62
N LYS A 142 13.42 13.84 5.17
CA LYS A 142 13.13 14.01 6.60
C LYS A 142 13.56 12.84 7.48
N ASP A 143 14.25 13.17 8.58
CA ASP A 143 14.54 12.22 9.65
C ASP A 143 15.15 10.91 9.16
N ILE A 144 16.19 11.04 8.33
CA ILE A 144 16.90 9.88 7.80
C ILE A 144 18.05 9.49 8.72
N LYS A 145 18.11 8.21 9.08
CA LYS A 145 19.14 7.67 9.98
C LYS A 145 20.37 7.13 9.24
N LEU A 146 20.14 6.69 8.00
CA LEU A 146 21.15 6.03 7.18
C LEU A 146 20.68 6.15 5.72
N ALA A 147 21.62 6.16 4.78
CA ALA A 147 21.24 6.13 3.39
C ALA A 147 22.16 5.23 2.60
N ILE A 148 21.77 4.96 1.36
CA ILE A 148 22.64 4.34 0.39
C ILE A 148 22.48 5.11 -0.90
N VAL A 149 23.61 5.31 -1.57
CA VAL A 149 23.59 5.90 -2.88
C VAL A 149 24.11 4.80 -3.76
N GLY A 150 23.24 4.36 -4.66
CA GLY A 150 23.51 3.30 -5.63
C GLY A 150 23.51 3.76 -7.07
N PRO A 151 23.72 2.82 -8.01
CA PRO A 151 23.80 3.17 -9.44
C PRO A 151 22.56 3.94 -9.85
N ASP A 152 22.79 5.00 -10.61
CA ASP A 152 21.77 5.97 -10.91
C ASP A 152 22.31 6.85 -12.02
N GLY A 153 21.56 7.89 -12.38
CA GLY A 153 22.06 8.92 -13.28
C GLY A 153 23.23 9.61 -12.62
N PHE A 154 24.23 10.02 -13.41
CA PHE A 154 25.48 10.52 -12.86
C PHE A 154 25.28 11.79 -12.02
N GLN A 155 24.55 12.75 -12.55
CA GLN A 155 24.26 13.99 -11.83
C GLN A 155 23.54 13.71 -10.52
N GLY A 156 22.63 12.74 -10.55
CA GLY A 156 21.92 12.27 -9.37
C GLY A 156 22.88 11.68 -8.35
N MET A 157 23.71 10.73 -8.78
CA MET A 157 24.68 10.07 -7.88
C MET A 157 25.59 11.09 -7.19
N VAL A 158 26.12 12.03 -7.97
CA VAL A 158 27.02 13.07 -7.47
C VAL A 158 26.31 13.92 -6.42
N GLN A 159 25.19 14.51 -6.80
CA GLN A 159 24.37 15.34 -5.92
C GLN A 159 24.00 14.62 -4.61
N HIS A 160 23.59 13.36 -4.72
CA HIS A 160 23.16 12.60 -3.56
C HIS A 160 24.28 12.47 -2.54
N THR A 161 25.49 12.20 -3.02
CA THR A 161 26.65 12.06 -2.14
C THR A 161 26.95 13.42 -1.49
N GLU A 162 26.93 14.49 -2.29
CA GLU A 162 27.20 15.86 -1.79
C GLU A 162 26.22 16.30 -0.68
N GLU A 163 24.92 16.20 -0.97
CA GLU A 163 23.87 16.59 -0.03
C GLU A 163 23.86 15.74 1.25
N LEU A 164 24.08 14.43 1.13
CA LEU A 164 24.06 13.58 2.33
C LEU A 164 25.27 13.79 3.25
N ALA A 165 26.42 14.09 2.66
CA ALA A 165 27.61 14.38 3.45
C ALA A 165 27.47 15.76 4.11
N GLN A 166 26.95 16.73 3.36
CA GLN A 166 26.69 18.05 3.97
C GLN A 166 25.69 17.94 5.12
N ALA A 167 24.72 17.02 5.00
CA ALA A 167 23.76 16.76 6.08
C ALA A 167 24.31 15.90 7.22
N GLY A 168 25.52 15.38 7.05
CA GLY A 168 26.09 14.51 8.08
C GLY A 168 25.28 13.22 8.23
N VAL A 169 24.51 12.87 7.21
CA VAL A 169 23.78 11.58 7.21
C VAL A 169 24.74 10.54 6.67
N PRO A 170 25.08 9.53 7.49
CA PRO A 170 26.04 8.57 6.97
C PRO A 170 25.40 7.74 5.87
N PHE A 171 26.16 7.43 4.82
CA PHE A 171 25.66 6.53 3.77
C PHE A 171 26.67 5.51 3.30
N ILE A 172 26.16 4.38 2.81
CA ILE A 172 26.86 3.45 1.94
C ILE A 172 26.90 3.98 0.52
N PHE A 173 28.06 3.91 -0.13
CA PHE A 173 28.19 4.30 -1.53
C PHE A 173 28.46 3.06 -2.37
N ASP A 174 27.53 2.78 -3.28
CA ASP A 174 27.59 1.64 -4.20
C ASP A 174 27.55 2.19 -5.60
N PRO A 175 28.73 2.53 -6.17
CA PRO A 175 28.63 3.04 -7.54
C PRO A 175 28.20 1.96 -8.53
N GLY A 176 28.39 0.70 -8.18
CA GLY A 176 28.06 -0.42 -9.08
C GLY A 176 28.19 -0.12 -10.57
N GLN A 177 27.08 -0.28 -11.29
CA GLN A 177 27.01 -0.18 -12.75
C GLN A 177 27.12 1.26 -13.27
N GLY A 178 27.16 2.24 -12.38
CA GLY A 178 27.38 3.64 -12.77
C GLY A 178 28.84 4.07 -12.87
N LEU A 179 29.77 3.15 -12.62
CA LEU A 179 31.21 3.47 -12.65
C LEU A 179 31.73 4.16 -13.94
N PRO A 180 31.27 3.71 -15.13
CA PRO A 180 31.69 4.34 -16.38
C PRO A 180 31.37 5.83 -16.49
N LEU A 181 30.39 6.30 -15.71
CA LEU A 181 29.99 7.70 -15.73
C LEU A 181 30.97 8.57 -14.96
N PHE A 182 31.73 7.94 -14.06
CA PHE A 182 32.66 8.63 -13.21
C PHE A 182 34.02 8.75 -13.88
N ASP A 183 34.81 9.72 -13.40
CA ASP A 183 36.24 9.74 -13.74
C ASP A 183 37.02 9.76 -12.45
N GLY A 184 38.34 9.70 -12.56
CA GLY A 184 39.20 9.78 -11.40
C GLY A 184 38.74 10.79 -10.36
N ALA A 185 38.44 12.02 -10.80
CA ALA A 185 38.14 13.12 -9.86
C ALA A 185 36.77 13.02 -9.19
N THR A 186 35.77 12.61 -9.96
CA THR A 186 34.42 12.48 -9.40
C THR A 186 34.24 11.22 -8.54
N LEU A 187 34.96 10.14 -8.89
CA LEU A 187 34.96 8.94 -8.02
C LEU A 187 35.67 9.19 -6.70
N ARG A 188 36.84 9.83 -6.74
CA ARG A 188 37.54 10.20 -5.49
C ARG A 188 36.69 11.11 -4.57
N ARG A 189 36.03 12.11 -5.16
CA ARG A 189 35.20 13.01 -4.37
C ARG A 189 34.10 12.26 -3.62
N SER A 190 33.39 11.39 -4.33
CA SER A 190 32.26 10.65 -3.74
C SER A 190 32.73 9.69 -2.66
N ILE A 191 33.84 9.00 -2.93
CA ILE A 191 34.40 8.09 -1.95
C ILE A 191 34.86 8.88 -0.72
N GLU A 192 35.28 10.12 -0.93
CA GLU A 192 35.67 10.94 0.22
C GLU A 192 34.44 11.32 1.04
N LEU A 193 33.29 11.44 0.38
CA LEU A 193 32.04 11.77 1.06
C LEU A 193 31.31 10.57 1.69
N ALA A 194 31.72 9.37 1.29
CA ALA A 194 31.06 8.14 1.70
C ALA A 194 31.44 7.68 3.11
N THR A 195 30.47 7.18 3.86
CA THR A 195 30.79 6.54 5.14
C THR A 195 31.24 5.10 4.92
N TYR A 196 30.53 4.39 4.06
CA TYR A 196 30.85 3.02 3.69
C TYR A 196 30.92 2.86 2.17
N ILE A 197 31.82 1.99 1.70
CA ILE A 197 31.83 1.59 0.29
C ILE A 197 31.52 0.10 0.23
N ALA A 198 30.55 -0.27 -0.61
CA ALA A 198 30.14 -1.67 -0.79
C ALA A 198 30.11 -2.01 -2.28
N VAL A 199 31.08 -2.82 -2.73
CA VAL A 199 31.15 -3.22 -4.14
C VAL A 199 31.39 -4.73 -4.28
N ASN A 200 31.22 -5.26 -5.49
CA ASN A 200 31.66 -6.64 -5.75
C ASN A 200 33.12 -6.56 -6.18
N ASP A 201 33.80 -7.70 -6.29
CA ASP A 201 35.27 -7.67 -6.46
C ASP A 201 35.74 -7.10 -7.80
N TYR A 202 34.91 -7.24 -8.82
CA TYR A 202 35.16 -6.67 -10.14
C TYR A 202 35.07 -5.15 -10.07
N GLU A 203 34.06 -4.67 -9.35
CA GLU A 203 33.84 -3.24 -9.18
C GLU A 203 34.92 -2.60 -8.31
N ALA A 204 35.37 -3.31 -7.28
CA ALA A 204 36.50 -2.84 -6.47
C ALA A 204 37.73 -2.59 -7.35
N LYS A 205 38.07 -3.52 -8.24
CA LYS A 205 39.23 -3.32 -9.11
C LYS A 205 39.03 -2.15 -10.07
N LEU A 206 37.83 -2.03 -10.65
CA LEU A 206 37.48 -0.86 -11.45
C LEU A 206 37.65 0.44 -10.66
N VAL A 207 37.24 0.42 -9.39
CA VAL A 207 37.37 1.57 -8.50
C VAL A 207 38.84 1.84 -8.21
N CYS A 208 39.59 0.78 -7.92
CA CYS A 208 41.02 0.90 -7.69
C CYS A 208 41.68 1.58 -8.87
N ASP A 209 41.34 1.16 -10.09
CA ASP A 209 41.95 1.69 -11.30
C ASP A 209 41.65 3.16 -11.49
N LYS A 210 40.36 3.47 -11.61
CA LYS A 210 39.86 4.82 -11.85
C LYS A 210 40.36 5.84 -10.82
N THR A 211 40.37 5.48 -9.53
CA THR A 211 40.81 6.41 -8.48
C THR A 211 42.33 6.53 -8.41
N GLY A 212 43.02 5.53 -8.97
CA GLY A 212 44.47 5.39 -8.82
C GLY A 212 44.85 5.08 -7.38
N TRP A 213 43.85 4.79 -6.54
CA TRP A 213 44.10 4.45 -5.15
C TRP A 213 44.25 2.94 -4.98
N SER A 214 44.99 2.53 -3.97
CA SER A 214 45.01 1.13 -3.55
C SER A 214 43.80 0.84 -2.66
N GLU A 215 43.54 -0.44 -2.39
CA GLU A 215 42.49 -0.84 -1.45
C GLU A 215 42.80 -0.29 -0.06
N ASP A 216 44.08 -0.34 0.30
CA ASP A 216 44.58 0.27 1.54
C ASP A 216 44.19 1.74 1.59
N GLU A 217 44.43 2.47 0.49
CA GLU A 217 44.12 3.89 0.41
C GLU A 217 42.62 4.22 0.41
N ILE A 218 41.81 3.29 -0.10
CA ILE A 218 40.36 3.44 -0.06
C ILE A 218 39.85 3.23 1.38
N ALA A 219 40.25 2.11 1.98
CA ALA A 219 39.91 1.74 3.36
C ALA A 219 40.31 2.80 4.38
N SER A 220 41.41 3.52 4.10
CA SER A 220 41.84 4.61 4.98
C SER A 220 40.82 5.75 5.03
N ARG A 221 40.07 5.94 3.94
CA ARG A 221 39.17 7.10 3.79
C ARG A 221 37.71 6.90 4.21
N VAL A 222 37.31 5.65 4.39
CA VAL A 222 35.94 5.34 4.76
C VAL A 222 35.94 4.55 6.05
N GLN A 223 34.76 4.39 6.66
CA GLN A 223 34.67 3.60 7.87
C GLN A 223 34.76 2.09 7.59
N ALA A 224 34.14 1.64 6.50
CA ALA A 224 34.26 0.25 6.04
C ALA A 224 34.26 0.11 4.51
N LEU A 225 35.17 -0.73 4.03
CA LEU A 225 35.20 -1.17 2.64
C LEU A 225 34.76 -2.63 2.57
N ILE A 226 33.67 -2.84 1.86
CA ILE A 226 33.03 -4.13 1.77
C ILE A 226 33.10 -4.60 0.33
N ILE A 227 33.68 -5.78 0.13
CA ILE A 227 33.84 -6.35 -1.21
C ILE A 227 33.20 -7.75 -1.25
N THR A 228 32.16 -7.92 -2.07
CA THR A 228 31.47 -9.20 -2.20
C THR A 228 32.10 -9.98 -3.33
N ARG A 229 32.19 -11.30 -3.14
CA ARG A 229 32.83 -12.20 -4.07
C ARG A 229 31.96 -13.46 -4.26
N GLY A 230 30.70 -13.25 -4.61
CA GLY A 230 29.80 -14.36 -4.93
C GLY A 230 29.82 -15.49 -3.92
N GLU A 231 29.97 -16.73 -4.39
CA GLU A 231 29.92 -17.89 -3.50
C GLU A 231 31.05 -17.92 -2.48
N HIS A 232 32.03 -17.02 -2.63
CA HIS A 232 33.18 -16.98 -1.71
C HIS A 232 32.97 -15.96 -0.58
N GLY A 233 31.74 -15.44 -0.48
CA GLY A 233 31.34 -14.53 0.61
C GLY A 233 31.71 -13.08 0.36
N ALA A 234 32.16 -12.42 1.42
CA ALA A 234 32.50 -11.00 1.39
C ALA A 234 33.61 -10.64 2.38
N THR A 235 34.30 -9.54 2.10
CA THR A 235 35.28 -8.95 3.02
C THR A 235 34.71 -7.66 3.60
N ILE A 236 34.78 -7.51 4.92
CA ILE A 236 34.44 -6.24 5.58
C ILE A 236 35.73 -5.65 6.19
N ARG A 237 36.24 -4.61 5.56
CA ARG A 237 37.54 -4.02 5.91
C ARG A 237 37.35 -2.77 6.78
N HIS A 238 38.01 -2.75 7.94
CA HIS A 238 38.34 -1.49 8.62
C HIS A 238 39.81 -1.21 8.29
N ARG A 239 40.36 -0.17 8.89
CA ARG A 239 41.78 0.10 8.75
C ARG A 239 42.55 -0.59 9.88
N ASP A 240 41.80 -1.25 10.76
CA ASP A 240 42.34 -1.87 11.98
C ASP A 240 41.97 -3.36 12.09
N GLY A 241 41.29 -3.85 11.06
CA GLY A 241 40.78 -5.22 11.06
C GLY A 241 39.98 -5.50 9.80
N THR A 242 39.74 -6.79 9.56
CA THR A 242 38.99 -7.22 8.39
C THR A 242 38.25 -8.49 8.77
N GLU A 243 36.92 -8.45 8.68
CA GLU A 243 36.11 -9.66 8.87
C GLU A 243 35.94 -10.38 7.55
N GLN A 244 36.19 -11.68 7.58
CA GLN A 244 35.87 -12.57 6.47
C GLN A 244 34.47 -13.11 6.68
N ILE A 245 33.59 -12.75 5.76
CA ILE A 245 32.18 -13.13 5.84
C ILE A 245 31.94 -14.36 4.98
N PRO A 246 31.34 -15.40 5.56
CA PRO A 246 31.08 -16.63 4.82
C PRO A 246 29.89 -16.46 3.87
N ALA A 247 29.84 -17.30 2.85
CA ALA A 247 28.61 -17.43 2.07
C ALA A 247 27.72 -18.48 2.74
N VAL A 248 26.44 -18.17 2.89
CA VAL A 248 25.47 -19.17 3.29
C VAL A 248 25.23 -20.06 2.07
N ARG A 249 25.55 -21.35 2.18
CA ARG A 249 25.39 -22.27 1.05
C ARG A 249 23.97 -22.21 0.50
N ALA A 250 23.85 -22.09 -0.82
CA ALA A 250 22.56 -21.84 -1.45
C ALA A 250 21.74 -23.11 -1.55
N GLU A 251 20.45 -23.03 -1.20
CA GLU A 251 19.50 -24.14 -1.40
C GLU A 251 19.67 -24.72 -2.81
N ARG A 252 19.76 -23.80 -3.78
CA ARG A 252 20.15 -24.07 -5.16
C ARG A 252 20.52 -22.72 -5.77
N VAL A 253 21.16 -22.75 -6.95
CA VAL A 253 21.55 -21.53 -7.65
C VAL A 253 20.74 -21.42 -8.94
N ILE A 254 19.84 -20.43 -8.96
CA ILE A 254 18.93 -20.15 -10.10
C ILE A 254 19.28 -18.84 -10.83
N ASP A 255 19.48 -17.76 -10.08
CA ASP A 255 19.73 -16.45 -10.67
C ASP A 255 20.40 -15.53 -9.65
N PRO A 256 21.64 -15.09 -9.93
CA PRO A 256 22.28 -14.19 -8.99
C PRO A 256 21.91 -12.71 -9.18
N THR A 257 21.22 -12.37 -10.27
CA THR A 257 20.77 -10.98 -10.49
C THR A 257 19.97 -10.45 -9.30
N GLY A 258 20.52 -9.44 -8.63
CA GLY A 258 19.91 -8.90 -7.42
C GLY A 258 20.62 -9.29 -6.15
N CYS A 259 21.60 -10.20 -6.22
CA CYS A 259 22.30 -10.66 -5.01
C CYS A 259 23.05 -9.54 -4.31
N GLY A 260 23.68 -8.67 -5.11
CA GLY A 260 24.36 -7.49 -4.55
C GLY A 260 23.39 -6.68 -3.72
N ASP A 261 22.19 -6.49 -4.25
CA ASP A 261 21.23 -5.59 -3.67
C ASP A 261 20.53 -6.12 -2.42
N ALA A 262 20.21 -7.41 -2.42
CA ALA A 262 19.75 -8.13 -1.22
C ALA A 262 20.78 -8.05 -0.08
N PHE A 263 22.04 -8.30 -0.42
CA PHE A 263 23.17 -8.25 0.52
C PHE A 263 23.22 -6.86 1.16
N ARG A 264 23.02 -5.82 0.34
CA ARG A 264 23.01 -4.46 0.86
C ARG A 264 21.75 -4.19 1.67
N GLY A 265 20.66 -4.87 1.34
CA GLY A 265 19.48 -4.89 2.19
C GLY A 265 19.91 -5.31 3.59
N GLY A 266 20.67 -6.40 3.67
CA GLY A 266 21.16 -6.93 4.94
C GLY A 266 22.04 -5.94 5.67
N LEU A 267 23.08 -5.48 4.97
CA LEU A 267 24.03 -4.50 5.50
C LEU A 267 23.34 -3.31 6.17
N LEU A 268 22.44 -2.67 5.42
CA LEU A 268 21.69 -1.48 5.89
C LEU A 268 20.91 -1.71 7.17
N TYR A 269 20.23 -2.85 7.25
CA TYR A 269 19.59 -3.32 8.48
C TYR A 269 20.60 -3.53 9.59
N GLY A 270 21.68 -4.26 9.29
CA GLY A 270 22.73 -4.49 10.28
C GLY A 270 23.30 -3.22 10.92
N ILE A 271 23.65 -2.26 10.07
CA ILE A 271 24.24 -0.98 10.49
C ILE A 271 23.28 -0.16 11.33
N GLU A 272 22.07 0.06 10.81
CA GLU A 272 21.06 0.84 11.50
C GLU A 272 20.69 0.29 12.89
N HIS A 273 20.89 -1.01 13.08
CA HIS A 273 20.64 -1.64 14.38
C HIS A 273 21.91 -1.80 15.21
N GLY A 274 23.00 -1.26 14.68
CA GLY A 274 24.30 -1.26 15.34
C GLY A 274 24.85 -2.65 15.59
N PHE A 275 24.57 -3.59 14.68
CA PHE A 275 25.12 -4.94 14.76
C PHE A 275 26.63 -4.88 14.75
N ASP A 276 27.28 -5.90 15.31
CA ASP A 276 28.71 -6.06 15.10
C ASP A 276 28.94 -6.38 13.63
N TRP A 277 30.13 -6.11 13.13
CA TRP A 277 30.41 -6.26 11.70
C TRP A 277 30.22 -7.68 11.20
N ALA A 278 30.60 -8.65 12.04
CA ALA A 278 30.35 -10.06 11.75
C ALA A 278 28.86 -10.32 11.48
N THR A 279 28.00 -10.05 12.46
CA THR A 279 26.53 -10.27 12.31
C THR A 279 25.91 -9.47 11.15
N ALA A 280 26.31 -8.22 11.00
CA ALA A 280 25.86 -7.43 9.85
C ALA A 280 26.14 -8.13 8.51
N GLY A 281 27.39 -8.58 8.31
CA GLY A 281 27.78 -9.28 7.09
C GLY A 281 27.16 -10.67 6.91
N ARG A 282 27.05 -11.43 8.00
CA ARG A 282 26.35 -12.72 7.95
C ARG A 282 24.88 -12.59 7.54
N LEU A 283 24.21 -11.57 8.06
CA LEU A 283 22.83 -11.29 7.66
C LEU A 283 22.73 -10.89 6.18
N ALA A 284 23.64 -10.02 5.75
CA ALA A 284 23.73 -9.58 4.35
C ALA A 284 23.94 -10.77 3.43
N SER A 285 24.85 -11.66 3.86
CA SER A 285 25.21 -12.83 3.10
C SER A 285 24.04 -13.80 3.02
N LEU A 286 23.28 -13.90 4.12
CA LEU A 286 22.06 -14.69 4.10
C LEU A 286 21.12 -14.19 3.02
N MET A 287 20.81 -12.89 3.02
CA MET A 287 19.88 -12.33 2.02
C MET A 287 20.36 -12.73 0.62
N GLY A 288 21.66 -12.60 0.39
CA GLY A 288 22.31 -13.02 -0.86
C GLY A 288 22.05 -14.47 -1.23
N ALA A 289 22.16 -15.38 -0.26
CA ALA A 289 21.88 -16.81 -0.48
C ALA A 289 20.40 -17.12 -0.75
N LEU A 290 19.50 -16.46 -0.03
CA LEU A 290 18.07 -16.65 -0.22
C LEU A 290 17.58 -16.14 -1.57
N LYS A 291 18.14 -15.02 -2.04
CA LYS A 291 17.72 -14.48 -3.34
C LYS A 291 18.12 -15.40 -4.50
N ILE A 292 19.34 -15.91 -4.46
CA ILE A 292 19.94 -16.68 -5.56
C ILE A 292 19.14 -17.94 -5.90
N ALA A 293 18.22 -18.31 -5.01
CA ALA A 293 17.39 -19.49 -5.21
C ALA A 293 16.13 -19.17 -6.02
N HIS A 294 15.97 -17.91 -6.41
CA HIS A 294 14.78 -17.47 -7.16
C HIS A 294 15.14 -16.56 -8.34
N GLN A 295 14.32 -16.63 -9.39
CA GLN A 295 14.53 -15.94 -10.66
C GLN A 295 14.16 -14.45 -10.61
N GLY A 296 15.15 -13.58 -10.81
CA GLY A 296 14.92 -12.15 -10.75
C GLY A 296 15.31 -11.54 -9.41
N PRO A 297 15.43 -10.21 -9.35
CA PRO A 297 15.97 -9.57 -8.15
C PRO A 297 15.05 -9.64 -6.93
N GLN A 298 13.75 -9.73 -7.15
CA GLN A 298 12.79 -9.62 -6.07
C GLN A 298 11.73 -10.72 -6.06
N THR A 299 12.11 -11.93 -6.47
CA THR A 299 11.17 -13.05 -6.57
C THR A 299 11.19 -13.89 -5.29
N TYR A 300 12.31 -13.90 -4.60
CA TYR A 300 12.33 -14.44 -3.24
C TYR A 300 11.41 -13.61 -2.36
N ALA A 301 10.68 -14.27 -1.45
CA ALA A 301 9.83 -13.59 -0.47
C ALA A 301 9.80 -14.32 0.89
N PRO A 302 10.95 -14.46 1.55
CA PRO A 302 10.97 -15.09 2.86
C PRO A 302 10.25 -14.22 3.88
N THR A 303 9.62 -14.83 4.89
CA THR A 303 9.12 -14.06 6.04
C THR A 303 10.32 -13.74 6.94
N ARG A 304 10.19 -12.73 7.80
CA ARG A 304 11.27 -12.41 8.72
C ARG A 304 11.50 -13.56 9.71
N ALA A 305 10.43 -14.27 10.08
CA ALA A 305 10.58 -15.47 10.89
C ALA A 305 11.38 -16.53 10.12
N GLU A 306 11.16 -16.61 8.81
CA GLU A 306 11.90 -17.56 7.99
C GLU A 306 13.36 -17.14 7.82
N ILE A 307 13.60 -15.86 7.60
CA ILE A 307 14.97 -15.34 7.62
C ILE A 307 15.62 -15.61 8.96
N ASP A 308 14.88 -15.42 10.05
CA ASP A 308 15.43 -15.62 11.39
C ASP A 308 15.81 -17.09 11.68
N ALA A 309 14.92 -18.00 11.31
CA ALA A 309 15.15 -19.44 11.43
C ALA A 309 16.39 -19.90 10.64
N ARG A 310 16.50 -19.43 9.40
CA ARG A 310 17.64 -19.79 8.53
C ARG A 310 18.95 -19.24 9.09
N PHE A 311 18.88 -18.07 9.73
CA PHE A 311 20.07 -17.45 10.31
C PHE A 311 20.57 -18.26 11.51
N GLU A 312 19.65 -18.65 12.39
CA GLU A 312 20.01 -19.44 13.57
C GLU A 312 20.51 -20.84 13.20
N THR A 313 19.93 -21.42 12.16
CA THR A 313 20.41 -22.69 11.65
C THR A 313 21.88 -22.59 11.20
N ALA A 314 22.17 -21.56 10.40
CA ALA A 314 23.51 -21.31 9.88
C ALA A 314 24.52 -20.94 10.98
N PHE A 315 24.12 -20.06 11.89
CA PHE A 315 25.09 -19.43 12.81
C PHE A 315 24.83 -19.61 14.32
N GLY A 316 23.71 -20.20 14.70
CA GLY A 316 23.45 -20.52 16.11
C GLY A 316 22.98 -19.38 17.01
N TYR A 317 22.42 -18.33 16.40
CA TYR A 317 21.79 -17.22 17.12
C TYR A 317 20.81 -16.48 16.23
N ARG A 318 19.91 -15.72 16.86
CA ARG A 318 18.92 -14.88 16.16
C ARG A 318 19.45 -13.44 15.96
N PRO A 319 19.25 -12.87 14.76
CA PRO A 319 19.64 -11.45 14.56
C PRO A 319 18.61 -10.47 15.14
N ALA B 10 -17.20 9.45 41.66
CA ALA B 10 -16.24 9.53 40.52
C ALA B 10 -16.10 10.96 39.95
N THR B 11 -14.85 11.43 39.82
CA THR B 11 -14.59 12.72 39.18
C THR B 11 -13.89 12.49 37.82
N LEU B 12 -14.47 12.98 36.74
CA LEU B 12 -13.87 12.81 35.42
C LEU B 12 -12.89 13.93 35.10
N ILE B 13 -11.69 13.54 34.69
CA ILE B 13 -10.63 14.51 34.46
C ILE B 13 -10.25 14.51 32.98
N CYS B 14 -10.72 15.53 32.25
CA CYS B 14 -10.55 15.58 30.80
C CYS B 14 -9.42 16.51 30.44
N GLY B 15 -8.48 16.01 29.66
CA GLY B 15 -7.34 16.84 29.21
C GLY B 15 -6.17 16.01 28.72
N SER B 16 -5.04 16.69 28.51
CA SER B 16 -3.89 16.08 27.87
C SER B 16 -3.19 15.05 28.74
N ILE B 17 -2.61 14.06 28.08
CA ILE B 17 -1.73 13.10 28.73
C ILE B 17 -0.42 13.16 27.90
N ALA B 18 0.66 13.58 28.55
CA ALA B 18 1.87 14.03 27.83
C ALA B 18 3.14 13.74 28.59
N TYR B 19 4.23 13.54 27.84
CA TYR B 19 5.56 13.52 28.44
C TYR B 19 6.18 14.91 28.38
N ASP B 20 6.67 15.39 29.53
CA ASP B 20 7.18 16.73 29.68
C ASP B 20 8.72 16.79 29.75
N ASN B 21 9.29 17.69 28.98
CA ASN B 21 10.72 17.96 29.03
C ASN B 21 10.86 19.41 29.42
N ILE B 22 11.24 19.61 30.68
CA ILE B 22 11.19 20.91 31.34
C ILE B 22 12.59 21.49 31.60
N MET B 23 12.75 22.75 31.22
CA MET B 23 13.95 23.53 31.42
C MET B 23 13.56 24.69 32.34
N THR B 24 13.75 24.53 33.64
CA THR B 24 13.36 25.57 34.58
C THR B 24 14.59 26.42 34.87
N PHE B 25 14.57 27.64 34.34
CA PHE B 25 15.56 28.67 34.65
C PHE B 25 15.52 28.97 36.15
N GLU B 26 16.66 28.77 36.82
CA GLU B 26 16.75 29.08 38.24
C GLU B 26 16.87 30.59 38.46
N GLY B 27 15.79 31.29 38.13
CA GLY B 27 15.74 32.72 38.25
C GLY B 27 14.37 33.16 37.79
N ARG B 28 14.26 34.43 37.42
CA ARG B 28 13.00 34.97 36.97
C ARG B 28 13.19 35.80 35.69
N PHE B 29 12.42 35.49 34.64
CA PHE B 29 12.57 36.14 33.34
C PHE B 29 12.41 37.65 33.47
N ARG B 30 11.58 38.07 34.44
CA ARG B 30 11.32 39.48 34.71
C ARG B 30 12.61 40.25 35.04
N GLU B 31 13.51 39.62 35.78
CA GLU B 31 14.81 40.18 36.13
C GLU B 31 15.75 40.34 34.93
N HIS B 32 15.35 39.84 33.76
CA HIS B 32 16.26 39.80 32.60
C HIS B 32 15.67 40.35 31.30
N ILE B 33 14.55 41.08 31.39
CA ILE B 33 14.03 41.76 30.20
C ILE B 33 14.54 43.19 30.18
N LEU B 34 14.83 43.70 28.99
CA LEU B 34 15.26 45.09 28.85
C LEU B 34 14.44 45.70 27.73
N PRO B 35 13.24 46.21 28.07
CA PRO B 35 12.26 46.68 27.08
C PRO B 35 12.74 47.85 26.22
N ASP B 36 13.81 48.50 26.67
CA ASP B 36 14.42 49.62 25.94
C ASP B 36 15.28 49.17 24.76
N GLN B 37 15.68 47.90 24.74
CA GLN B 37 16.42 47.40 23.57
C GLN B 37 15.53 46.72 22.56
N VAL B 38 16.05 46.50 21.35
CA VAL B 38 15.32 45.77 20.30
C VAL B 38 15.18 44.28 20.73
N HIS B 39 16.24 43.72 21.29
CA HIS B 39 16.20 42.39 21.88
C HIS B 39 15.73 42.49 23.33
N LEU B 40 14.47 42.11 23.57
CA LEU B 40 13.87 42.11 24.92
C LEU B 40 14.60 41.21 25.93
N ILE B 41 14.97 39.99 25.53
CA ILE B 41 15.60 39.04 26.47
C ILE B 41 16.48 38.10 25.69
N ASN B 42 17.64 37.82 26.25
CA ASN B 42 18.50 36.73 25.82
C ASN B 42 18.88 36.03 27.09
N LEU B 43 18.70 34.72 27.15
CA LEU B 43 19.25 33.94 28.25
C LEU B 43 19.93 32.74 27.69
N SER B 44 21.03 32.33 28.30
CA SER B 44 21.58 31.01 28.07
C SER B 44 21.97 30.42 29.43
N PHE B 45 21.22 29.44 29.91
CA PHE B 45 21.50 28.91 31.26
C PHE B 45 21.90 27.44 31.24
N LEU B 46 22.68 27.06 32.25
CA LEU B 46 23.15 25.69 32.35
C LEU B 46 22.12 24.73 32.91
N VAL B 47 21.87 23.72 32.11
CA VAL B 47 20.97 22.67 32.47
C VAL B 47 21.77 21.39 32.35
N PRO B 48 21.51 20.43 33.26
CA PRO B 48 22.14 19.13 33.26
C PRO B 48 21.46 18.22 32.23
N THR B 49 20.93 17.09 32.68
CA THR B 49 20.38 16.11 31.75
C THR B 49 18.85 16.08 31.69
N MET B 50 18.22 16.03 32.87
CA MET B 50 16.75 15.96 33.01
C MET B 50 16.10 14.88 32.14
N ARG B 51 15.75 13.79 32.80
CA ARG B 51 14.84 12.80 32.25
C ARG B 51 13.56 13.49 31.77
N ARG B 52 12.73 12.74 31.05
CA ARG B 52 11.36 13.14 30.80
C ARG B 52 10.55 13.14 32.08
N GLU B 53 9.39 13.77 32.02
CA GLU B 53 8.49 13.77 33.15
C GLU B 53 7.10 13.30 32.74
N PHE B 54 6.41 12.65 33.67
CA PHE B 54 5.01 12.29 33.45
C PHE B 54 4.21 13.55 33.65
N GLY B 55 3.40 13.90 32.66
CA GLY B 55 2.71 15.20 32.62
C GLY B 55 1.42 15.16 31.82
N GLY B 56 1.05 16.30 31.23
CA GLY B 56 -0.28 16.45 30.65
C GLY B 56 -1.26 16.88 31.72
N CYS B 57 -2.18 17.78 31.37
CA CYS B 57 -3.08 18.39 32.36
C CYS B 57 -3.98 17.40 33.09
N ALA B 58 -4.62 16.51 32.33
CA ALA B 58 -5.42 15.44 32.93
C ALA B 58 -4.58 14.54 33.85
N GLY B 59 -3.41 14.13 33.38
CA GLY B 59 -2.51 13.29 34.21
C GLY B 59 -2.19 13.95 35.54
N ASN B 60 -1.80 15.23 35.48
CA ASN B 60 -1.37 15.99 36.66
C ASN B 60 -2.54 16.13 37.66
N ILE B 61 -3.67 16.65 37.17
CA ILE B 61 -4.89 16.78 37.98
C ILE B 61 -5.35 15.43 38.56
N ALA B 62 -5.27 14.37 37.76
CA ALA B 62 -5.62 13.04 38.28
C ALA B 62 -4.67 12.70 39.41
N TYR B 63 -3.36 12.88 39.14
CA TYR B 63 -2.34 12.64 40.13
C TYR B 63 -2.60 13.40 41.44
N ALA B 64 -2.91 14.69 41.37
CA ALA B 64 -3.24 15.46 42.60
C ALA B 64 -4.43 14.87 43.38
N LEU B 65 -5.52 14.58 42.67
CA LEU B 65 -6.74 14.04 43.29
C LEU B 65 -6.56 12.61 43.85
N ASN B 66 -5.84 11.79 43.12
CA ASN B 66 -5.44 10.46 43.58
C ASN B 66 -4.65 10.56 44.87
N LEU B 67 -3.84 11.61 45.00
CA LEU B 67 -3.04 11.83 46.22
C LEU B 67 -3.88 12.15 47.44
N LEU B 68 -4.94 12.93 47.21
CA LEU B 68 -5.89 13.27 48.26
C LEU B 68 -6.86 12.14 48.63
N GLY B 69 -6.81 11.05 47.87
CA GLY B 69 -7.69 9.92 48.09
C GLY B 69 -9.00 10.08 47.35
N GLY B 70 -8.97 10.80 46.23
CA GLY B 70 -10.16 10.97 45.40
C GLY B 70 -10.28 9.84 44.39
N ASP B 71 -11.42 9.79 43.71
CA ASP B 71 -11.66 8.82 42.66
C ASP B 71 -11.49 9.51 41.30
N ALA B 72 -10.22 9.66 40.90
CA ALA B 72 -9.86 10.39 39.68
C ALA B 72 -9.94 9.48 38.48
N ARG B 73 -10.69 9.91 37.47
CA ARG B 73 -10.89 9.11 36.25
C ARG B 73 -10.48 9.89 35.01
N MET B 74 -9.18 9.78 34.67
CA MET B 74 -8.59 10.48 33.53
C MET B 74 -9.27 10.11 32.24
N MET B 75 -9.68 11.10 31.46
CA MET B 75 -10.17 10.84 30.11
C MET B 75 -9.27 11.59 29.14
N GLY B 76 -8.56 10.85 28.29
CA GLY B 76 -7.53 11.43 27.43
C GLY B 76 -6.88 10.41 26.51
N THR B 77 -5.97 10.86 25.65
CA THR B 77 -5.41 9.95 24.65
C THR B 77 -3.89 9.83 24.75
N LEU B 78 -3.37 8.61 24.55
CA LEU B 78 -1.93 8.36 24.44
C LEU B 78 -1.64 7.66 23.11
N GLY B 79 -0.37 7.61 22.73
CA GLY B 79 0.02 6.99 21.47
C GLY B 79 0.63 5.64 21.77
N ALA B 80 0.26 4.64 20.96
CA ALA B 80 0.72 3.26 21.18
C ALA B 80 2.23 3.11 21.26
N VAL B 81 2.93 3.81 20.38
CA VAL B 81 4.38 3.60 20.22
C VAL B 81 5.20 3.93 21.46
N ASP B 82 4.67 4.75 22.37
CA ASP B 82 5.37 5.04 23.64
C ASP B 82 4.47 5.23 24.87
N ALA B 83 3.26 4.68 24.84
CA ALA B 83 2.33 4.81 26.00
C ALA B 83 2.76 4.01 27.23
N GLN B 84 3.28 2.80 27.01
CA GLN B 84 3.42 1.81 28.08
C GLN B 84 3.88 2.31 29.45
N PRO B 85 4.98 3.10 29.53
CA PRO B 85 5.40 3.55 30.87
C PRO B 85 4.28 4.27 31.63
N TYR B 86 3.55 5.13 30.93
CA TYR B 86 2.45 5.89 31.53
C TYR B 86 1.34 4.95 31.98
N LEU B 87 0.97 4.00 31.12
CA LEU B 87 -0.02 2.97 31.49
C LEU B 87 0.40 2.19 32.74
N ASP B 88 1.63 1.70 32.77
CA ASP B 88 2.16 1.00 33.97
C ASP B 88 2.21 1.89 35.23
N ARG B 89 2.65 3.13 35.07
CA ARG B 89 2.72 4.11 36.17
C ARG B 89 1.35 4.24 36.83
N MET B 90 0.33 4.44 35.99
CA MET B 90 -1.05 4.59 36.43
C MET B 90 -1.51 3.37 37.24
N ASP B 91 -1.34 2.18 36.67
CA ASP B 91 -1.62 0.92 37.38
C ASP B 91 -0.93 0.86 38.74
N ALA B 92 0.32 1.29 38.82
CA ALA B 92 1.02 1.46 40.10
C ALA B 92 0.31 2.37 41.08
N LEU B 93 -0.22 3.49 40.58
CA LEU B 93 -0.82 4.53 41.41
C LEU B 93 -2.29 4.31 41.75
N GLY B 94 -2.92 3.34 41.07
CA GLY B 94 -4.33 3.04 41.26
C GLY B 94 -5.25 3.85 40.37
N LEU B 95 -4.65 4.60 39.44
CA LEU B 95 -5.38 5.45 38.51
C LEU B 95 -6.06 4.61 37.45
N SER B 96 -7.38 4.67 37.44
CA SER B 96 -8.15 3.87 36.50
C SER B 96 -7.85 4.32 35.08
N ARG B 97 -7.56 3.37 34.20
CA ARG B 97 -7.32 3.66 32.79
C ARG B 97 -8.58 3.45 31.97
N GLU B 98 -9.71 3.47 32.67
CA GLU B 98 -11.04 3.33 32.10
C GLU B 98 -11.24 4.13 30.80
N TYR B 99 -10.94 5.43 30.87
CA TYR B 99 -11.20 6.34 29.76
C TYR B 99 -9.92 6.86 29.10
N VAL B 100 -8.80 6.17 29.33
CA VAL B 100 -7.55 6.45 28.63
C VAL B 100 -7.55 5.61 27.35
N ARG B 101 -7.49 6.26 26.20
CA ARG B 101 -7.47 5.56 24.93
C ARG B 101 -6.06 5.59 24.33
N VAL B 102 -5.61 4.45 23.83
CA VAL B 102 -4.28 4.31 23.23
C VAL B 102 -4.41 4.07 21.74
N LEU B 103 -4.01 5.07 20.95
CA LEU B 103 -4.22 5.06 19.49
C LEU B 103 -3.07 4.34 18.78
N PRO B 104 -3.36 3.56 17.72
CA PRO B 104 -2.27 2.87 17.02
C PRO B 104 -1.41 3.81 16.17
N ASP B 105 -0.12 3.46 16.05
CA ASP B 105 0.85 4.14 15.17
C ASP B 105 0.98 5.65 15.36
N THR B 106 0.84 6.10 16.60
CA THR B 106 1.13 7.49 16.92
C THR B 106 1.93 7.62 18.22
N TYR B 107 2.61 8.76 18.37
CA TYR B 107 3.36 9.07 19.59
C TYR B 107 2.47 9.89 20.54
N SER B 108 2.71 9.72 21.82
CA SER B 108 1.98 10.47 22.83
C SER B 108 2.31 11.97 22.72
N ALA B 109 1.54 12.79 23.41
CA ALA B 109 1.85 14.21 23.50
C ALA B 109 3.22 14.43 24.15
N GLN B 110 3.92 15.45 23.69
CA GLN B 110 5.23 15.84 24.21
C GLN B 110 5.28 17.35 24.38
N ALA B 111 5.65 17.81 25.57
CA ALA B 111 5.79 19.25 25.81
C ALA B 111 7.23 19.65 26.10
N MET B 112 7.75 20.60 25.34
CA MET B 112 9.06 21.20 25.62
C MET B 112 8.87 22.55 26.30
N ILE B 113 9.15 22.58 27.61
CA ILE B 113 8.73 23.66 28.48
C ILE B 113 9.98 24.38 28.96
N THR B 114 10.17 25.63 28.53
CA THR B 114 11.17 26.44 29.23
C THR B 114 10.47 27.52 30.01
N THR B 115 10.82 27.60 31.29
CA THR B 115 10.06 28.37 32.26
C THR B 115 11.01 28.92 33.32
N ASP B 116 10.45 29.66 34.27
CA ASP B 116 11.23 30.24 35.38
C ASP B 116 10.53 29.99 36.71
N LEU B 117 11.02 30.61 37.79
CA LEU B 117 10.43 30.42 39.10
C LEU B 117 9.19 31.28 39.34
N ASP B 118 8.78 32.06 38.33
CA ASP B 118 7.47 32.72 38.31
C ASP B 118 6.45 31.95 37.47
N ASN B 119 6.82 30.75 37.01
CA ASN B 119 5.88 29.90 36.28
C ASN B 119 5.47 30.51 34.91
N ASN B 120 6.41 31.21 34.28
CA ASN B 120 6.25 31.78 32.95
C ASN B 120 6.51 30.77 31.84
N GLN B 121 5.56 29.85 31.65
CA GLN B 121 5.74 28.68 30.79
C GLN B 121 5.65 28.99 29.28
N ILE B 122 6.80 28.95 28.62
CA ILE B 122 6.83 29.09 27.16
C ILE B 122 7.06 27.70 26.56
N THR B 123 5.99 27.11 26.05
CA THR B 123 5.97 25.70 25.69
C THR B 123 5.87 25.49 24.21
N ALA B 124 6.71 24.60 23.71
CA ALA B 124 6.56 24.07 22.36
C ALA B 124 5.95 22.69 22.50
N PHE B 125 4.78 22.52 21.90
CA PHE B 125 3.95 21.32 22.09
C PHE B 125 3.84 20.52 20.80
N HIS B 126 4.18 19.23 20.87
CA HIS B 126 4.02 18.30 19.74
C HIS B 126 2.80 17.46 20.10
N PRO B 127 1.61 17.75 19.53
CA PRO B 127 0.39 17.26 20.13
C PRO B 127 0.27 15.73 20.05
N GLY B 128 0.79 15.14 18.97
CA GLY B 128 0.75 13.70 18.74
C GLY B 128 -0.66 13.17 18.99
N ALA B 129 -0.76 12.10 19.77
CA ALA B 129 -2.04 11.45 20.09
C ALA B 129 -3.17 12.39 20.52
N MET B 130 -2.82 13.53 21.11
CA MET B 130 -3.83 14.47 21.63
C MET B 130 -4.79 15.02 20.56
N MET B 131 -4.34 15.02 19.29
CA MET B 131 -5.21 15.58 18.26
CA MET B 131 -5.11 15.45 18.11
C MET B 131 -6.43 14.70 17.95
N GLN B 132 -6.52 13.54 18.61
CA GLN B 132 -7.70 12.69 18.53
C GLN B 132 -8.44 12.55 19.86
N SER B 133 -8.23 13.49 20.79
CA SER B 133 -8.84 13.36 22.11
C SER B 133 -10.36 13.16 22.03
N HIS B 134 -10.98 13.82 21.05
CA HIS B 134 -12.44 13.78 20.82
C HIS B 134 -13.02 12.40 20.48
N VAL B 135 -12.16 11.40 20.31
CA VAL B 135 -12.61 10.02 20.11
C VAL B 135 -13.29 9.46 21.37
N ASN B 136 -12.95 10.03 22.52
CA ASN B 136 -13.63 9.76 23.79
C ASN B 136 -14.85 10.65 23.92
N HIS B 137 -15.90 10.11 24.53
CA HIS B 137 -17.10 10.90 24.81
C HIS B 137 -17.35 11.00 26.30
N ALA B 138 -17.27 12.22 26.81
CA ALA B 138 -17.43 12.49 28.24
C ALA B 138 -18.83 12.14 28.75
N GLY B 139 -19.79 12.12 27.83
CA GLY B 139 -21.18 11.85 28.19
C GLY B 139 -21.45 10.38 28.45
N GLU B 140 -20.61 9.51 27.89
CA GLU B 140 -20.76 8.07 28.10
C GLU B 140 -20.19 7.56 29.43
N ALA B 141 -19.32 8.36 30.05
CA ALA B 141 -18.76 7.98 31.36
C ALA B 141 -19.85 7.96 32.43
N LYS B 142 -20.06 6.80 33.03
CA LYS B 142 -21.16 6.58 33.97
C LYS B 142 -20.80 6.89 35.43
N ASP B 143 -21.82 7.34 36.17
CA ASP B 143 -21.72 7.82 37.56
C ASP B 143 -20.63 8.84 37.89
N ILE B 144 -20.39 9.75 36.96
CA ILE B 144 -19.47 10.83 37.20
C ILE B 144 -20.18 11.91 38.01
N LYS B 145 -19.67 12.19 39.20
CA LYS B 145 -20.26 13.19 40.09
C LYS B 145 -19.85 14.63 39.76
N LEU B 146 -18.66 14.79 39.16
CA LEU B 146 -18.12 16.10 38.79
C LEU B 146 -16.98 15.88 37.80
N ALA B 147 -16.74 16.85 36.93
CA ALA B 147 -15.68 16.72 35.95
C ALA B 147 -14.85 17.99 35.85
N ILE B 148 -13.71 17.89 35.16
CA ILE B 148 -12.97 19.07 34.71
C ILE B 148 -12.61 18.90 33.25
N VAL B 149 -12.71 19.97 32.48
CA VAL B 149 -12.25 19.92 31.10
C VAL B 149 -11.08 20.87 30.96
N GLY B 150 -9.90 20.30 30.76
CA GLY B 150 -8.64 21.06 30.69
C GLY B 150 -8.09 21.12 29.28
N PRO B 151 -6.86 21.67 29.11
CA PRO B 151 -6.25 21.69 27.78
C PRO B 151 -6.23 20.34 27.07
N ASP B 152 -6.67 20.32 25.81
CA ASP B 152 -6.77 19.09 25.03
C ASP B 152 -6.72 19.48 23.56
N GLY B 153 -6.91 18.51 22.67
CA GLY B 153 -7.23 18.81 21.27
C GLY B 153 -8.47 19.69 21.26
N PHE B 154 -8.56 20.62 20.32
CA PHE B 154 -9.65 21.61 20.35
C PHE B 154 -11.06 20.99 20.25
N GLN B 155 -11.24 20.10 19.29
CA GLN B 155 -12.53 19.45 19.11
C GLN B 155 -12.92 18.75 20.41
N GLY B 156 -11.94 18.04 20.98
CA GLY B 156 -12.07 17.42 22.29
C GLY B 156 -12.55 18.35 23.39
N MET B 157 -11.91 19.52 23.52
CA MET B 157 -12.27 20.47 24.57
C MET B 157 -13.74 20.91 24.46
N VAL B 158 -14.12 21.45 23.30
CA VAL B 158 -15.51 21.87 23.02
C VAL B 158 -16.51 20.70 23.10
N GLN B 159 -16.13 19.53 22.60
CA GLN B 159 -17.02 18.36 22.62
C GLN B 159 -17.27 17.78 24.04
N HIS B 160 -16.23 17.77 24.89
CA HIS B 160 -16.40 17.34 26.27
C HIS B 160 -17.29 18.31 27.01
N THR B 161 -17.08 19.59 26.72
CA THR B 161 -17.77 20.68 27.35
C THR B 161 -19.29 20.62 27.03
N GLU B 162 -19.63 20.29 25.79
CA GLU B 162 -21.02 20.13 25.36
C GLU B 162 -21.68 18.88 25.95
N GLU B 163 -20.96 17.76 25.88
CA GLU B 163 -21.43 16.50 26.39
C GLU B 163 -21.70 16.52 27.88
N LEU B 164 -20.79 17.10 28.66
CA LEU B 164 -20.99 17.22 30.10
C LEU B 164 -22.20 18.10 30.46
N ALA B 165 -22.39 19.17 29.71
CA ALA B 165 -23.56 20.04 29.90
C ALA B 165 -24.83 19.28 29.55
N GLN B 166 -24.78 18.54 28.44
CA GLN B 166 -25.86 17.66 28.02
C GLN B 166 -26.17 16.56 29.06
N ALA B 167 -25.13 15.95 29.60
CA ALA B 167 -25.32 14.96 30.65
C ALA B 167 -25.72 15.63 31.96
N GLY B 168 -25.54 16.95 32.05
CA GLY B 168 -25.84 17.69 33.26
C GLY B 168 -24.85 17.36 34.36
N VAL B 169 -23.66 16.89 33.96
CA VAL B 169 -22.54 16.67 34.86
C VAL B 169 -21.76 17.97 34.97
N PRO B 170 -21.72 18.55 36.19
CA PRO B 170 -21.10 19.86 36.41
C PRO B 170 -19.59 19.78 36.21
N PHE B 171 -19.02 20.77 35.55
CA PHE B 171 -17.57 20.75 35.32
C PHE B 171 -16.85 22.07 35.61
N ILE B 172 -15.62 21.95 36.08
CA ILE B 172 -14.69 23.06 36.03
C ILE B 172 -14.18 23.16 34.60
N PHE B 173 -14.17 24.36 34.04
CA PHE B 173 -13.57 24.61 32.73
C PHE B 173 -12.22 25.29 32.96
N ASP B 174 -11.15 24.68 32.45
CA ASP B 174 -9.79 25.25 32.52
C ASP B 174 -9.24 25.24 31.09
N PRO B 175 -9.55 26.28 30.29
CA PRO B 175 -9.08 26.28 28.91
C PRO B 175 -7.55 26.21 28.82
N GLY B 176 -6.87 26.86 29.78
CA GLY B 176 -5.42 26.80 29.93
C GLY B 176 -4.64 27.12 28.67
N GLN B 177 -3.72 26.20 28.32
CA GLN B 177 -2.83 26.36 27.15
C GLN B 177 -3.56 26.15 25.83
N GLY B 178 -4.86 25.88 25.89
CA GLY B 178 -5.65 25.64 24.68
C GLY B 178 -6.38 26.90 24.22
N LEU B 179 -6.33 27.94 25.05
CA LEU B 179 -6.95 29.24 24.78
C LEU B 179 -6.76 29.75 23.33
N PRO B 180 -5.54 29.58 22.75
CA PRO B 180 -5.38 30.01 21.35
C PRO B 180 -6.39 29.40 20.37
N LEU B 181 -6.77 28.14 20.60
CA LEU B 181 -7.67 27.41 19.70
C LEU B 181 -9.11 27.97 19.74
N PHE B 182 -9.47 28.63 20.83
CA PHE B 182 -10.80 29.21 20.98
C PHE B 182 -10.86 30.60 20.36
N ASP B 183 -12.03 30.98 19.86
CA ASP B 183 -12.28 32.38 19.48
C ASP B 183 -13.33 32.98 20.42
N GLY B 184 -13.82 34.18 20.12
CA GLY B 184 -14.85 34.82 20.95
C GLY B 184 -16.11 33.98 21.19
N ALA B 185 -16.70 33.44 20.13
CA ALA B 185 -17.98 32.71 20.26
C ALA B 185 -17.86 31.33 20.94
N THR B 186 -16.83 30.57 20.60
CA THR B 186 -16.62 29.25 21.18
C THR B 186 -16.27 29.33 22.68
N LEU B 187 -15.45 30.32 23.06
CA LEU B 187 -15.08 30.53 24.45
C LEU B 187 -16.25 31.01 25.32
N ARG B 188 -17.08 31.90 24.79
CA ARG B 188 -18.25 32.37 25.53
C ARG B 188 -19.20 31.19 25.81
N ARG B 189 -19.43 30.37 24.80
CA ARG B 189 -20.25 29.19 24.90
C ARG B 189 -19.74 28.18 25.93
N SER B 190 -18.46 27.81 25.81
CA SER B 190 -17.84 26.89 26.76
C SER B 190 -17.97 27.41 28.19
N ILE B 191 -17.74 28.70 28.37
CA ILE B 191 -17.93 29.35 29.65
C ILE B 191 -19.39 29.27 30.15
N GLU B 192 -20.34 29.52 29.24
CA GLU B 192 -21.77 29.45 29.58
C GLU B 192 -22.19 28.03 29.96
N LEU B 193 -21.49 27.04 29.44
CA LEU B 193 -21.74 25.65 29.81
C LEU B 193 -21.16 25.29 31.19
N ALA B 194 -20.03 25.90 31.53
CA ALA B 194 -19.28 25.53 32.72
C ALA B 194 -19.94 25.94 34.02
N THR B 195 -19.85 25.07 35.03
CA THR B 195 -20.36 25.42 36.36
C THR B 195 -19.31 26.25 37.10
N TYR B 196 -18.04 26.00 36.80
CA TYR B 196 -16.95 26.76 37.40
C TYR B 196 -15.85 27.00 36.37
N ILE B 197 -15.08 28.05 36.61
CA ILE B 197 -13.93 28.34 35.76
CA ILE B 197 -13.93 28.38 35.75
C ILE B 197 -12.67 28.52 36.62
N ALA B 198 -11.62 27.78 36.28
CA ALA B 198 -10.35 27.91 36.98
C ALA B 198 -9.26 28.24 35.97
N VAL B 199 -8.55 29.35 36.22
CA VAL B 199 -7.50 29.86 35.34
C VAL B 199 -6.40 30.50 36.21
N ASN B 200 -5.23 30.76 35.64
CA ASN B 200 -4.29 31.69 36.26
C ASN B 200 -4.62 33.13 35.81
N ASP B 201 -4.04 34.13 36.47
CA ASP B 201 -4.39 35.53 36.22
C ASP B 201 -4.14 35.98 34.77
N TYR B 202 -2.98 35.57 34.24
CA TYR B 202 -2.64 35.80 32.83
C TYR B 202 -3.74 35.24 31.93
N GLU B 203 -4.08 33.97 32.09
CA GLU B 203 -5.15 33.32 31.29
C GLU B 203 -6.53 34.00 31.42
N ALA B 204 -6.82 34.51 32.62
CA ALA B 204 -8.05 35.27 32.89
C ALA B 204 -8.10 36.53 32.02
N LYS B 205 -7.06 37.36 32.10
CA LYS B 205 -6.87 38.46 31.14
C LYS B 205 -7.13 38.06 29.68
N LEU B 206 -6.56 36.93 29.25
CA LEU B 206 -6.80 36.41 27.90
C LEU B 206 -8.28 36.13 27.68
N VAL B 207 -8.91 35.57 28.72
CA VAL B 207 -10.31 35.16 28.64
C VAL B 207 -11.21 36.40 28.55
N CYS B 208 -10.95 37.38 29.41
CA CYS B 208 -11.62 38.68 29.34
C CYS B 208 -11.46 39.32 27.96
N ASP B 209 -10.23 39.31 27.43
CA ASP B 209 -9.95 39.88 26.11
C ASP B 209 -10.75 39.19 25.00
N LYS B 210 -10.64 37.86 24.92
CA LYS B 210 -11.22 37.10 23.83
C LYS B 210 -12.76 37.07 23.81
N THR B 211 -13.39 36.77 24.94
CA THR B 211 -14.87 36.77 24.98
C THR B 211 -15.42 38.17 24.78
N GLY B 212 -14.70 39.16 25.29
CA GLY B 212 -15.25 40.52 25.39
C GLY B 212 -16.09 40.75 26.63
N TRP B 213 -16.06 39.79 27.56
CA TRP B 213 -16.65 40.02 28.89
C TRP B 213 -15.59 40.50 29.85
N SER B 214 -15.96 41.40 30.75
CA SER B 214 -15.08 41.78 31.85
C SER B 214 -15.07 40.66 32.89
N GLU B 215 -14.13 40.73 33.84
CA GLU B 215 -14.07 39.76 34.92
C GLU B 215 -15.40 39.64 35.65
N ASP B 216 -16.01 40.80 35.94
CA ASP B 216 -17.29 40.84 36.65
C ASP B 216 -18.37 40.11 35.88
N GLU B 217 -18.34 40.26 34.55
CA GLU B 217 -19.36 39.67 33.67
C GLU B 217 -19.20 38.15 33.53
N ILE B 218 -17.97 37.67 33.69
CA ILE B 218 -17.71 36.23 33.75
C ILE B 218 -18.18 35.69 35.10
N ALA B 219 -17.76 36.37 36.18
CA ALA B 219 -18.03 35.94 37.55
C ALA B 219 -19.52 35.78 37.78
N SER B 220 -20.29 36.75 37.27
CA SER B 220 -21.74 36.74 37.36
C SER B 220 -22.38 35.59 36.57
N ARG B 221 -21.62 35.00 35.63
CA ARG B 221 -22.16 33.89 34.81
C ARG B 221 -21.89 32.45 35.29
N VAL B 222 -21.02 32.31 36.28
CA VAL B 222 -20.67 30.97 36.77
C VAL B 222 -20.95 30.82 38.26
N GLN B 223 -20.93 29.59 38.76
CA GLN B 223 -21.03 29.39 40.23
C GLN B 223 -19.78 29.91 40.95
N ALA B 224 -18.60 29.57 40.46
CA ALA B 224 -17.35 30.19 40.93
C ALA B 224 -16.37 30.45 39.78
N LEU B 225 -15.70 31.59 39.86
CA LEU B 225 -14.58 31.93 38.96
C LEU B 225 -13.29 31.93 39.79
N ILE B 226 -12.45 30.91 39.55
CA ILE B 226 -11.20 30.74 40.28
C ILE B 226 -10.02 31.22 39.42
N ILE B 227 -9.27 32.19 39.95
CA ILE B 227 -8.08 32.75 39.30
C ILE B 227 -6.86 32.60 40.22
N THR B 228 -5.86 31.86 39.75
CA THR B 228 -4.66 31.62 40.54
C THR B 228 -3.61 32.69 40.23
N ARG B 229 -2.74 32.95 41.21
CA ARG B 229 -1.85 34.09 41.18
C ARG B 229 -0.45 33.70 41.68
N GLY B 230 0.00 32.49 41.34
CA GLY B 230 1.35 32.05 41.74
C GLY B 230 1.57 32.24 43.24
N GLU B 231 2.72 32.77 43.67
CA GLU B 231 3.02 32.86 45.09
C GLU B 231 2.07 33.77 45.88
N HIS B 232 1.26 34.54 45.16
CA HIS B 232 0.28 35.46 45.75
C HIS B 232 -1.00 34.76 46.16
N GLY B 233 -1.15 33.50 45.79
CA GLY B 233 -2.30 32.70 46.23
C GLY B 233 -3.35 32.67 45.14
N ALA B 234 -4.62 32.79 45.50
CA ALA B 234 -5.73 32.65 44.54
C ALA B 234 -6.96 33.46 44.95
N THR B 235 -7.81 33.72 43.97
CA THR B 235 -9.08 34.42 44.15
C THR B 235 -10.20 33.45 43.78
N ILE B 236 -11.18 33.32 44.66
CA ILE B 236 -12.41 32.61 44.31
C ILE B 236 -13.59 33.57 44.46
N ARG B 237 -14.16 33.91 43.32
CA ARG B 237 -15.38 34.69 43.22
C ARG B 237 -16.57 33.74 43.12
N HIS B 238 -17.54 33.89 44.02
CA HIS B 238 -18.75 33.08 43.95
C HIS B 238 -20.00 33.95 44.24
N ARG B 239 -21.18 33.33 44.22
CA ARG B 239 -22.46 34.04 44.38
C ARG B 239 -22.46 35.24 45.35
N ASP B 240 -22.37 35.00 46.66
CA ASP B 240 -22.43 36.09 47.63
C ASP B 240 -21.12 36.47 48.31
N GLY B 241 -19.99 36.02 47.75
CA GLY B 241 -18.69 36.38 48.32
C GLY B 241 -17.47 36.11 47.48
N THR B 242 -16.36 36.73 47.87
CA THR B 242 -15.06 36.55 47.23
C THR B 242 -14.03 36.23 48.30
N GLU B 243 -13.40 35.06 48.24
CA GLU B 243 -12.28 34.80 49.12
C GLU B 243 -10.96 35.04 48.43
N GLN B 244 -10.04 35.64 49.17
CA GLN B 244 -8.66 35.71 48.75
C GLN B 244 -7.98 34.57 49.48
N ILE B 245 -7.43 33.64 48.71
CA ILE B 245 -6.82 32.43 49.25
C ILE B 245 -5.34 32.67 49.44
N PRO B 246 -4.84 32.49 50.69
CA PRO B 246 -3.40 32.69 50.87
C PRO B 246 -2.63 31.57 50.19
N ALA B 247 -1.47 31.90 49.62
CA ALA B 247 -0.50 30.87 49.29
C ALA B 247 -0.04 30.19 50.58
N VAL B 248 0.48 28.98 50.47
CA VAL B 248 1.19 28.34 51.58
C VAL B 248 2.69 28.56 51.35
N ARG B 249 3.42 28.95 52.38
CA ARG B 249 4.89 29.07 52.26
C ARG B 249 5.45 27.74 51.77
N ALA B 250 6.24 27.81 50.69
CA ALA B 250 6.84 26.61 50.12
C ALA B 250 8.05 26.20 50.94
N GLU B 251 8.19 24.89 51.20
CA GLU B 251 9.41 24.36 51.82
C GLU B 251 10.64 24.78 51.00
N ARG B 252 10.50 24.71 49.67
CA ARG B 252 11.46 25.31 48.75
C ARG B 252 10.80 25.60 47.39
N VAL B 253 11.38 26.51 46.64
CA VAL B 253 10.85 26.91 45.33
C VAL B 253 11.77 26.30 44.27
N ILE B 254 11.28 25.24 43.62
CA ILE B 254 12.08 24.42 42.74
C ILE B 254 11.58 24.48 41.30
N ASP B 255 10.30 24.18 41.09
CA ASP B 255 9.73 24.12 39.76
C ASP B 255 8.22 24.36 39.82
N PRO B 256 7.75 25.54 39.33
CA PRO B 256 6.33 25.82 39.38
C PRO B 256 5.50 25.04 38.35
N THR B 257 6.17 24.35 37.41
CA THR B 257 5.47 23.60 36.36
C THR B 257 4.51 22.58 36.95
N GLY B 258 3.22 22.80 36.73
CA GLY B 258 2.20 21.89 37.25
C GLY B 258 1.56 22.29 38.57
N CYS B 259 1.93 23.46 39.09
CA CYS B 259 1.32 23.98 40.31
C CYS B 259 -0.19 24.22 40.11
N GLY B 260 -0.56 24.71 38.92
CA GLY B 260 -1.97 24.97 38.57
C GLY B 260 -2.84 23.72 38.60
N ASP B 261 -2.30 22.61 38.10
CA ASP B 261 -3.04 21.34 38.10
C ASP B 261 -3.02 20.64 39.47
N ALA B 262 -1.96 20.85 40.25
CA ALA B 262 -1.94 20.38 41.63
C ALA B 262 -3.10 21.07 42.38
N PHE B 263 -3.21 22.37 42.15
CA PHE B 263 -4.24 23.22 42.71
C PHE B 263 -5.63 22.72 42.26
N ARG B 264 -5.74 22.32 40.99
CA ARG B 264 -7.01 21.81 40.50
C ARG B 264 -7.51 20.61 41.30
N GLY B 265 -6.63 19.64 41.55
CA GLY B 265 -6.98 18.42 42.29
C GLY B 265 -7.57 18.69 43.66
N GLY B 266 -6.97 19.66 44.36
CA GLY B 266 -7.45 20.09 45.68
C GLY B 266 -8.78 20.80 45.56
N LEU B 267 -8.92 21.59 44.51
CA LEU B 267 -10.17 22.26 44.25
C LEU B 267 -11.30 21.22 44.06
N LEU B 268 -11.04 20.22 43.22
CA LEU B 268 -12.01 19.17 42.90
C LEU B 268 -12.37 18.33 44.12
N TYR B 269 -11.35 17.95 44.88
CA TYR B 269 -11.56 17.21 46.13
C TYR B 269 -12.45 18.02 47.07
N GLY B 270 -12.12 19.31 47.21
CA GLY B 270 -12.90 20.24 48.01
C GLY B 270 -14.37 20.28 47.65
N ILE B 271 -14.66 20.40 46.34
CA ILE B 271 -16.04 20.42 45.85
C ILE B 271 -16.73 19.07 46.14
N GLU B 272 -16.09 17.98 45.75
CA GLU B 272 -16.59 16.62 46.00
C GLU B 272 -17.03 16.43 47.46
N HIS B 273 -16.30 17.07 48.36
CA HIS B 273 -16.54 16.88 49.80
C HIS B 273 -17.47 17.92 50.40
N GLY B 274 -17.92 18.85 49.58
CA GLY B 274 -18.79 19.92 50.01
C GLY B 274 -18.07 20.90 50.90
N PHE B 275 -16.75 21.00 50.74
CA PHE B 275 -15.97 22.01 51.49
C PHE B 275 -16.51 23.39 51.12
N ASP B 276 -16.52 24.34 52.05
CA ASP B 276 -16.80 25.72 51.67
C ASP B 276 -15.71 26.19 50.71
N TRP B 277 -15.98 27.24 49.93
CA TRP B 277 -15.00 27.71 48.95
C TRP B 277 -13.62 27.96 49.54
N ALA B 278 -13.57 28.62 50.69
CA ALA B 278 -12.31 28.98 51.36
C ALA B 278 -11.48 27.75 51.75
N THR B 279 -12.15 26.71 52.25
CA THR B 279 -11.49 25.45 52.57
C THR B 279 -10.98 24.77 51.29
N ALA B 280 -11.84 24.68 50.27
CA ALA B 280 -11.42 24.15 48.95
C ALA B 280 -10.24 24.94 48.35
N GLY B 281 -10.32 26.27 48.43
CA GLY B 281 -9.27 27.14 47.96
C GLY B 281 -7.99 26.82 48.70
N ARG B 282 -8.09 26.69 50.02
CA ARG B 282 -6.96 26.43 50.92
C ARG B 282 -6.31 25.07 50.69
N LEU B 283 -7.15 24.04 50.49
CA LEU B 283 -6.65 22.71 50.15
C LEU B 283 -5.87 22.73 48.83
N ALA B 284 -6.49 23.31 47.79
CA ALA B 284 -5.84 23.57 46.50
C ALA B 284 -4.55 24.37 46.62
N SER B 285 -4.56 25.42 47.45
CA SER B 285 -3.36 26.27 47.60
C SER B 285 -2.17 25.53 48.21
N LEU B 286 -2.44 24.69 49.21
CA LEU B 286 -1.38 23.85 49.80
C LEU B 286 -0.83 22.83 48.79
N MET B 287 -1.71 22.25 47.97
CA MET B 287 -1.30 21.35 46.91
C MET B 287 -0.27 21.99 45.95
N GLY B 288 -0.47 23.27 45.62
CA GLY B 288 0.51 24.04 44.86
C GLY B 288 1.88 24.15 45.53
N ALA B 289 1.91 24.56 46.81
CA ALA B 289 3.17 24.65 47.58
C ALA B 289 3.93 23.33 47.73
N LEU B 290 3.20 22.23 47.91
CA LEU B 290 3.80 20.88 47.98
C LEU B 290 4.41 20.43 46.63
N LYS B 291 3.79 20.83 45.52
CA LYS B 291 4.36 20.48 44.21
C LYS B 291 5.59 21.32 43.81
N ILE B 292 5.62 22.60 44.21
CA ILE B 292 6.66 23.53 43.77
C ILE B 292 8.06 23.21 44.35
N ALA B 293 8.07 22.43 45.44
CA ALA B 293 9.32 21.99 46.08
C ALA B 293 9.92 20.78 45.36
N HIS B 294 9.30 20.36 44.27
CA HIS B 294 9.74 19.20 43.50
C HIS B 294 9.71 19.44 41.99
N GLN B 295 10.70 18.88 41.30
CA GLN B 295 10.84 19.06 39.87
C GLN B 295 9.73 18.30 39.15
N GLY B 296 9.35 18.79 37.97
CA GLY B 296 8.33 18.12 37.14
C GLY B 296 6.92 18.19 37.74
N PRO B 297 5.89 17.85 36.95
CA PRO B 297 4.54 18.08 37.45
C PRO B 297 4.00 17.03 38.43
N GLN B 298 4.54 15.81 38.41
CA GLN B 298 4.01 14.69 39.24
C GLN B 298 5.04 13.96 40.09
N THR B 299 6.11 14.65 40.50
CA THR B 299 7.18 13.97 41.25
C THR B 299 6.93 14.04 42.77
N TYR B 300 6.46 15.20 43.25
CA TYR B 300 6.02 15.31 44.65
C TYR B 300 5.12 14.13 45.00
N ALA B 301 5.24 13.64 46.24
CA ALA B 301 4.45 12.49 46.66
C ALA B 301 4.07 12.50 48.13
N PRO B 302 3.39 13.58 48.59
CA PRO B 302 3.07 13.55 50.02
C PRO B 302 2.10 12.41 50.34
N THR B 303 2.20 11.87 51.55
CA THR B 303 1.19 10.96 52.08
C THR B 303 -0.04 11.79 52.46
N ARG B 304 -1.20 11.15 52.50
CA ARG B 304 -2.42 11.86 52.91
C ARG B 304 -2.26 12.36 54.36
N ALA B 305 -1.52 11.60 55.16
CA ALA B 305 -1.11 12.04 56.49
C ALA B 305 -0.31 13.36 56.45
N GLU B 306 0.67 13.44 55.54
CA GLU B 306 1.49 14.64 55.36
C GLU B 306 0.66 15.86 54.93
N ILE B 307 -0.33 15.64 54.08
CA ILE B 307 -1.18 16.76 53.63
C ILE B 307 -2.02 17.31 54.79
N ASP B 308 -2.61 16.43 55.60
CA ASP B 308 -3.41 16.87 56.77
C ASP B 308 -2.57 17.72 57.70
N ALA B 309 -1.37 17.24 58.05
CA ALA B 309 -0.50 17.91 59.01
C ALA B 309 -0.07 19.28 58.50
N ARG B 310 0.25 19.35 57.21
CA ARG B 310 0.58 20.61 56.55
C ARG B 310 -0.62 21.56 56.52
N PHE B 311 -1.79 21.02 56.18
CA PHE B 311 -3.02 21.81 56.20
C PHE B 311 -3.22 22.37 57.61
N GLU B 312 -3.06 21.51 58.61
CA GLU B 312 -3.18 21.91 60.01
C GLU B 312 -2.26 23.06 60.38
N THR B 313 -0.99 22.96 59.97
CA THR B 313 -0.01 24.02 60.25
C THR B 313 -0.36 25.30 59.52
N ALA B 314 -0.74 25.19 58.26
CA ALA B 314 -1.02 26.36 57.45
C ALA B 314 -2.27 27.10 57.96
N PHE B 315 -3.33 26.34 58.23
CA PHE B 315 -4.64 26.97 58.42
C PHE B 315 -5.30 26.80 59.80
N GLY B 316 -4.72 25.97 60.66
CA GLY B 316 -5.17 25.84 62.04
C GLY B 316 -6.39 24.97 62.28
N TYR B 317 -6.92 24.38 61.20
CA TYR B 317 -7.93 23.34 61.33
C TYR B 317 -7.59 22.20 60.38
N ARG B 318 -8.21 21.04 60.57
CA ARG B 318 -7.91 19.84 59.77
C ARG B 318 -9.12 19.50 58.89
N PRO B 319 -8.90 19.25 57.56
CA PRO B 319 -9.96 19.11 56.55
C PRO B 319 -10.96 17.99 56.83
N ALA C 10 -3.36 -13.78 -21.63
CA ALA C 10 -3.62 -14.79 -20.54
C ALA C 10 -4.19 -14.15 -19.27
N THR C 11 -5.45 -14.47 -18.97
CA THR C 11 -6.23 -13.77 -17.95
C THR C 11 -6.56 -14.68 -16.76
N LEU C 12 -6.33 -14.17 -15.55
CA LEU C 12 -6.62 -14.93 -14.35
C LEU C 12 -7.99 -14.55 -13.81
N ILE C 13 -8.85 -15.55 -13.70
CA ILE C 13 -10.20 -15.34 -13.20
C ILE C 13 -10.32 -16.08 -11.86
N CYS C 14 -10.23 -15.31 -10.78
CA CYS C 14 -10.34 -15.83 -9.42
C CYS C 14 -11.79 -15.71 -8.96
N GLY C 15 -12.36 -16.81 -8.48
CA GLY C 15 -13.74 -16.75 -8.04
C GLY C 15 -14.32 -18.11 -7.79
N SER C 16 -15.60 -18.12 -7.42
CA SER C 16 -16.24 -19.35 -7.01
C SER C 16 -16.47 -20.24 -8.24
N ILE C 17 -16.42 -21.56 -8.01
CA ILE C 17 -16.83 -22.58 -8.98
C ILE C 17 -17.89 -23.42 -8.25
N ALA C 18 -19.08 -23.51 -8.85
CA ALA C 18 -20.26 -23.95 -8.13
C ALA C 18 -21.26 -24.64 -9.04
N TYR C 19 -22.18 -25.37 -8.43
CA TYR C 19 -23.38 -25.85 -9.12
C TYR C 19 -24.57 -25.05 -8.64
N ASP C 20 -25.31 -24.46 -9.57
CA ASP C 20 -26.42 -23.59 -9.23
C ASP C 20 -27.73 -24.35 -9.38
N ASN C 21 -28.60 -24.25 -8.40
CA ASN C 21 -30.03 -24.56 -8.58
C ASN C 21 -30.79 -23.26 -8.62
N ILE C 22 -31.30 -22.92 -9.80
CA ILE C 22 -31.92 -21.62 -10.03
C ILE C 22 -33.42 -21.74 -10.24
N MET C 23 -34.15 -20.93 -9.51
CA MET C 23 -35.60 -20.89 -9.62
C MET C 23 -35.97 -19.48 -10.01
N THR C 24 -36.12 -19.29 -11.33
CA THR C 24 -36.46 -18.00 -11.89
C THR C 24 -37.98 -17.85 -11.96
N PHE C 25 -38.49 -16.85 -11.24
CA PHE C 25 -39.90 -16.47 -11.31
C PHE C 25 -40.18 -15.74 -12.63
N GLU C 26 -41.14 -16.25 -13.42
CA GLU C 26 -41.52 -15.59 -14.66
C GLU C 26 -42.34 -14.36 -14.31
N GLY C 27 -41.62 -13.26 -14.14
CA GLY C 27 -42.21 -12.02 -13.72
C GLY C 27 -41.20 -11.27 -12.90
N ARG C 28 -41.72 -10.34 -12.12
CA ARG C 28 -40.91 -9.42 -11.36
C ARG C 28 -41.47 -9.31 -9.95
N PHE C 29 -40.61 -9.60 -8.98
CA PHE C 29 -40.96 -9.40 -7.57
C PHE C 29 -41.51 -8.01 -7.35
N ARG C 30 -40.90 -7.03 -8.03
CA ARG C 30 -41.25 -5.62 -7.87
C ARG C 30 -42.75 -5.37 -8.00
N GLU C 31 -43.39 -6.09 -8.93
CA GLU C 31 -44.83 -6.00 -9.13
C GLU C 31 -45.67 -6.64 -8.02
N HIS C 32 -45.01 -7.36 -7.12
CA HIS C 32 -45.70 -8.09 -6.05
C HIS C 32 -45.41 -7.54 -4.65
N ILE C 33 -44.62 -6.47 -4.58
CA ILE C 33 -44.32 -5.81 -3.31
C ILE C 33 -45.56 -5.05 -2.84
N LEU C 34 -45.97 -5.33 -1.60
CA LEU C 34 -47.07 -4.61 -0.95
C LEU C 34 -46.50 -4.03 0.34
N PRO C 35 -45.88 -2.84 0.22
CA PRO C 35 -45.01 -2.32 1.29
C PRO C 35 -45.73 -1.94 2.57
N ASP C 36 -47.02 -1.58 2.47
CA ASP C 36 -47.78 -1.19 3.65
C ASP C 36 -47.99 -2.40 4.55
N GLN C 37 -48.40 -3.52 3.93
CA GLN C 37 -48.71 -4.75 4.67
C GLN C 37 -47.51 -5.21 5.51
N VAL C 38 -47.80 -5.92 6.60
CA VAL C 38 -46.74 -6.50 7.44
C VAL C 38 -45.93 -7.53 6.63
N HIS C 39 -46.60 -8.27 5.76
CA HIS C 39 -45.95 -9.21 4.84
C HIS C 39 -45.67 -8.53 3.52
N LEU C 40 -44.41 -8.22 3.27
CA LEU C 40 -44.02 -7.48 2.07
C LEU C 40 -44.30 -8.27 0.79
N ILE C 41 -43.82 -9.51 0.71
CA ILE C 41 -44.05 -10.35 -0.47
C ILE C 41 -44.42 -11.78 -0.14
N ASN C 42 -45.34 -12.32 -0.93
CA ASN C 42 -45.67 -13.73 -0.91
C ASN C 42 -45.79 -14.23 -2.33
N LEU C 43 -45.02 -15.25 -2.67
CA LEU C 43 -45.08 -15.84 -3.99
C LEU C 43 -44.98 -17.34 -3.89
N SER C 44 -45.71 -18.02 -4.75
CA SER C 44 -45.58 -19.45 -4.83
C SER C 44 -45.82 -19.86 -6.26
N PHE C 45 -44.75 -19.82 -7.04
CA PHE C 45 -44.82 -20.04 -8.48
C PHE C 45 -44.47 -21.48 -8.85
N LEU C 46 -45.27 -22.04 -9.77
CA LEU C 46 -45.06 -23.40 -10.27
C LEU C 46 -43.77 -23.48 -11.09
N VAL C 47 -43.12 -24.63 -11.07
CA VAL C 47 -41.76 -24.72 -11.59
C VAL C 47 -41.49 -26.12 -12.18
N PRO C 48 -40.69 -26.19 -13.26
CA PRO C 48 -40.20 -27.49 -13.77
C PRO C 48 -39.22 -28.14 -12.79
N THR C 49 -38.98 -29.43 -12.97
CA THR C 49 -38.14 -30.23 -12.06
C THR C 49 -36.73 -29.65 -11.83
N MET C 50 -36.20 -29.92 -10.63
CA MET C 50 -34.83 -29.54 -10.24
C MET C 50 -33.82 -29.79 -11.38
N ARG C 51 -33.02 -28.78 -11.67
CA ARG C 51 -31.99 -28.86 -12.71
C ARG C 51 -30.74 -28.17 -12.18
N ARG C 52 -29.59 -28.84 -12.20
CA ARG C 52 -28.34 -28.20 -11.79
C ARG C 52 -27.52 -27.72 -12.98
N GLU C 53 -27.07 -26.48 -12.90
CA GLU C 53 -26.21 -25.94 -13.95
C GLU C 53 -24.82 -25.61 -13.44
N PHE C 54 -23.91 -25.44 -14.41
CA PHE C 54 -22.54 -25.05 -14.16
C PHE C 54 -22.50 -23.57 -13.85
N GLY C 55 -22.14 -23.26 -12.60
CA GLY C 55 -22.15 -21.88 -12.12
C GLY C 55 -20.88 -21.50 -11.40
N GLY C 56 -20.98 -20.55 -10.47
CA GLY C 56 -19.79 -20.00 -9.83
C GLY C 56 -19.22 -18.84 -10.63
N CYS C 57 -18.87 -17.75 -9.95
CA CYS C 57 -18.47 -16.50 -10.63
C CYS C 57 -17.23 -16.66 -11.48
N ALA C 58 -16.23 -17.39 -11.00
CA ALA C 58 -15.08 -17.74 -11.86
C ALA C 58 -15.49 -18.54 -13.10
N GLY C 59 -16.28 -19.59 -12.92
CA GLY C 59 -16.72 -20.41 -14.05
C GLY C 59 -17.44 -19.57 -15.07
N ASN C 60 -18.36 -18.72 -14.59
CA ASN C 60 -19.19 -17.90 -15.45
C ASN C 60 -18.37 -16.90 -16.28
N ILE C 61 -17.52 -16.12 -15.59
CA ILE C 61 -16.69 -15.11 -16.28
C ILE C 61 -15.81 -15.78 -17.32
N ALA C 62 -15.18 -16.88 -16.93
CA ALA C 62 -14.25 -17.59 -17.78
C ALA C 62 -14.95 -18.22 -18.97
N TYR C 63 -16.19 -18.69 -18.75
CA TYR C 63 -17.01 -19.20 -19.85
C TYR C 63 -17.23 -18.13 -20.93
N ALA C 64 -17.73 -16.96 -20.54
CA ALA C 64 -17.93 -15.84 -21.46
C ALA C 64 -16.64 -15.37 -22.17
N LEU C 65 -15.56 -15.24 -21.42
CA LEU C 65 -14.31 -14.79 -22.04
C LEU C 65 -13.89 -15.76 -23.15
N ASN C 66 -14.09 -17.06 -22.91
CA ASN C 66 -13.68 -18.12 -23.84
C ASN C 66 -14.51 -18.15 -25.11
N LEU C 67 -15.83 -17.92 -24.98
CA LEU C 67 -16.72 -17.79 -26.12
C LEU C 67 -16.21 -16.71 -27.09
N LEU C 68 -15.59 -15.68 -26.53
CA LEU C 68 -15.00 -14.59 -27.32
C LEU C 68 -13.62 -14.92 -27.90
N GLY C 69 -13.08 -16.09 -27.61
CA GLY C 69 -11.77 -16.45 -28.16
C GLY C 69 -10.62 -15.96 -27.29
N GLY C 70 -10.96 -15.43 -26.11
CA GLY C 70 -9.97 -15.06 -25.11
C GLY C 70 -9.39 -16.27 -24.40
N ASP C 71 -8.29 -16.04 -23.70
CA ASP C 71 -7.63 -17.08 -22.91
C ASP C 71 -8.04 -16.84 -21.46
N ALA C 72 -8.88 -17.73 -20.93
CA ALA C 72 -9.42 -17.57 -19.59
C ALA C 72 -8.89 -18.67 -18.69
N ARG C 73 -8.12 -18.29 -17.67
CA ARG C 73 -7.54 -19.27 -16.74
C ARG C 73 -8.21 -19.13 -15.39
N MET C 74 -9.11 -20.08 -15.11
CA MET C 74 -9.87 -20.10 -13.86
C MET C 74 -8.98 -20.42 -12.68
N MET C 75 -9.10 -19.62 -11.64
CA MET C 75 -8.47 -19.97 -10.38
C MET C 75 -9.54 -20.09 -9.34
N GLY C 76 -9.72 -21.31 -8.84
CA GLY C 76 -10.81 -21.61 -7.95
C GLY C 76 -10.72 -23.04 -7.45
N THR C 77 -11.58 -23.38 -6.50
CA THR C 77 -11.56 -24.70 -5.90
C THR C 77 -12.86 -25.45 -6.10
N LEU C 78 -12.73 -26.76 -6.32
CA LEU C 78 -13.88 -27.63 -6.48
C LEU C 78 -13.71 -28.77 -5.50
N GLY C 79 -14.79 -29.48 -5.23
CA GLY C 79 -14.75 -30.64 -4.33
C GLY C 79 -14.59 -31.91 -5.13
N ALA C 80 -13.85 -32.87 -4.58
CA ALA C 80 -13.56 -34.10 -5.34
C ALA C 80 -14.75 -35.05 -5.51
N VAL C 81 -15.79 -34.94 -4.68
CA VAL C 81 -16.93 -35.84 -4.83
C VAL C 81 -17.70 -35.56 -6.12
N ASP C 82 -17.83 -34.30 -6.51
CA ASP C 82 -18.68 -33.97 -7.66
C ASP C 82 -18.08 -33.06 -8.74
N ALA C 83 -16.77 -32.81 -8.68
CA ALA C 83 -16.11 -31.93 -9.67
C ALA C 83 -16.00 -32.50 -11.08
N GLN C 84 -16.12 -33.81 -11.25
CA GLN C 84 -15.84 -34.39 -12.56
C GLN C 84 -16.62 -33.80 -13.74
N PRO C 85 -17.96 -33.65 -13.61
CA PRO C 85 -18.63 -33.16 -14.82
C PRO C 85 -18.23 -31.71 -15.09
N TYR C 86 -17.89 -30.96 -14.05
CA TYR C 86 -17.32 -29.64 -14.29
C TYR C 86 -15.98 -29.70 -15.00
N LEU C 87 -15.09 -30.60 -14.56
CA LEU C 87 -13.75 -30.71 -15.15
C LEU C 87 -13.82 -31.12 -16.62
N ASP C 88 -14.59 -32.17 -16.90
CA ASP C 88 -14.82 -32.63 -18.27
C ASP C 88 -15.34 -31.56 -19.23
N ARG C 89 -16.30 -30.76 -18.75
CA ARG C 89 -16.88 -29.74 -19.61
C ARG C 89 -15.85 -28.66 -19.89
N MET C 90 -15.10 -28.27 -18.85
CA MET C 90 -13.96 -27.36 -19.04
C MET C 90 -13.04 -27.86 -20.16
N ASP C 91 -12.74 -29.16 -20.16
CA ASP C 91 -11.90 -29.73 -21.24
C ASP C 91 -12.58 -29.66 -22.60
N ALA C 92 -13.88 -29.94 -22.62
CA ALA C 92 -14.67 -29.92 -23.85
C ALA C 92 -14.71 -28.51 -24.44
N LEU C 93 -14.68 -27.52 -23.56
CA LEU C 93 -14.77 -26.13 -23.96
C LEU C 93 -13.43 -25.43 -24.22
N GLY C 94 -12.33 -26.07 -23.83
CA GLY C 94 -11.00 -25.48 -23.97
C GLY C 94 -10.61 -24.53 -22.84
N LEU C 95 -11.13 -24.80 -21.65
CA LEU C 95 -10.82 -23.98 -20.48
C LEU C 95 -9.76 -24.68 -19.66
N SER C 96 -8.60 -24.05 -19.52
CA SER C 96 -7.49 -24.64 -18.79
C SER C 96 -7.86 -24.94 -17.35
N ARG C 97 -7.40 -26.07 -16.84
CA ARG C 97 -7.68 -26.49 -15.47
C ARG C 97 -6.47 -26.32 -14.58
N GLU C 98 -5.50 -25.55 -15.06
CA GLU C 98 -4.22 -25.41 -14.38
C GLU C 98 -4.35 -24.86 -12.96
N TYR C 99 -5.29 -23.94 -12.77
CA TYR C 99 -5.47 -23.31 -11.47
C TYR C 99 -6.81 -23.69 -10.83
N VAL C 100 -7.46 -24.72 -11.36
CA VAL C 100 -8.65 -25.29 -10.75
C VAL C 100 -8.20 -26.43 -9.86
N ARG C 101 -8.10 -26.16 -8.56
CA ARG C 101 -7.72 -27.21 -7.62
C ARG C 101 -8.95 -27.97 -7.12
N VAL C 102 -8.84 -29.30 -7.13
CA VAL C 102 -9.90 -30.21 -6.71
C VAL C 102 -9.54 -30.73 -5.32
N LEU C 103 -10.48 -30.66 -4.38
CA LEU C 103 -10.18 -30.97 -2.97
C LEU C 103 -10.79 -32.29 -2.52
N PRO C 104 -9.94 -33.31 -2.27
CA PRO C 104 -10.39 -34.66 -1.91
C PRO C 104 -11.42 -34.68 -0.78
N ASP C 105 -12.42 -35.56 -0.89
CA ASP C 105 -13.43 -35.79 0.14
C ASP C 105 -14.20 -34.52 0.60
N THR C 106 -14.44 -33.62 -0.35
CA THR C 106 -15.27 -32.42 -0.09
C THR C 106 -16.22 -32.20 -1.28
N TYR C 107 -17.35 -31.52 -1.03
CA TYR C 107 -18.31 -31.17 -2.08
C TYR C 107 -17.97 -29.84 -2.74
N SER C 108 -18.27 -29.72 -4.02
CA SER C 108 -18.15 -28.44 -4.69
C SER C 108 -19.23 -27.49 -4.15
N ALA C 109 -18.98 -26.19 -4.27
CA ALA C 109 -19.94 -25.16 -3.87
C ALA C 109 -21.31 -25.33 -4.56
N GLN C 110 -22.38 -25.04 -3.82
CA GLN C 110 -23.73 -25.13 -4.37
C GLN C 110 -24.59 -23.92 -4.05
N ALA C 111 -25.21 -23.35 -5.08
CA ALA C 111 -26.05 -22.18 -4.88
C ALA C 111 -27.50 -22.52 -5.14
N MET C 112 -28.35 -22.15 -4.19
CA MET C 112 -29.79 -22.26 -4.38
C MET C 112 -30.26 -20.80 -4.53
N ILE C 113 -30.64 -20.43 -5.75
CA ILE C 113 -30.84 -19.03 -6.13
C ILE C 113 -32.31 -18.87 -6.49
N THR C 114 -32.94 -17.90 -5.85
CA THR C 114 -34.32 -17.57 -6.15
C THR C 114 -34.33 -16.18 -6.79
N THR C 115 -34.75 -16.13 -8.06
CA THR C 115 -34.75 -14.90 -8.85
C THR C 115 -36.03 -14.58 -9.59
N ASP C 116 -35.94 -13.48 -10.33
CA ASP C 116 -36.98 -13.01 -11.22
C ASP C 116 -36.27 -12.40 -12.43
N LEU C 117 -37.04 -11.76 -13.30
CA LEU C 117 -36.52 -11.26 -14.56
C LEU C 117 -35.74 -9.95 -14.39
N ASP C 118 -35.78 -9.38 -13.19
CA ASP C 118 -34.99 -8.22 -12.85
C ASP C 118 -33.67 -8.58 -12.22
N ASN C 119 -33.28 -9.86 -12.25
CA ASN C 119 -32.05 -10.31 -11.59
C ASN C 119 -31.96 -9.92 -10.10
N ASN C 120 -33.09 -10.04 -9.42
CA ASN C 120 -33.15 -9.91 -7.97
C ASN C 120 -32.82 -11.27 -7.34
N GLN C 121 -31.52 -11.60 -7.31
CA GLN C 121 -31.06 -12.89 -6.82
C GLN C 121 -31.05 -12.95 -5.30
N ILE C 122 -31.88 -13.82 -4.73
CA ILE C 122 -31.78 -14.17 -3.30
C ILE C 122 -31.29 -15.60 -3.19
N THR C 123 -30.09 -15.76 -2.64
CA THR C 123 -29.34 -17.02 -2.72
C THR C 123 -29.00 -17.61 -1.34
N ALA C 124 -29.27 -18.91 -1.20
CA ALA C 124 -28.73 -19.72 -0.12
C ALA C 124 -27.53 -20.49 -0.68
N PHE C 125 -26.34 -20.15 -0.19
CA PHE C 125 -25.10 -20.65 -0.76
C PHE C 125 -24.41 -21.61 0.20
N HIS C 126 -24.09 -22.80 -0.33
CA HIS C 126 -23.41 -23.88 0.38
C HIS C 126 -21.96 -23.96 -0.14
N PRO C 127 -21.01 -23.30 0.55
CA PRO C 127 -19.69 -23.08 -0.04
C PRO C 127 -18.82 -24.33 -0.27
N GLY C 128 -18.97 -25.36 0.55
CA GLY C 128 -18.06 -26.51 0.53
C GLY C 128 -16.63 -26.12 0.17
N ALA C 129 -16.21 -26.50 -1.04
CA ALA C 129 -14.82 -26.36 -1.45
C ALA C 129 -14.31 -24.92 -1.62
N MET C 130 -15.23 -23.97 -1.78
CA MET C 130 -14.90 -22.55 -1.92
C MET C 130 -14.24 -22.00 -0.64
N MET C 131 -14.59 -22.60 0.49
CA MET C 131 -14.02 -22.23 1.78
CA MET C 131 -14.03 -22.25 1.80
C MET C 131 -12.50 -22.39 1.81
N GLN C 132 -11.97 -23.19 0.87
CA GLN C 132 -10.52 -23.42 0.71
C GLN C 132 -9.86 -22.64 -0.41
N SER C 133 -10.58 -21.74 -1.06
CA SER C 133 -10.05 -21.06 -2.25
C SER C 133 -8.66 -20.44 -2.04
N HIS C 134 -8.24 -20.25 -0.79
CA HIS C 134 -6.97 -19.55 -0.51
C HIS C 134 -5.74 -20.42 -0.75
N VAL C 135 -5.94 -21.73 -0.95
CA VAL C 135 -4.86 -22.66 -1.34
C VAL C 135 -4.28 -22.37 -2.72
N ASN C 136 -5.06 -21.70 -3.57
CA ASN C 136 -4.56 -21.21 -4.83
C ASN C 136 -3.91 -19.86 -4.61
N HIS C 137 -2.71 -19.71 -5.16
CA HIS C 137 -1.95 -18.48 -5.03
C HIS C 137 -1.81 -17.77 -6.37
N ALA C 138 -2.44 -16.59 -6.44
CA ALA C 138 -2.51 -15.80 -7.65
C ALA C 138 -1.14 -15.31 -8.10
N GLY C 139 -0.29 -15.01 -7.13
CA GLY C 139 1.07 -14.56 -7.39
C GLY C 139 1.91 -15.63 -8.06
N GLU C 140 1.52 -16.88 -7.88
CA GLU C 140 2.23 -18.02 -8.46
C GLU C 140 1.81 -18.34 -9.89
N ALA C 141 0.77 -17.66 -10.37
CA ALA C 141 0.30 -17.88 -11.74
C ALA C 141 1.24 -17.22 -12.73
N LYS C 142 1.95 -18.04 -13.50
CA LYS C 142 2.87 -17.52 -14.49
C LYS C 142 2.07 -16.78 -15.56
N ASP C 143 2.69 -15.77 -16.16
CA ASP C 143 2.33 -15.38 -17.52
C ASP C 143 0.94 -14.77 -17.63
N ILE C 144 0.56 -14.01 -16.60
CA ILE C 144 -0.76 -13.38 -16.53
C ILE C 144 -0.65 -11.89 -16.91
N LYS C 145 -1.57 -11.41 -17.76
CA LYS C 145 -1.58 -9.99 -18.15
C LYS C 145 -2.66 -9.19 -17.43
N LEU C 146 -3.67 -9.90 -16.95
CA LEU C 146 -4.87 -9.24 -16.46
C LEU C 146 -5.61 -10.19 -15.54
N ALA C 147 -6.35 -9.64 -14.58
CA ALA C 147 -7.11 -10.52 -13.70
C ALA C 147 -8.48 -9.97 -13.35
N ILE C 148 -9.31 -10.84 -12.81
CA ILE C 148 -10.47 -10.38 -12.09
C ILE C 148 -10.50 -11.12 -10.77
N VAL C 149 -10.86 -10.43 -9.70
CA VAL C 149 -11.12 -11.08 -8.43
C VAL C 149 -12.62 -10.94 -8.14
N GLY C 150 -13.28 -12.08 -7.99
CA GLY C 150 -14.72 -12.12 -7.75
C GLY C 150 -15.05 -12.90 -6.49
N PRO C 151 -16.36 -13.05 -6.18
CA PRO C 151 -16.87 -13.74 -4.99
C PRO C 151 -16.27 -15.11 -4.81
N ASP C 152 -15.86 -15.41 -3.58
CA ASP C 152 -15.07 -16.58 -3.28
C ASP C 152 -14.99 -16.71 -1.77
N GLY C 153 -14.20 -17.66 -1.27
CA GLY C 153 -13.90 -17.73 0.16
C GLY C 153 -13.23 -16.43 0.58
N PHE C 154 -13.65 -15.85 1.70
CA PHE C 154 -13.16 -14.51 2.07
C PHE C 154 -11.64 -14.45 2.03
N GLN C 155 -10.98 -15.44 2.61
CA GLN C 155 -9.52 -15.49 2.67
C GLN C 155 -8.90 -15.50 1.27
N GLY C 156 -9.54 -16.23 0.35
CA GLY C 156 -9.11 -16.28 -1.03
C GLY C 156 -9.23 -14.91 -1.67
N MET C 157 -10.35 -14.24 -1.42
CA MET C 157 -10.55 -12.91 -2.00
C MET C 157 -9.48 -11.92 -1.54
N VAL C 158 -9.15 -11.92 -0.25
CA VAL C 158 -8.09 -11.03 0.26
C VAL C 158 -6.73 -11.46 -0.27
N GLN C 159 -6.41 -12.75 -0.13
CA GLN C 159 -5.14 -13.28 -0.65
C GLN C 159 -4.91 -12.90 -2.13
N HIS C 160 -5.90 -13.13 -2.99
CA HIS C 160 -5.74 -12.83 -4.42
C HIS C 160 -5.54 -11.35 -4.70
N THR C 161 -6.34 -10.50 -4.08
CA THR C 161 -6.20 -9.07 -4.22
C THR C 161 -4.75 -8.67 -3.81
N GLU C 162 -4.28 -9.22 -2.70
CA GLU C 162 -2.93 -8.94 -2.19
C GLU C 162 -1.82 -9.37 -3.16
N GLU C 163 -1.88 -10.61 -3.64
CA GLU C 163 -0.82 -11.19 -4.46
C GLU C 163 -0.73 -10.62 -5.87
N LEU C 164 -1.90 -10.36 -6.48
CA LEU C 164 -1.92 -9.72 -7.80
C LEU C 164 -1.32 -8.30 -7.78
N ALA C 165 -1.77 -7.48 -6.83
CA ALA C 165 -1.30 -6.10 -6.67
C ALA C 165 0.20 -6.05 -6.49
N GLN C 166 0.70 -6.91 -5.62
CA GLN C 166 2.11 -7.06 -5.33
C GLN C 166 2.89 -7.56 -6.54
N ALA C 167 2.29 -8.44 -7.34
CA ALA C 167 2.90 -8.88 -8.58
C ALA C 167 2.71 -7.89 -9.73
N GLY C 168 2.01 -6.78 -9.45
CA GLY C 168 1.82 -5.72 -10.46
C GLY C 168 0.87 -6.08 -11.58
N VAL C 169 -0.16 -6.87 -11.28
CA VAL C 169 -1.15 -7.28 -12.30
C VAL C 169 -2.38 -6.36 -12.24
N PRO C 170 -2.78 -5.78 -13.38
CA PRO C 170 -4.03 -5.01 -13.34
C PRO C 170 -5.20 -5.96 -13.04
N PHE C 171 -6.11 -5.58 -12.16
CA PHE C 171 -7.28 -6.42 -11.94
C PHE C 171 -8.57 -5.67 -11.73
N ILE C 172 -9.66 -6.34 -12.11
CA ILE C 172 -10.98 -5.88 -11.80
C ILE C 172 -11.30 -6.51 -10.45
N PHE C 173 -11.90 -5.74 -9.57
CA PHE C 173 -12.33 -6.29 -8.31
C PHE C 173 -13.85 -6.24 -8.34
N ASP C 174 -14.47 -7.41 -8.33
CA ASP C 174 -15.93 -7.53 -8.32
C ASP C 174 -16.35 -8.27 -7.05
N PRO C 175 -16.53 -7.54 -5.94
CA PRO C 175 -16.83 -8.22 -4.68
C PRO C 175 -18.20 -8.89 -4.64
N GLY C 176 -19.14 -8.44 -5.48
CA GLY C 176 -20.40 -9.14 -5.71
C GLY C 176 -21.06 -9.72 -4.46
N GLN C 177 -21.49 -10.98 -4.54
CA GLN C 177 -22.17 -11.68 -3.44
C GLN C 177 -21.28 -11.83 -2.21
N GLY C 178 -20.00 -11.50 -2.36
CA GLY C 178 -19.03 -11.66 -1.29
C GLY C 178 -18.97 -10.48 -0.35
N LEU C 179 -19.72 -9.42 -0.67
CA LEU C 179 -19.75 -8.19 0.13
C LEU C 179 -19.98 -8.34 1.65
N PRO C 180 -20.97 -9.18 2.08
CA PRO C 180 -21.23 -9.16 3.52
C PRO C 180 -20.07 -9.72 4.34
N LEU C 181 -19.09 -10.29 3.64
CA LEU C 181 -17.91 -10.88 4.29
C LEU C 181 -16.85 -9.81 4.57
N PHE C 182 -17.05 -8.64 3.99
CA PHE C 182 -16.10 -7.54 4.13
C PHE C 182 -16.50 -6.59 5.26
N ASP C 183 -15.53 -5.81 5.74
CA ASP C 183 -15.82 -4.69 6.62
C ASP C 183 -15.36 -3.40 5.94
N GLY C 184 -15.42 -2.28 6.64
CA GLY C 184 -14.95 -1.02 6.07
C GLY C 184 -13.50 -1.07 5.63
N ALA C 185 -12.65 -1.61 6.50
CA ALA C 185 -11.20 -1.58 6.30
C ALA C 185 -10.75 -2.52 5.18
N THR C 186 -11.27 -3.75 5.21
CA THR C 186 -10.86 -4.77 4.27
C THR C 186 -11.37 -4.48 2.87
N LEU C 187 -12.50 -3.76 2.78
CA LEU C 187 -13.09 -3.38 1.50
C LEU C 187 -12.39 -2.16 0.91
N ARG C 188 -12.15 -1.15 1.76
CA ARG C 188 -11.43 0.05 1.33
C ARG C 188 -10.04 -0.34 0.82
N ARG C 189 -9.38 -1.26 1.52
CA ARG C 189 -8.04 -1.68 1.16
C ARG C 189 -8.00 -2.49 -0.13
N SER C 190 -8.88 -3.50 -0.22
CA SER C 190 -9.03 -4.28 -1.46
C SER C 190 -9.26 -3.36 -2.64
N ILE C 191 -10.10 -2.34 -2.46
CA ILE C 191 -10.40 -1.39 -3.53
C ILE C 191 -9.15 -0.59 -3.90
N GLU C 192 -8.31 -0.33 -2.90
CA GLU C 192 -7.07 0.43 -3.07
C GLU C 192 -6.03 -0.37 -3.85
N LEU C 193 -6.23 -1.68 -3.95
CA LEU C 193 -5.34 -2.53 -4.72
C LEU C 193 -5.88 -2.73 -6.14
N ALA C 194 -7.19 -2.55 -6.28
CA ALA C 194 -7.87 -2.72 -7.57
C ALA C 194 -7.49 -1.65 -8.56
N THR C 195 -7.29 -2.07 -9.79
CA THR C 195 -7.10 -1.18 -10.92
C THR C 195 -8.48 -0.75 -11.44
N TYR C 196 -9.43 -1.68 -11.42
CA TYR C 196 -10.82 -1.37 -11.80
C TYR C 196 -11.77 -2.07 -10.83
N ILE C 197 -12.98 -1.53 -10.73
CA ILE C 197 -14.04 -2.22 -10.00
C ILE C 197 -15.32 -2.29 -10.85
N ALA C 198 -15.94 -3.46 -10.90
CA ALA C 198 -17.13 -3.68 -11.71
C ALA C 198 -18.16 -4.36 -10.84
N VAL C 199 -19.31 -3.72 -10.69
CA VAL C 199 -20.41 -4.17 -9.83
C VAL C 199 -21.76 -3.75 -10.44
N ASN C 200 -22.85 -4.41 -10.04
CA ASN C 200 -24.20 -3.95 -10.42
C ASN C 200 -24.62 -2.72 -9.60
N ASP C 201 -25.74 -2.09 -9.95
CA ASP C 201 -26.10 -0.80 -9.32
C ASP C 201 -26.47 -0.89 -7.84
N TYR C 202 -26.95 -2.06 -7.43
CA TYR C 202 -27.26 -2.35 -6.04
C TYR C 202 -25.99 -2.57 -5.23
N GLU C 203 -25.05 -3.32 -5.80
CA GLU C 203 -23.75 -3.54 -5.17
C GLU C 203 -22.97 -2.23 -4.97
N ALA C 204 -23.03 -1.35 -5.97
CA ALA C 204 -22.34 -0.06 -5.92
C ALA C 204 -22.84 0.83 -4.81
N LYS C 205 -24.11 0.69 -4.44
CA LYS C 205 -24.68 1.40 -3.30
C LYS C 205 -24.14 0.85 -1.98
N LEU C 206 -24.04 -0.48 -1.90
CA LEU C 206 -23.56 -1.18 -0.71
C LEU C 206 -22.05 -1.01 -0.47
N VAL C 207 -21.28 -0.90 -1.55
CA VAL C 207 -19.84 -0.64 -1.41
C VAL C 207 -19.66 0.76 -0.79
N CYS C 208 -20.40 1.73 -1.30
CA CYS C 208 -20.37 3.09 -0.76
C CYS C 208 -20.73 3.08 0.72
N ASP C 209 -21.81 2.37 1.07
CA ASP C 209 -22.28 2.22 2.44
C ASP C 209 -21.30 1.53 3.41
N LYS C 210 -20.38 0.74 2.88
CA LYS C 210 -19.44 -0.01 3.72
C LYS C 210 -18.08 0.71 3.81
N THR C 211 -17.72 1.40 2.73
CA THR C 211 -16.51 2.23 2.68
C THR C 211 -16.81 3.62 3.27
N GLY C 212 -18.03 4.09 3.08
CA GLY C 212 -18.39 5.45 3.47
C GLY C 212 -17.86 6.44 2.44
N TRP C 213 -17.38 5.93 1.31
CA TRP C 213 -16.96 6.78 0.22
C TRP C 213 -18.17 7.07 -0.65
N SER C 214 -18.12 8.16 -1.40
CA SER C 214 -19.09 8.41 -2.48
C SER C 214 -18.63 7.66 -3.74
N GLU C 215 -19.52 7.55 -4.73
CA GLU C 215 -19.16 7.06 -6.06
C GLU C 215 -17.99 7.87 -6.64
N ASP C 216 -17.99 9.17 -6.37
CA ASP C 216 -16.89 10.05 -6.78
C ASP C 216 -15.57 9.62 -6.14
N GLU C 217 -15.56 9.48 -4.81
CA GLU C 217 -14.35 9.07 -4.09
C GLU C 217 -13.83 7.69 -4.50
N ILE C 218 -14.74 6.78 -4.84
CA ILE C 218 -14.33 5.47 -5.34
C ILE C 218 -13.65 5.59 -6.71
N ALA C 219 -14.32 6.31 -7.62
CA ALA C 219 -13.86 6.47 -9.01
C ALA C 219 -12.51 7.16 -9.15
N SER C 220 -12.15 7.97 -8.15
CA SER C 220 -10.87 8.66 -8.14
C SER C 220 -9.76 7.71 -7.73
N ARG C 221 -10.12 6.56 -7.15
CA ARG C 221 -9.12 5.60 -6.69
C ARG C 221 -8.82 4.51 -7.70
N VAL C 222 -9.53 4.52 -8.83
CA VAL C 222 -9.41 3.45 -9.83
C VAL C 222 -9.47 3.98 -11.26
N GLN C 223 -8.80 3.27 -12.16
CA GLN C 223 -8.78 3.69 -13.55
C GLN C 223 -10.18 3.64 -14.14
N ALA C 224 -11.02 2.72 -13.67
CA ALA C 224 -12.44 2.70 -14.08
C ALA C 224 -13.36 2.10 -13.02
N LEU C 225 -14.50 2.76 -12.82
CA LEU C 225 -15.61 2.20 -12.05
C LEU C 225 -16.73 1.85 -13.04
N ILE C 226 -17.06 0.56 -13.11
CA ILE C 226 -18.07 0.06 -14.04
C ILE C 226 -19.34 -0.29 -13.26
N ILE C 227 -20.45 0.32 -13.64
CA ILE C 227 -21.72 0.12 -12.93
C ILE C 227 -22.79 -0.43 -13.85
N THR C 228 -23.12 -1.71 -13.68
CA THR C 228 -24.13 -2.35 -14.54
C THR C 228 -25.54 -2.05 -14.02
N ARG C 229 -26.47 -1.87 -14.95
CA ARG C 229 -27.82 -1.40 -14.63
C ARG C 229 -28.88 -2.25 -15.34
N GLY C 230 -28.70 -3.58 -15.28
CA GLY C 230 -29.67 -4.52 -15.85
C GLY C 230 -30.07 -4.16 -17.27
N GLU C 231 -31.36 -3.93 -17.49
CA GLU C 231 -31.90 -3.60 -18.81
C GLU C 231 -31.59 -2.16 -19.24
N HIS C 232 -31.20 -1.33 -18.28
CA HIS C 232 -30.86 0.07 -18.55
C HIS C 232 -29.49 0.18 -19.19
N GLY C 233 -28.71 -0.89 -19.11
CA GLY C 233 -27.36 -0.92 -19.67
C GLY C 233 -26.33 -0.82 -18.56
N ALA C 234 -25.34 0.06 -18.76
CA ALA C 234 -24.27 0.23 -17.80
C ALA C 234 -23.57 1.58 -17.98
N THR C 235 -22.89 2.02 -16.93
CA THR C 235 -22.02 3.20 -17.02
C THR C 235 -20.57 2.75 -16.89
N ILE C 236 -19.66 3.45 -17.58
CA ILE C 236 -18.22 3.29 -17.37
C ILE C 236 -17.61 4.67 -17.09
N ARG C 237 -17.20 4.85 -15.85
CA ARG C 237 -16.72 6.14 -15.39
C ARG C 237 -15.21 6.08 -15.15
N HIS C 238 -14.47 6.97 -15.82
CA HIS C 238 -13.04 7.12 -15.55
C HIS C 238 -12.89 8.01 -14.32
N ARG C 239 -11.80 8.77 -14.25
CA ARG C 239 -11.73 9.89 -13.30
C ARG C 239 -11.56 11.22 -14.04
N ASP C 240 -11.96 11.22 -15.32
CA ASP C 240 -12.05 12.43 -16.15
C ASP C 240 -13.27 12.40 -17.10
N GLY C 241 -13.59 11.22 -17.64
CA GLY C 241 -14.72 11.06 -18.58
C GLY C 241 -15.67 9.93 -18.21
N THR C 242 -16.86 9.93 -18.81
CA THR C 242 -17.91 8.97 -18.47
C THR C 242 -18.67 8.47 -19.70
N GLU C 243 -18.78 7.14 -19.81
CA GLU C 243 -19.48 6.50 -20.93
C GLU C 243 -20.79 5.81 -20.49
N GLN C 244 -21.88 6.04 -21.23
CA GLN C 244 -23.14 5.38 -20.91
C GLN C 244 -23.41 4.30 -21.96
N ILE C 245 -23.22 3.04 -21.56
CA ILE C 245 -23.38 1.93 -22.48
C ILE C 245 -24.87 1.55 -22.58
N PRO C 246 -25.43 1.60 -23.80
CA PRO C 246 -26.78 1.09 -24.02
C PRO C 246 -26.87 -0.43 -23.76
N ALA C 247 -28.06 -0.93 -23.51
CA ALA C 247 -28.27 -2.37 -23.45
C ALA C 247 -28.58 -2.86 -24.86
N VAL C 248 -28.05 -4.03 -25.21
CA VAL C 248 -28.47 -4.67 -26.46
C VAL C 248 -29.82 -5.31 -26.18
N ARG C 249 -30.82 -4.89 -26.95
CA ARG C 249 -32.20 -5.32 -26.74
C ARG C 249 -32.33 -6.80 -27.05
N ALA C 250 -32.67 -7.60 -26.03
CA ALA C 250 -32.58 -9.05 -26.12
C ALA C 250 -33.67 -9.69 -26.97
N GLU C 251 -33.28 -10.71 -27.72
CA GLU C 251 -34.20 -11.55 -28.48
C GLU C 251 -35.39 -11.96 -27.60
N ARG C 252 -35.06 -12.41 -26.39
CA ARG C 252 -36.06 -12.71 -25.37
C ARG C 252 -35.40 -12.73 -23.99
N VAL C 253 -36.19 -12.56 -22.93
CA VAL C 253 -35.65 -12.50 -21.57
C VAL C 253 -36.19 -13.69 -20.79
N ILE C 254 -35.30 -14.63 -20.47
CA ILE C 254 -35.66 -15.84 -19.73
C ILE C 254 -35.00 -15.98 -18.35
N ASP C 255 -33.69 -15.74 -18.27
CA ASP C 255 -32.98 -15.84 -16.99
C ASP C 255 -31.79 -14.89 -16.99
N PRO C 256 -31.79 -13.90 -16.08
CA PRO C 256 -30.67 -12.97 -16.02
C PRO C 256 -29.49 -13.45 -15.13
N THR C 257 -29.64 -14.62 -14.48
CA THR C 257 -28.59 -15.18 -13.62
C THR C 257 -27.34 -15.49 -14.42
N GLY C 258 -26.24 -14.84 -14.08
CA GLY C 258 -25.00 -14.98 -14.83
C GLY C 258 -24.73 -13.83 -15.78
N CYS C 259 -25.68 -12.90 -15.88
CA CYS C 259 -25.59 -11.75 -16.79
C CYS C 259 -24.39 -10.84 -16.52
N GLY C 260 -24.17 -10.54 -15.24
CA GLY C 260 -23.03 -9.75 -14.82
C GLY C 260 -21.71 -10.41 -15.18
N ASP C 261 -21.65 -11.74 -15.07
CA ASP C 261 -20.41 -12.49 -15.31
C ASP C 261 -20.08 -12.55 -16.80
N ALA C 262 -21.11 -12.56 -17.62
CA ALA C 262 -20.97 -12.51 -19.07
C ALA C 262 -20.46 -11.12 -19.47
N PHE C 263 -21.02 -10.11 -18.80
CA PHE C 263 -20.62 -8.72 -18.98
C PHE C 263 -19.13 -8.57 -18.65
N ARG C 264 -18.67 -9.21 -17.56
CA ARG C 264 -17.27 -9.10 -17.18
C ARG C 264 -16.34 -9.84 -18.15
N GLY C 265 -16.87 -10.90 -18.76
CA GLY C 265 -16.12 -11.60 -19.78
C GLY C 265 -15.81 -10.62 -20.90
N GLY C 266 -16.87 -9.97 -21.40
CA GLY C 266 -16.76 -8.99 -22.49
C GLY C 266 -15.75 -7.90 -22.19
N LEU C 267 -15.83 -7.37 -20.97
CA LEU C 267 -14.94 -6.32 -20.49
C LEU C 267 -13.47 -6.76 -20.47
N LEU C 268 -13.21 -7.93 -19.90
CA LEU C 268 -11.85 -8.49 -19.83
C LEU C 268 -11.27 -8.74 -21.21
N TYR C 269 -12.15 -8.99 -22.19
CA TYR C 269 -11.71 -9.15 -23.57
C TYR C 269 -11.25 -7.80 -24.12
N GLY C 270 -12.10 -6.79 -23.97
CA GLY C 270 -11.81 -5.46 -24.49
C GLY C 270 -10.52 -4.89 -23.95
N ILE C 271 -10.39 -4.91 -22.62
CA ILE C 271 -9.20 -4.38 -21.94
C ILE C 271 -7.94 -5.00 -22.51
N GLU C 272 -7.89 -6.33 -22.55
CA GLU C 272 -6.72 -7.05 -23.04
C GLU C 272 -6.45 -6.79 -24.53
N HIS C 273 -7.50 -6.48 -25.29
CA HIS C 273 -7.35 -6.28 -26.73
C HIS C 273 -7.25 -4.83 -27.18
N GLY C 274 -7.17 -3.93 -26.20
CA GLY C 274 -6.91 -2.52 -26.49
C GLY C 274 -8.10 -1.75 -27.00
N PHE C 275 -9.32 -2.25 -26.74
CA PHE C 275 -10.53 -1.48 -27.09
C PHE C 275 -10.64 -0.26 -26.20
N ASP C 276 -11.30 0.79 -26.68
CA ASP C 276 -11.59 1.90 -25.79
C ASP C 276 -12.72 1.49 -24.85
N TRP C 277 -13.11 2.36 -23.93
CA TRP C 277 -14.11 2.00 -22.93
C TRP C 277 -15.51 1.86 -23.53
N ALA C 278 -15.84 2.70 -24.50
CA ALA C 278 -17.12 2.63 -25.19
C ALA C 278 -17.31 1.28 -25.87
N THR C 279 -16.28 0.83 -26.59
CA THR C 279 -16.33 -0.41 -27.32
C THR C 279 -16.25 -1.63 -26.38
N ALA C 280 -15.30 -1.63 -25.44
CA ALA C 280 -15.21 -2.72 -24.47
C ALA C 280 -16.54 -2.92 -23.74
N GLY C 281 -17.15 -1.81 -23.31
CA GLY C 281 -18.42 -1.83 -22.59
C GLY C 281 -19.59 -2.29 -23.46
N ARG C 282 -19.51 -2.01 -24.75
CA ARG C 282 -20.58 -2.39 -25.66
C ARG C 282 -20.57 -3.89 -25.91
N LEU C 283 -19.37 -4.48 -25.97
CA LEU C 283 -19.22 -5.93 -26.07
C LEU C 283 -19.68 -6.62 -24.79
N ALA C 284 -19.39 -5.99 -23.65
CA ALA C 284 -19.88 -6.48 -22.36
C ALA C 284 -21.43 -6.58 -22.35
N SER C 285 -22.10 -5.49 -22.78
CA SER C 285 -23.57 -5.49 -22.84
C SER C 285 -24.14 -6.48 -23.85
N LEU C 286 -23.42 -6.66 -24.96
CA LEU C 286 -23.77 -7.70 -25.90
C LEU C 286 -23.74 -9.09 -25.24
N MET C 287 -22.67 -9.38 -24.49
CA MET C 287 -22.55 -10.69 -23.85
C MET C 287 -23.70 -10.93 -22.87
N GLY C 288 -24.08 -9.87 -22.15
CA GLY C 288 -25.19 -9.91 -21.21
C GLY C 288 -26.51 -10.24 -21.89
N ALA C 289 -26.81 -9.56 -23.00
CA ALA C 289 -28.03 -9.83 -23.77
C ALA C 289 -28.00 -11.19 -24.43
N LEU C 290 -26.84 -11.58 -24.96
CA LEU C 290 -26.68 -12.92 -25.51
C LEU C 290 -27.06 -13.97 -24.47
N LYS C 291 -26.59 -13.79 -23.23
CA LYS C 291 -26.85 -14.72 -22.12
C LYS C 291 -28.31 -14.78 -21.60
N ILE C 292 -28.96 -13.62 -21.45
CA ILE C 292 -30.29 -13.55 -20.83
C ILE C 292 -31.37 -14.37 -21.57
N ALA C 293 -31.17 -14.57 -22.87
CA ALA C 293 -32.08 -15.36 -23.70
C ALA C 293 -32.10 -16.85 -23.32
N HIS C 294 -31.28 -17.23 -22.35
CA HIS C 294 -31.13 -18.63 -21.97
C HIS C 294 -31.16 -18.84 -20.45
N GLN C 295 -31.59 -20.03 -20.03
CA GLN C 295 -31.73 -20.35 -18.62
C GLN C 295 -30.38 -20.82 -18.04
N GLY C 296 -29.91 -20.12 -17.03
CA GLY C 296 -28.67 -20.50 -16.33
C GLY C 296 -27.54 -19.57 -16.76
N PRO C 297 -26.38 -19.69 -16.09
CA PRO C 297 -25.36 -18.69 -16.43
C PRO C 297 -24.51 -18.99 -17.66
N GLN C 298 -24.27 -20.26 -17.99
CA GLN C 298 -23.40 -20.62 -19.12
C GLN C 298 -24.07 -21.50 -20.16
N THR C 299 -25.40 -21.39 -20.22
CA THR C 299 -26.25 -22.18 -21.12
C THR C 299 -26.19 -21.69 -22.56
N TYR C 300 -26.14 -20.37 -22.71
CA TYR C 300 -25.95 -19.71 -24.00
C TYR C 300 -24.61 -20.16 -24.59
N ALA C 301 -24.56 -20.29 -25.91
CA ALA C 301 -23.34 -20.75 -26.57
C ALA C 301 -23.10 -20.12 -27.95
N PRO C 302 -23.14 -18.78 -28.03
CA PRO C 302 -23.00 -18.12 -29.34
C PRO C 302 -21.61 -18.40 -29.91
N THR C 303 -21.50 -18.50 -31.23
CA THR C 303 -20.18 -18.67 -31.87
C THR C 303 -19.55 -17.30 -32.01
N ARG C 304 -18.27 -17.28 -32.39
CA ARG C 304 -17.57 -16.03 -32.62
C ARG C 304 -18.13 -15.23 -33.81
N ALA C 305 -18.52 -15.92 -34.90
CA ALA C 305 -19.19 -15.27 -36.04
C ALA C 305 -20.52 -14.59 -35.66
N GLU C 306 -21.32 -15.29 -34.87
CA GLU C 306 -22.61 -14.80 -34.40
C GLU C 306 -22.47 -13.59 -33.47
N ILE C 307 -21.44 -13.63 -32.60
CA ILE C 307 -21.14 -12.50 -31.72
C ILE C 307 -20.70 -11.28 -32.56
N ASP C 308 -19.88 -11.53 -33.57
CA ASP C 308 -19.49 -10.47 -34.52
C ASP C 308 -20.73 -9.86 -35.17
N ALA C 309 -21.61 -10.73 -35.68
CA ALA C 309 -22.79 -10.29 -36.41
C ALA C 309 -23.72 -9.46 -35.52
N ARG C 310 -24.02 -9.98 -34.33
CA ARG C 310 -24.91 -9.27 -33.40
C ARG C 310 -24.32 -7.93 -32.97
N PHE C 311 -23.01 -7.90 -32.76
CA PHE C 311 -22.33 -6.64 -32.40
C PHE C 311 -22.52 -5.58 -33.47
N GLU C 312 -22.21 -5.94 -34.71
CA GLU C 312 -22.31 -4.99 -35.81
C GLU C 312 -23.76 -4.55 -36.05
N THR C 313 -24.70 -5.49 -35.92
CA THR C 313 -26.14 -5.19 -36.02
C THR C 313 -26.63 -4.15 -35.00
N ALA C 314 -26.19 -4.32 -33.75
CA ALA C 314 -26.62 -3.45 -32.67
C ALA C 314 -25.89 -2.10 -32.66
N PHE C 315 -24.68 -2.05 -33.24
CA PHE C 315 -23.79 -0.89 -33.08
C PHE C 315 -23.17 -0.30 -34.35
N GLY C 316 -23.33 -0.98 -35.48
CA GLY C 316 -22.85 -0.47 -36.77
C GLY C 316 -21.35 -0.43 -36.99
N TYR C 317 -20.61 -1.35 -36.37
CA TYR C 317 -19.17 -1.54 -36.65
C TYR C 317 -18.65 -2.83 -36.03
N ARG C 318 -17.42 -3.21 -36.39
CA ARG C 318 -16.77 -4.39 -35.84
C ARG C 318 -15.41 -4.00 -35.24
N PRO C 319 -15.24 -4.19 -33.93
CA PRO C 319 -14.00 -3.73 -33.30
C PRO C 319 -12.85 -4.69 -33.54
N ALA D 10 19.97 -24.30 -58.41
CA ALA D 10 19.14 -23.97 -57.21
C ALA D 10 19.82 -24.40 -55.90
N THR D 11 19.60 -23.65 -54.82
CA THR D 11 20.30 -23.86 -53.55
C THR D 11 19.33 -23.92 -52.35
N LEU D 12 19.31 -25.07 -51.67
CA LEU D 12 18.44 -25.20 -50.51
C LEU D 12 19.17 -24.68 -49.28
N ILE D 13 18.49 -23.83 -48.52
CA ILE D 13 19.09 -23.25 -47.32
C ILE D 13 18.27 -23.64 -46.08
N CYS D 14 18.73 -24.68 -45.40
CA CYS D 14 18.08 -25.17 -44.20
C CYS D 14 18.65 -24.46 -42.99
N GLY D 15 17.76 -24.04 -42.09
CA GLY D 15 18.18 -23.33 -40.89
C GLY D 15 17.08 -22.41 -40.37
N SER D 16 17.37 -21.72 -39.27
CA SER D 16 16.36 -20.91 -38.59
C SER D 16 15.92 -19.69 -39.38
N ILE D 17 14.66 -19.31 -39.20
CA ILE D 17 14.17 -18.00 -39.62
C ILE D 17 13.70 -17.35 -38.32
N ALA D 18 14.21 -16.16 -38.06
CA ALA D 18 14.02 -15.54 -36.76
C ALA D 18 14.02 -14.03 -36.83
N TYR D 19 13.48 -13.42 -35.77
CA TYR D 19 13.65 -12.00 -35.54
C TYR D 19 14.76 -11.80 -34.53
N ASP D 20 15.67 -10.89 -34.85
CA ASP D 20 16.83 -10.62 -34.02
C ASP D 20 16.71 -9.29 -33.24
N ASN D 21 16.96 -9.40 -31.94
CA ASN D 21 17.13 -8.23 -31.08
C ASN D 21 18.57 -8.19 -30.63
N ILE D 22 19.34 -7.32 -31.26
CA ILE D 22 20.77 -7.32 -31.06
C ILE D 22 21.22 -6.14 -30.20
N MET D 23 21.99 -6.48 -29.18
CA MET D 23 22.56 -5.52 -28.27
C MET D 23 24.08 -5.63 -28.42
N THR D 24 24.64 -4.80 -29.31
CA THR D 24 26.07 -4.84 -29.58
C THR D 24 26.80 -3.86 -28.69
N PHE D 25 27.68 -4.40 -27.86
CA PHE D 25 28.58 -3.59 -27.08
C PHE D 25 29.50 -2.88 -28.06
N GLU D 26 29.53 -1.55 -27.97
CA GLU D 26 30.44 -0.74 -28.78
C GLU D 26 31.84 -0.85 -28.17
N GLY D 27 32.44 -2.02 -28.37
CA GLY D 27 33.68 -2.39 -27.71
C GLY D 27 33.92 -3.88 -27.84
N ARG D 28 34.72 -4.40 -26.93
CA ARG D 28 35.15 -5.78 -26.97
C ARG D 28 35.21 -6.35 -25.57
N PHE D 29 34.49 -7.45 -25.36
CA PHE D 29 34.42 -8.11 -24.05
C PHE D 29 35.79 -8.52 -23.54
N ARG D 30 36.68 -8.87 -24.47
CA ARG D 30 38.03 -9.34 -24.15
C ARG D 30 38.81 -8.30 -23.34
N GLU D 31 38.47 -7.03 -23.51
CA GLU D 31 39.12 -5.95 -22.79
C GLU D 31 38.58 -5.73 -21.39
N HIS D 32 37.39 -6.24 -21.08
CA HIS D 32 36.80 -5.99 -19.76
C HIS D 32 36.80 -7.21 -18.84
N ILE D 33 37.47 -8.27 -19.27
CA ILE D 33 37.55 -9.48 -18.45
C ILE D 33 38.65 -9.37 -17.41
N LEU D 34 38.34 -9.81 -16.20
CA LEU D 34 39.31 -9.87 -15.13
C LEU D 34 39.27 -11.28 -14.56
N PRO D 35 40.18 -12.15 -15.04
CA PRO D 35 40.14 -13.56 -14.65
C PRO D 35 40.46 -13.75 -13.17
N ASP D 36 41.35 -12.91 -12.65
CA ASP D 36 41.78 -12.97 -11.25
C ASP D 36 40.71 -12.56 -10.25
N GLN D 37 39.47 -12.39 -10.73
CA GLN D 37 38.36 -12.00 -9.89
C GLN D 37 37.27 -13.06 -9.95
N VAL D 38 36.51 -13.21 -8.86
CA VAL D 38 35.37 -14.11 -8.82
C VAL D 38 34.34 -13.79 -9.92
N HIS D 39 34.05 -12.49 -10.12
CA HIS D 39 33.23 -12.02 -11.23
C HIS D 39 34.12 -11.70 -12.42
N LEU D 40 33.97 -12.46 -13.50
CA LEU D 40 34.82 -12.33 -14.69
C LEU D 40 34.58 -11.04 -15.49
N ILE D 41 33.33 -10.61 -15.55
CA ILE D 41 32.95 -9.46 -16.37
C ILE D 41 31.63 -8.90 -15.86
N ASN D 42 31.64 -7.59 -15.60
CA ASN D 42 30.40 -6.82 -15.47
C ASN D 42 30.44 -5.76 -16.54
N LEU D 43 29.32 -5.56 -17.23
CA LEU D 43 29.16 -4.45 -18.15
C LEU D 43 27.73 -3.97 -18.02
N SER D 44 27.52 -2.69 -18.26
CA SER D 44 26.19 -2.11 -18.32
C SER D 44 26.33 -0.94 -19.24
N PHE D 45 25.86 -1.09 -20.47
CA PHE D 45 26.13 -0.11 -21.51
C PHE D 45 24.85 0.48 -22.08
N LEU D 46 24.91 1.78 -22.36
CA LEU D 46 23.82 2.55 -22.91
C LEU D 46 23.44 2.03 -24.29
N VAL D 47 22.14 1.81 -24.48
CA VAL D 47 21.63 1.40 -25.79
C VAL D 47 20.52 2.35 -26.22
N PRO D 48 20.43 2.59 -27.55
CA PRO D 48 19.23 3.19 -28.11
C PRO D 48 18.06 2.23 -28.00
N THR D 49 16.84 2.72 -28.23
CA THR D 49 15.65 1.85 -28.20
C THR D 49 15.69 0.77 -29.30
N MET D 50 14.93 -0.31 -29.09
CA MET D 50 14.94 -1.51 -29.96
C MET D 50 14.57 -1.34 -31.42
N ARG D 51 14.79 -2.43 -32.16
CA ARG D 51 14.64 -2.49 -33.61
C ARG D 51 14.68 -3.97 -34.01
N ARG D 52 13.52 -4.60 -33.99
CA ARG D 52 13.35 -6.01 -34.35
C ARG D 52 13.80 -6.26 -35.78
N GLU D 53 14.95 -6.93 -35.92
CA GLU D 53 15.60 -7.17 -37.23
C GLU D 53 15.24 -8.53 -37.86
N PHE D 54 15.34 -8.61 -39.18
CA PHE D 54 15.18 -9.85 -39.91
C PHE D 54 16.48 -10.65 -39.74
N GLY D 55 16.34 -11.87 -39.23
CA GLY D 55 17.51 -12.69 -38.85
C GLY D 55 17.20 -14.17 -38.99
N GLY D 56 17.89 -15.01 -38.23
CA GLY D 56 17.79 -16.47 -38.43
C GLY D 56 18.79 -16.94 -39.47
N CYS D 57 19.39 -18.12 -39.26
CA CYS D 57 20.51 -18.58 -40.11
C CYS D 57 20.11 -18.87 -41.56
N ALA D 58 19.00 -19.58 -41.79
CA ALA D 58 18.52 -19.71 -43.17
C ALA D 58 18.15 -18.36 -43.79
N GLY D 59 17.59 -17.47 -42.98
CA GLY D 59 17.16 -16.16 -43.48
C GLY D 59 18.35 -15.32 -43.90
N ASN D 60 19.41 -15.42 -43.12
CA ASN D 60 20.62 -14.65 -43.35
C ASN D 60 21.39 -15.18 -44.57
N ILE D 61 21.52 -16.51 -44.67
CA ILE D 61 22.30 -17.12 -45.74
C ILE D 61 21.65 -16.87 -47.09
N ALA D 62 20.34 -17.15 -47.18
CA ALA D 62 19.55 -16.95 -48.40
C ALA D 62 19.62 -15.51 -48.87
N TYR D 63 19.64 -14.59 -47.92
CA TYR D 63 19.71 -13.16 -48.21
C TYR D 63 20.99 -12.80 -48.93
N ALA D 64 22.11 -13.26 -48.37
CA ALA D 64 23.43 -13.03 -48.94
C ALA D 64 23.55 -13.64 -50.34
N LEU D 65 23.11 -14.89 -50.49
CA LEU D 65 23.17 -15.55 -51.80
C LEU D 65 22.38 -14.74 -52.83
N ASN D 66 21.15 -14.37 -52.46
CA ASN D 66 20.28 -13.57 -53.31
C ASN D 66 20.87 -12.24 -53.75
N LEU D 67 21.53 -11.53 -52.83
CA LEU D 67 22.24 -10.30 -53.20
C LEU D 67 23.23 -10.56 -54.34
N LEU D 68 23.77 -11.76 -54.36
CA LEU D 68 24.74 -12.15 -55.36
C LEU D 68 24.10 -12.63 -56.65
N GLY D 69 22.78 -12.79 -56.65
CA GLY D 69 22.09 -13.24 -57.87
C GLY D 69 22.01 -14.75 -57.97
N GLY D 70 22.48 -15.43 -56.94
CA GLY D 70 22.25 -16.86 -56.78
C GLY D 70 20.78 -17.14 -56.53
N ASP D 71 20.40 -18.42 -56.64
CA ASP D 71 19.02 -18.83 -56.43
C ASP D 71 18.89 -19.51 -55.06
N ALA D 72 18.24 -18.82 -54.13
CA ALA D 72 18.18 -19.22 -52.72
C ALA D 72 16.79 -19.71 -52.32
N ARG D 73 16.67 -21.00 -52.04
CA ARG D 73 15.41 -21.55 -51.54
C ARG D 73 15.50 -21.82 -50.04
N MET D 74 14.83 -20.95 -49.27
CA MET D 74 14.75 -21.07 -47.83
C MET D 74 13.90 -22.26 -47.43
N MET D 75 14.45 -23.10 -46.56
CA MET D 75 13.70 -24.17 -45.95
C MET D 75 13.77 -23.96 -44.44
N GLY D 76 12.65 -23.54 -43.87
CA GLY D 76 12.57 -23.23 -42.46
C GLY D 76 11.12 -23.11 -42.03
N THR D 77 10.92 -22.79 -40.76
CA THR D 77 9.58 -22.71 -40.22
C THR D 77 9.39 -21.39 -39.48
N LEU D 78 8.35 -20.65 -39.87
CA LEU D 78 7.97 -19.41 -39.20
C LEU D 78 6.65 -19.60 -38.46
N GLY D 79 6.40 -18.74 -37.47
CA GLY D 79 5.16 -18.81 -36.71
C GLY D 79 4.10 -17.89 -37.30
N ALA D 80 2.89 -18.41 -37.48
CA ALA D 80 1.82 -17.65 -38.12
C ALA D 80 1.49 -16.35 -37.42
N VAL D 81 1.69 -16.31 -36.10
CA VAL D 81 1.30 -15.12 -35.31
C VAL D 81 2.03 -13.86 -35.82
N ASP D 82 3.31 -14.00 -36.19
CA ASP D 82 4.12 -12.86 -36.63
C ASP D 82 4.94 -13.10 -37.92
N ALA D 83 4.56 -14.12 -38.68
CA ALA D 83 5.30 -14.51 -39.90
C ALA D 83 5.16 -13.53 -41.05
N GLN D 84 4.03 -12.82 -41.13
CA GLN D 84 3.74 -11.97 -42.30
C GLN D 84 4.80 -10.93 -42.68
N PRO D 85 5.34 -10.19 -41.69
CA PRO D 85 6.35 -9.21 -42.06
C PRO D 85 7.56 -9.84 -42.75
N TYR D 86 8.06 -10.94 -42.20
CA TYR D 86 9.15 -11.66 -42.84
C TYR D 86 8.74 -12.15 -44.23
N LEU D 87 7.58 -12.79 -44.33
CA LEU D 87 7.09 -13.33 -45.62
C LEU D 87 6.95 -12.25 -46.70
N ASP D 88 6.38 -11.09 -46.32
CA ASP D 88 6.18 -9.96 -47.25
C ASP D 88 7.53 -9.42 -47.78
N ARG D 89 8.53 -9.38 -46.90
CA ARG D 89 9.85 -8.90 -47.30
C ARG D 89 10.55 -9.95 -48.18
N MET D 90 10.32 -11.23 -47.88
CA MET D 90 10.76 -12.30 -48.78
C MET D 90 10.20 -12.03 -50.18
N ASP D 91 8.94 -11.62 -50.24
CA ASP D 91 8.29 -11.20 -51.48
C ASP D 91 9.05 -10.07 -52.15
N ALA D 92 9.31 -9.01 -51.40
CA ALA D 92 10.00 -7.81 -51.89
C ALA D 92 11.39 -8.12 -52.46
N LEU D 93 12.11 -9.01 -51.81
CA LEU D 93 13.50 -9.34 -52.14
C LEU D 93 13.61 -10.34 -53.30
N GLY D 94 12.51 -11.06 -53.56
CA GLY D 94 12.49 -12.10 -54.59
C GLY D 94 12.84 -13.50 -54.10
N LEU D 95 12.65 -13.74 -52.80
CA LEU D 95 12.99 -15.03 -52.18
C LEU D 95 11.80 -15.97 -52.17
N SER D 96 11.95 -17.14 -52.78
CA SER D 96 10.89 -18.15 -52.84
C SER D 96 10.45 -18.61 -51.46
N ARG D 97 9.15 -18.80 -51.28
CA ARG D 97 8.57 -19.21 -50.01
C ARG D 97 8.07 -20.65 -50.04
N GLU D 98 8.42 -21.37 -51.11
CA GLU D 98 7.98 -22.74 -51.34
C GLU D 98 8.29 -23.74 -50.22
N TYR D 99 9.41 -23.54 -49.52
CA TYR D 99 9.75 -24.38 -48.37
C TYR D 99 9.83 -23.60 -47.05
N VAL D 100 9.23 -22.41 -47.04
CA VAL D 100 9.04 -21.62 -45.82
C VAL D 100 7.67 -21.98 -45.25
N ARG D 101 7.65 -22.93 -44.33
CA ARG D 101 6.40 -23.46 -43.79
C ARG D 101 5.97 -22.73 -42.52
N VAL D 102 4.72 -22.26 -42.52
CA VAL D 102 4.19 -21.38 -41.49
C VAL D 102 3.25 -22.17 -40.58
N LEU D 103 3.56 -22.21 -39.29
CA LEU D 103 2.83 -23.04 -38.35
C LEU D 103 1.71 -22.26 -37.66
N PRO D 104 0.46 -22.71 -37.85
CA PRO D 104 -0.68 -21.94 -37.35
C PRO D 104 -0.61 -21.73 -35.84
N ASP D 105 -0.90 -20.51 -35.40
CA ASP D 105 -1.00 -20.17 -33.97
C ASP D 105 0.29 -20.47 -33.19
N THR D 106 1.42 -20.15 -33.80
CA THR D 106 2.71 -20.30 -33.15
C THR D 106 3.51 -19.01 -33.33
N TYR D 107 4.52 -18.81 -32.50
CA TYR D 107 5.40 -17.65 -32.62
C TYR D 107 6.62 -18.01 -33.44
N SER D 108 7.08 -17.07 -34.26
CA SER D 108 8.38 -17.20 -34.91
C SER D 108 9.48 -17.20 -33.87
N ALA D 109 10.58 -17.91 -34.17
CA ALA D 109 11.77 -17.83 -33.31
C ALA D 109 12.21 -16.37 -33.14
N GLN D 110 12.62 -15.99 -31.93
CA GLN D 110 13.20 -14.67 -31.70
C GLN D 110 14.43 -14.77 -30.83
N ALA D 111 15.49 -14.04 -31.22
CA ALA D 111 16.78 -14.09 -30.55
C ALA D 111 17.11 -12.79 -29.81
N MET D 112 17.53 -12.90 -28.56
CA MET D 112 18.12 -11.76 -27.85
C MET D 112 19.63 -11.95 -27.86
N ILE D 113 20.31 -11.18 -28.69
CA ILE D 113 21.74 -11.39 -28.91
C ILE D 113 22.54 -10.27 -28.29
N THR D 114 23.37 -10.62 -27.32
CA THR D 114 24.26 -9.66 -26.69
C THR D 114 25.66 -9.90 -27.21
N THR D 115 26.24 -8.87 -27.81
CA THR D 115 27.49 -9.04 -28.54
C THR D 115 28.47 -7.88 -28.40
N ASP D 116 29.57 -8.01 -29.12
CA ASP D 116 30.63 -7.03 -29.16
C ASP D 116 31.20 -7.03 -30.56
N LEU D 117 32.16 -6.15 -30.82
CA LEU D 117 32.73 -5.98 -32.16
C LEU D 117 33.55 -7.19 -32.61
N ASP D 118 33.86 -8.08 -31.67
CA ASP D 118 34.54 -9.34 -31.93
C ASP D 118 33.61 -10.50 -32.25
N ASN D 119 32.30 -10.23 -32.33
CA ASN D 119 31.29 -11.24 -32.65
C ASN D 119 31.18 -12.35 -31.60
N ASN D 120 31.44 -11.98 -30.34
CA ASN D 120 31.22 -12.86 -29.21
C ASN D 120 29.71 -12.88 -28.87
N GLN D 121 28.93 -13.63 -29.65
CA GLN D 121 27.47 -13.67 -29.46
C GLN D 121 27.08 -14.54 -28.29
N ILE D 122 26.45 -13.93 -27.28
CA ILE D 122 25.81 -14.65 -26.18
C ILE D 122 24.31 -14.45 -26.34
N THR D 123 23.61 -15.54 -26.66
CA THR D 123 22.25 -15.44 -27.15
C THR D 123 21.28 -16.24 -26.31
N ALA D 124 20.17 -15.60 -25.96
CA ALA D 124 19.02 -16.30 -25.40
C ALA D 124 17.99 -16.45 -26.54
N PHE D 125 17.64 -17.69 -26.83
CA PHE D 125 16.87 -18.01 -28.04
C PHE D 125 15.57 -18.71 -27.69
N HIS D 126 14.45 -18.06 -28.04
CA HIS D 126 13.10 -18.59 -27.83
C HIS D 126 12.69 -19.21 -29.16
N PRO D 127 12.80 -20.54 -29.30
CA PRO D 127 12.74 -21.10 -30.64
C PRO D 127 11.36 -21.11 -31.30
N GLY D 128 10.30 -21.25 -30.51
CA GLY D 128 8.92 -21.34 -31.04
C GLY D 128 8.78 -22.27 -32.23
N ALA D 129 8.42 -21.70 -33.38
CA ALA D 129 8.17 -22.49 -34.59
C ALA D 129 9.38 -23.27 -35.09
N MET D 130 10.58 -22.85 -34.70
CA MET D 130 11.80 -23.57 -35.07
C MET D 130 11.83 -25.00 -34.51
N MET D 131 11.14 -25.21 -33.40
CA MET D 131 11.04 -26.53 -32.78
C MET D 131 10.28 -27.54 -33.66
N GLN D 132 9.64 -27.04 -34.72
CA GLN D 132 8.87 -27.87 -35.63
C GLN D 132 9.54 -28.06 -36.98
N SER D 133 10.78 -27.59 -37.12
CA SER D 133 11.45 -27.48 -38.42
C SER D 133 11.52 -28.80 -39.19
N HIS D 134 11.43 -29.91 -38.49
CA HIS D 134 11.46 -31.23 -39.09
C HIS D 134 10.26 -31.56 -40.00
N VAL D 135 9.25 -30.69 -40.03
CA VAL D 135 8.10 -30.86 -40.95
C VAL D 135 8.49 -30.69 -42.41
N ASN D 136 9.60 -29.99 -42.63
CA ASN D 136 10.18 -29.87 -43.94
C ASN D 136 11.11 -31.04 -44.18
N HIS D 137 11.02 -31.62 -45.37
CA HIS D 137 11.83 -32.76 -45.76
C HIS D 137 12.63 -32.36 -46.97
N ALA D 138 13.92 -32.14 -46.76
CA ALA D 138 14.86 -31.77 -47.83
C ALA D 138 14.85 -32.78 -48.98
N GLY D 139 14.47 -34.03 -48.68
CA GLY D 139 14.27 -35.05 -49.71
C GLY D 139 13.20 -34.70 -50.73
N GLU D 140 12.28 -33.81 -50.35
CA GLU D 140 11.16 -33.43 -51.21
C GLU D 140 11.44 -32.18 -52.05
N ALA D 141 12.61 -31.55 -51.84
CA ALA D 141 12.93 -30.30 -52.55
C ALA D 141 13.41 -30.56 -53.97
N LYS D 142 12.60 -30.16 -54.95
CA LYS D 142 12.91 -30.41 -56.36
C LYS D 142 13.98 -29.51 -56.92
N ASP D 143 14.78 -30.07 -57.82
CA ASP D 143 15.78 -29.33 -58.62
C ASP D 143 16.79 -28.55 -57.79
N ILE D 144 17.29 -29.19 -56.75
CA ILE D 144 18.32 -28.60 -55.91
C ILE D 144 19.63 -29.30 -56.23
N LYS D 145 20.70 -28.53 -56.37
CA LYS D 145 22.00 -29.09 -56.72
C LYS D 145 23.04 -28.86 -55.62
N LEU D 146 22.76 -27.92 -54.72
CA LEU D 146 23.63 -27.64 -53.58
C LEU D 146 22.81 -27.20 -52.37
N ALA D 147 23.23 -27.59 -51.18
CA ALA D 147 22.50 -27.25 -49.98
C ALA D 147 23.41 -26.84 -48.84
N ILE D 148 22.81 -26.19 -47.85
CA ILE D 148 23.46 -25.98 -46.57
C ILE D 148 22.48 -26.35 -45.46
N VAL D 149 23.00 -26.99 -44.44
CA VAL D 149 22.25 -27.35 -43.25
C VAL D 149 22.88 -26.56 -42.14
N GLY D 150 22.13 -25.61 -41.61
CA GLY D 150 22.62 -24.72 -40.57
C GLY D 150 21.77 -24.87 -39.33
N PRO D 151 22.07 -24.07 -38.29
CA PRO D 151 21.40 -24.15 -36.99
C PRO D 151 19.89 -24.03 -37.12
N ASP D 152 19.19 -24.93 -36.43
CA ASP D 152 17.76 -25.13 -36.58
C ASP D 152 17.37 -25.98 -35.37
N GLY D 153 16.11 -26.42 -35.30
CA GLY D 153 15.73 -27.42 -34.29
C GLY D 153 16.53 -28.70 -34.52
N PHE D 154 16.85 -29.42 -33.44
CA PHE D 154 17.75 -30.57 -33.52
C PHE D 154 17.22 -31.72 -34.39
N GLN D 155 15.95 -32.07 -34.20
CA GLN D 155 15.35 -33.10 -35.04
C GLN D 155 15.45 -32.66 -36.50
N GLY D 156 15.14 -31.38 -36.74
CA GLY D 156 15.19 -30.79 -38.08
C GLY D 156 16.56 -30.83 -38.73
N MET D 157 17.60 -30.45 -37.98
CA MET D 157 18.98 -30.52 -38.48
C MET D 157 19.40 -31.95 -38.86
N VAL D 158 19.16 -32.90 -37.95
CA VAL D 158 19.56 -34.28 -38.18
C VAL D 158 18.87 -34.78 -39.44
N GLN D 159 17.55 -34.64 -39.47
CA GLN D 159 16.74 -35.02 -40.63
C GLN D 159 17.31 -34.52 -41.97
N HIS D 160 17.61 -33.22 -42.06
CA HIS D 160 18.10 -32.63 -43.31
C HIS D 160 19.37 -33.30 -43.73
N THR D 161 20.29 -33.45 -42.78
CA THR D 161 21.57 -34.11 -42.99
C THR D 161 21.35 -35.50 -43.57
N GLU D 162 20.40 -36.25 -43.01
CA GLU D 162 20.12 -37.62 -43.44
C GLU D 162 19.51 -37.63 -44.83
N GLU D 163 18.48 -36.82 -45.02
CA GLU D 163 17.70 -36.77 -46.25
C GLU D 163 18.45 -36.20 -47.45
N LEU D 164 19.31 -35.21 -47.21
CA LEU D 164 20.14 -34.71 -48.29
C LEU D 164 21.15 -35.76 -48.77
N ALA D 165 21.75 -36.48 -47.84
CA ALA D 165 22.77 -37.50 -48.18
C ALA D 165 22.20 -38.62 -49.04
N GLN D 166 20.97 -39.04 -48.72
CA GLN D 166 20.27 -40.08 -49.50
C GLN D 166 19.78 -39.58 -50.86
N ALA D 167 19.62 -38.26 -51.00
CA ALA D 167 19.16 -37.66 -52.25
C ALA D 167 20.34 -37.34 -53.15
N GLY D 168 21.55 -37.43 -52.58
CA GLY D 168 22.76 -37.16 -53.33
C GLY D 168 22.99 -35.68 -53.57
N VAL D 169 22.59 -34.86 -52.61
CA VAL D 169 22.78 -33.42 -52.70
C VAL D 169 24.02 -33.08 -51.90
N PRO D 170 25.04 -32.49 -52.57
CA PRO D 170 26.20 -32.02 -51.82
C PRO D 170 25.73 -30.97 -50.84
N PHE D 171 26.25 -30.98 -49.61
CA PHE D 171 25.89 -29.93 -48.67
C PHE D 171 27.00 -29.51 -47.74
N ILE D 172 26.93 -28.22 -47.36
CA ILE D 172 27.75 -27.65 -46.33
C ILE D 172 26.98 -27.90 -45.03
N PHE D 173 27.68 -28.38 -44.02
CA PHE D 173 27.08 -28.53 -42.71
C PHE D 173 27.68 -27.44 -41.83
N ASP D 174 26.83 -26.54 -41.34
CA ASP D 174 27.28 -25.47 -40.44
C ASP D 174 26.45 -25.57 -39.18
N PRO D 175 26.90 -26.35 -38.19
CA PRO D 175 26.03 -26.56 -37.04
C PRO D 175 26.01 -25.38 -36.05
N GLY D 176 27.04 -24.54 -36.09
CA GLY D 176 27.08 -23.31 -35.28
C GLY D 176 26.37 -23.35 -33.93
N GLN D 177 25.36 -22.50 -33.76
CA GLN D 177 24.70 -22.32 -32.46
C GLN D 177 23.97 -23.56 -31.90
N GLY D 178 23.70 -24.52 -32.78
CA GLY D 178 22.99 -25.72 -32.41
C GLY D 178 23.87 -26.89 -31.98
N LEU D 179 25.19 -26.71 -31.88
CA LEU D 179 26.10 -27.71 -31.31
C LEU D 179 25.69 -28.33 -29.94
N PRO D 180 25.14 -27.52 -29.00
CA PRO D 180 24.80 -28.12 -27.69
C PRO D 180 23.74 -29.21 -27.77
N LEU D 181 23.04 -29.27 -28.90
CA LEU D 181 21.99 -30.24 -29.13
C LEU D 181 22.57 -31.59 -29.53
N PHE D 182 23.83 -31.59 -29.98
CA PHE D 182 24.47 -32.80 -30.52
C PHE D 182 25.30 -33.51 -29.46
N ASP D 183 25.56 -34.80 -29.71
CA ASP D 183 26.56 -35.56 -28.96
C ASP D 183 27.67 -36.04 -29.90
N GLY D 184 28.69 -36.72 -29.35
CA GLY D 184 29.76 -37.28 -30.17
C GLY D 184 29.27 -38.04 -31.39
N ALA D 185 28.36 -39.00 -31.16
CA ALA D 185 27.84 -39.86 -32.22
C ALA D 185 27.05 -39.13 -33.30
N THR D 186 26.04 -38.33 -32.90
CA THR D 186 25.22 -37.63 -33.90
C THR D 186 26.02 -36.57 -34.67
N LEU D 187 27.07 -36.03 -34.07
CA LEU D 187 27.90 -35.03 -34.71
C LEU D 187 28.87 -35.68 -35.68
N ARG D 188 29.43 -36.82 -35.27
CA ARG D 188 30.28 -37.61 -36.15
C ARG D 188 29.47 -38.13 -37.33
N ARG D 189 28.21 -38.46 -37.09
CA ARG D 189 27.29 -38.91 -38.15
C ARG D 189 27.10 -37.84 -39.22
N SER D 190 26.82 -36.62 -38.78
CA SER D 190 26.54 -35.48 -39.66
C SER D 190 27.75 -35.00 -40.46
N ILE D 191 28.93 -35.08 -39.87
CA ILE D 191 30.16 -34.70 -40.55
C ILE D 191 30.42 -35.72 -41.64
N GLU D 192 30.13 -36.98 -41.31
CA GLU D 192 30.31 -38.10 -42.24
C GLU D 192 29.41 -37.92 -43.46
N LEU D 193 28.19 -37.43 -43.22
CA LEU D 193 27.22 -37.16 -44.28
C LEU D 193 27.50 -35.88 -45.07
N ALA D 194 28.18 -34.92 -44.43
CA ALA D 194 28.51 -33.64 -45.06
C ALA D 194 29.59 -33.74 -46.15
N THR D 195 29.50 -32.87 -47.15
CA THR D 195 30.52 -32.72 -48.19
C THR D 195 31.51 -31.64 -47.78
N TYR D 196 30.97 -30.61 -47.15
CA TYR D 196 31.74 -29.48 -46.66
C TYR D 196 31.33 -29.17 -45.23
N ILE D 197 32.27 -28.67 -44.44
CA ILE D 197 31.90 -28.03 -43.17
C ILE D 197 32.46 -26.59 -43.12
N ALA D 198 31.61 -25.66 -42.69
CA ALA D 198 32.04 -24.29 -42.46
C ALA D 198 31.56 -23.89 -41.09
N VAL D 199 32.50 -23.43 -40.26
CA VAL D 199 32.21 -22.94 -38.91
C VAL D 199 33.19 -21.81 -38.58
N ASN D 200 32.87 -21.01 -37.55
CA ASN D 200 33.87 -20.05 -37.07
C ASN D 200 34.92 -20.81 -36.24
N ASP D 201 35.97 -20.12 -35.79
CA ASP D 201 37.09 -20.83 -35.18
C ASP D 201 36.80 -21.43 -33.79
N TYR D 202 35.97 -20.74 -33.03
CA TYR D 202 35.46 -21.23 -31.74
C TYR D 202 34.59 -22.46 -31.93
N GLU D 203 33.78 -22.46 -32.99
CA GLU D 203 32.97 -23.64 -33.32
C GLU D 203 33.86 -24.84 -33.70
N ALA D 204 34.88 -24.60 -34.51
CA ALA D 204 35.80 -25.66 -34.97
C ALA D 204 36.46 -26.42 -33.83
N LYS D 205 36.81 -25.71 -32.76
CA LYS D 205 37.41 -26.36 -31.59
C LYS D 205 36.34 -27.09 -30.77
N LEU D 206 35.13 -26.55 -30.70
CA LEU D 206 34.00 -27.23 -30.05
C LEU D 206 33.56 -28.51 -30.76
N VAL D 207 33.77 -28.55 -32.07
CA VAL D 207 33.43 -29.74 -32.87
C VAL D 207 34.51 -30.79 -32.64
N CYS D 208 35.78 -30.37 -32.64
CA CYS D 208 36.91 -31.24 -32.33
C CYS D 208 36.71 -31.91 -30.97
N ASP D 209 36.52 -31.08 -29.92
CA ASP D 209 36.28 -31.58 -28.55
C ASP D 209 35.20 -32.67 -28.51
N LYS D 210 34.08 -32.42 -29.18
CA LYS D 210 32.90 -33.28 -29.10
C LYS D 210 33.01 -34.57 -29.95
N THR D 211 33.62 -34.48 -31.13
CA THR D 211 33.78 -35.65 -32.00
C THR D 211 35.00 -36.47 -31.59
N GLY D 212 35.91 -35.82 -30.87
CA GLY D 212 37.18 -36.40 -30.50
C GLY D 212 38.15 -36.45 -31.67
N TRP D 213 37.74 -35.89 -32.80
CA TRP D 213 38.58 -35.84 -33.99
C TRP D 213 39.43 -34.58 -33.99
N SER D 214 40.68 -34.71 -34.43
CA SER D 214 41.52 -33.55 -34.68
C SER D 214 41.02 -32.76 -35.90
N GLU D 215 41.56 -31.55 -36.09
CA GLU D 215 41.24 -30.78 -37.29
C GLU D 215 41.76 -31.45 -38.55
N ASP D 216 42.83 -32.23 -38.41
CA ASP D 216 43.37 -33.01 -39.54
C ASP D 216 42.42 -34.15 -39.87
N GLU D 217 41.88 -34.77 -38.83
CA GLU D 217 40.95 -35.89 -38.98
C GLU D 217 39.61 -35.50 -39.58
N ILE D 218 39.12 -34.30 -39.25
CA ILE D 218 37.87 -33.79 -39.81
C ILE D 218 38.05 -33.49 -41.30
N ALA D 219 39.11 -32.75 -41.64
CA ALA D 219 39.39 -32.40 -43.02
C ALA D 219 39.51 -33.63 -43.92
N SER D 220 39.93 -34.76 -43.33
CA SER D 220 40.07 -36.02 -44.07
C SER D 220 38.72 -36.54 -44.56
N ARG D 221 37.65 -36.21 -43.82
CA ARG D 221 36.32 -36.79 -44.06
C ARG D 221 35.42 -35.90 -44.91
N VAL D 222 35.93 -34.72 -45.29
CA VAL D 222 35.14 -33.79 -46.08
C VAL D 222 35.96 -33.19 -47.21
N GLN D 223 35.28 -32.80 -48.29
CA GLN D 223 35.94 -32.17 -49.42
C GLN D 223 36.57 -30.81 -49.06
N ALA D 224 35.92 -30.10 -48.14
CA ALA D 224 36.46 -28.84 -47.66
C ALA D 224 36.09 -28.61 -46.19
N LEU D 225 37.07 -28.15 -45.42
CA LEU D 225 36.82 -27.61 -44.09
C LEU D 225 37.20 -26.13 -44.12
N ILE D 226 36.21 -25.31 -43.82
CA ILE D 226 36.28 -23.85 -43.90
C ILE D 226 36.18 -23.33 -42.46
N ILE D 227 37.20 -22.58 -42.03
CA ILE D 227 37.23 -22.04 -40.67
C ILE D 227 37.34 -20.52 -40.69
N THR D 228 36.29 -19.82 -40.26
CA THR D 228 36.34 -18.34 -40.26
C THR D 228 36.97 -17.81 -38.97
N ARG D 229 37.64 -16.67 -39.10
CA ARG D 229 38.47 -16.10 -38.03
C ARG D 229 38.26 -14.60 -37.91
N GLY D 230 37.02 -14.15 -38.12
CA GLY D 230 36.66 -12.74 -37.92
C GLY D 230 37.52 -11.81 -38.75
N GLU D 231 38.15 -10.83 -38.09
CA GLU D 231 39.05 -9.88 -38.75
C GLU D 231 40.28 -10.53 -39.42
N HIS D 232 40.60 -11.77 -39.00
CA HIS D 232 41.76 -12.46 -39.55
C HIS D 232 41.44 -13.16 -40.88
N GLY D 233 40.17 -13.13 -41.29
CA GLY D 233 39.75 -13.78 -42.53
C GLY D 233 39.25 -15.19 -42.29
N ALA D 234 39.78 -16.15 -43.05
CA ALA D 234 39.34 -17.54 -42.97
C ALA D 234 40.38 -18.51 -43.51
N THR D 235 40.20 -19.79 -43.19
CA THR D 235 40.98 -20.88 -43.80
C THR D 235 40.04 -21.81 -44.55
N ILE D 236 40.46 -22.25 -45.73
CA ILE D 236 39.80 -23.35 -46.42
C ILE D 236 40.77 -24.51 -46.65
N ARG D 237 40.60 -25.57 -45.87
CA ARG D 237 41.33 -26.82 -46.04
C ARG D 237 40.60 -27.70 -47.04
N HIS D 238 41.31 -28.14 -48.08
CA HIS D 238 40.71 -28.96 -49.11
C HIS D 238 41.72 -29.98 -49.68
N ARG D 239 41.74 -31.17 -49.08
CA ARG D 239 42.57 -32.33 -49.51
C ARG D 239 43.87 -32.01 -50.27
N ASP D 240 43.73 -31.42 -51.45
CA ASP D 240 44.86 -31.17 -52.33
C ASP D 240 45.42 -29.73 -52.20
N GLY D 241 45.20 -29.12 -51.03
CA GLY D 241 45.76 -27.82 -50.65
C GLY D 241 45.07 -27.13 -49.47
N THR D 242 45.56 -25.94 -49.11
CA THR D 242 44.96 -25.10 -48.07
C THR D 242 45.03 -23.63 -48.48
N GLU D 243 43.89 -22.94 -48.43
CA GLU D 243 43.82 -21.51 -48.72
C GLU D 243 43.70 -20.69 -47.44
N GLN D 244 44.48 -19.60 -47.36
CA GLN D 244 44.36 -18.68 -46.24
C GLN D 244 43.71 -17.40 -46.73
N ILE D 245 42.38 -17.33 -46.62
CA ILE D 245 41.63 -16.21 -47.18
C ILE D 245 41.86 -14.92 -46.37
N PRO D 246 42.34 -13.86 -47.05
CA PRO D 246 42.51 -12.60 -46.34
C PRO D 246 41.15 -11.99 -46.04
N ALA D 247 41.08 -11.29 -44.92
CA ALA D 247 39.95 -10.42 -44.60
C ALA D 247 39.96 -9.21 -45.53
N VAL D 248 38.77 -8.81 -45.97
CA VAL D 248 38.60 -7.57 -46.72
C VAL D 248 38.41 -6.48 -45.69
N ARG D 249 39.38 -5.56 -45.60
CA ARG D 249 39.33 -4.53 -44.55
C ARG D 249 38.01 -3.76 -44.63
N ALA D 250 37.26 -3.80 -43.54
CA ALA D 250 35.92 -3.21 -43.51
C ALA D 250 35.98 -1.70 -43.44
N GLU D 251 35.07 -1.09 -44.21
CA GLU D 251 34.76 0.33 -44.17
C GLU D 251 34.62 0.76 -42.69
N ARG D 252 33.55 0.31 -42.05
CA ARG D 252 33.43 0.45 -40.59
C ARG D 252 32.87 -0.83 -39.96
N VAL D 253 33.14 -1.00 -38.67
CA VAL D 253 32.73 -2.20 -37.94
C VAL D 253 31.61 -1.84 -36.96
N ILE D 254 30.38 -1.98 -37.44
CA ILE D 254 29.19 -1.62 -36.67
C ILE D 254 28.64 -2.83 -35.92
N ASP D 255 28.24 -3.87 -36.67
CA ASP D 255 27.72 -5.09 -36.08
C ASP D 255 28.18 -6.33 -36.87
N PRO D 256 28.93 -7.23 -36.22
CA PRO D 256 29.32 -8.48 -36.88
C PRO D 256 28.25 -9.58 -36.89
N THR D 257 27.10 -9.35 -36.24
CA THR D 257 26.07 -10.38 -36.18
C THR D 257 25.58 -10.68 -37.58
N GLY D 258 25.68 -11.95 -37.96
CA GLY D 258 25.30 -12.37 -39.29
C GLY D 258 26.45 -12.47 -40.26
N CYS D 259 27.66 -12.11 -39.81
CA CYS D 259 28.85 -12.13 -40.67
C CYS D 259 29.12 -13.54 -41.18
N GLY D 260 29.03 -14.52 -40.28
CA GLY D 260 29.16 -15.93 -40.65
C GLY D 260 28.20 -16.30 -41.75
N ASP D 261 26.95 -15.83 -41.66
CA ASP D 261 25.94 -16.23 -42.62
C ASP D 261 26.14 -15.55 -43.99
N ALA D 262 26.59 -14.28 -43.98
CA ALA D 262 26.90 -13.57 -45.22
C ALA D 262 27.98 -14.34 -45.98
N PHE D 263 28.95 -14.82 -45.20
CA PHE D 263 30.13 -15.50 -45.69
C PHE D 263 29.69 -16.80 -46.39
N ARG D 264 28.77 -17.52 -45.75
CA ARG D 264 28.26 -18.76 -46.31
C ARG D 264 27.50 -18.55 -47.63
N GLY D 265 26.91 -17.37 -47.80
CA GLY D 265 26.24 -17.06 -49.05
C GLY D 265 27.26 -16.96 -50.17
N GLY D 266 28.39 -16.32 -49.86
CA GLY D 266 29.50 -16.18 -50.78
C GLY D 266 29.94 -17.55 -51.26
N LEU D 267 30.34 -18.37 -50.30
CA LEU D 267 30.76 -19.74 -50.52
C LEU D 267 29.79 -20.52 -51.43
N LEU D 268 28.50 -20.50 -51.08
CA LEU D 268 27.47 -21.20 -51.83
C LEU D 268 27.32 -20.72 -53.29
N TYR D 269 27.44 -19.42 -53.50
CA TYR D 269 27.46 -18.86 -54.87
C TYR D 269 28.68 -19.39 -55.62
N GLY D 270 29.84 -19.34 -54.98
CA GLY D 270 31.08 -19.78 -55.61
C GLY D 270 31.11 -21.24 -56.00
N ILE D 271 30.69 -22.10 -55.08
CA ILE D 271 30.66 -23.54 -55.31
C ILE D 271 29.78 -23.86 -56.51
N GLU D 272 28.57 -23.28 -56.54
CA GLU D 272 27.60 -23.55 -57.60
C GLU D 272 28.06 -22.99 -58.94
N HIS D 273 28.88 -21.93 -58.91
CA HIS D 273 29.40 -21.30 -60.14
C HIS D 273 30.81 -21.73 -60.52
N GLY D 274 31.33 -22.72 -59.80
CA GLY D 274 32.56 -23.39 -60.18
C GLY D 274 33.82 -22.57 -60.01
N PHE D 275 33.83 -21.69 -59.01
CA PHE D 275 35.07 -20.97 -58.69
C PHE D 275 35.99 -21.93 -57.96
N ASP D 276 37.30 -21.67 -58.01
CA ASP D 276 38.23 -22.42 -57.20
C ASP D 276 38.05 -21.98 -55.75
N TRP D 277 38.67 -22.74 -54.83
CA TRP D 277 38.48 -22.48 -53.41
C TRP D 277 38.97 -21.07 -52.99
N ALA D 278 40.01 -20.58 -53.66
CA ALA D 278 40.58 -19.28 -53.32
C ALA D 278 39.62 -18.15 -53.66
N THR D 279 39.06 -18.20 -54.86
CA THR D 279 38.12 -17.19 -55.31
C THR D 279 36.79 -17.26 -54.54
N ALA D 280 36.26 -18.48 -54.32
CA ALA D 280 34.99 -18.59 -53.62
C ALA D 280 35.11 -18.13 -52.17
N GLY D 281 36.26 -18.38 -51.56
CA GLY D 281 36.52 -17.95 -50.19
C GLY D 281 36.70 -16.44 -50.13
N ARG D 282 37.21 -15.85 -51.20
CA ARG D 282 37.39 -14.41 -51.28
C ARG D 282 36.05 -13.66 -51.39
N LEU D 283 35.11 -14.21 -52.14
CA LEU D 283 33.80 -13.56 -52.27
C LEU D 283 33.05 -13.73 -50.95
N ALA D 284 33.20 -14.91 -50.34
CA ALA D 284 32.80 -15.15 -48.94
C ALA D 284 33.31 -14.07 -47.97
N SER D 285 34.61 -13.81 -48.02
CA SER D 285 35.24 -12.81 -47.15
C SER D 285 34.66 -11.40 -47.38
N LEU D 286 34.48 -11.05 -48.64
CA LEU D 286 33.88 -9.78 -49.07
C LEU D 286 32.44 -9.59 -48.58
N MET D 287 31.62 -10.64 -48.66
CA MET D 287 30.24 -10.53 -48.19
C MET D 287 30.16 -10.21 -46.68
N GLY D 288 31.08 -10.76 -45.90
CA GLY D 288 31.11 -10.52 -44.45
C GLY D 288 31.59 -9.11 -44.16
N ALA D 289 32.61 -8.67 -44.90
CA ALA D 289 33.10 -7.29 -44.86
C ALA D 289 32.02 -6.28 -45.22
N LEU D 290 31.22 -6.60 -46.25
CA LEU D 290 30.06 -5.77 -46.61
C LEU D 290 29.04 -5.70 -45.46
N LYS D 291 28.71 -6.86 -44.89
CA LYS D 291 27.67 -6.88 -43.85
C LYS D 291 28.04 -6.14 -42.57
N ILE D 292 29.27 -6.34 -42.09
CA ILE D 292 29.77 -5.74 -40.83
C ILE D 292 29.66 -4.20 -40.79
N ALA D 293 29.55 -3.57 -41.97
CA ALA D 293 29.45 -2.12 -42.06
C ALA D 293 28.04 -1.62 -41.70
N HIS D 294 27.18 -2.54 -41.28
CA HIS D 294 25.80 -2.20 -40.96
C HIS D 294 25.34 -2.94 -39.70
N GLN D 295 24.25 -2.46 -39.09
CA GLN D 295 23.72 -3.09 -37.88
C GLN D 295 22.67 -4.17 -38.19
N GLY D 296 22.89 -5.36 -37.66
CA GLY D 296 21.98 -6.47 -37.90
C GLY D 296 22.49 -7.30 -39.06
N PRO D 297 21.91 -8.49 -39.27
CA PRO D 297 22.42 -9.44 -40.25
C PRO D 297 22.02 -9.20 -41.72
N GLN D 298 20.90 -8.53 -41.98
CA GLN D 298 20.38 -8.37 -43.35
C GLN D 298 20.14 -6.90 -43.74
N THR D 299 20.72 -5.97 -42.98
CA THR D 299 20.58 -4.52 -43.21
C THR D 299 21.31 -4.08 -44.47
N TYR D 300 22.40 -4.78 -44.76
CA TYR D 300 23.26 -4.42 -45.87
C TYR D 300 22.60 -4.76 -47.20
N ALA D 301 22.69 -3.84 -48.15
CA ALA D 301 22.03 -4.01 -49.44
C ALA D 301 22.89 -3.59 -50.62
N PRO D 302 24.10 -4.21 -50.76
CA PRO D 302 24.91 -3.90 -51.93
C PRO D 302 24.27 -4.46 -53.20
N THR D 303 24.45 -3.72 -54.29
CA THR D 303 24.06 -4.18 -55.63
C THR D 303 25.17 -5.09 -56.16
N ARG D 304 24.87 -5.80 -57.25
CA ARG D 304 25.85 -6.71 -57.84
C ARG D 304 27.03 -5.92 -58.39
N ALA D 305 26.74 -4.74 -58.96
CA ALA D 305 27.77 -3.79 -59.42
C ALA D 305 28.79 -3.47 -58.33
N GLU D 306 28.30 -3.11 -57.13
CA GLU D 306 29.16 -2.71 -56.02
C GLU D 306 29.97 -3.89 -55.49
N ILE D 307 29.33 -5.06 -55.46
CA ILE D 307 30.01 -6.29 -55.03
C ILE D 307 31.14 -6.55 -56.04
N ASP D 308 30.80 -6.46 -57.32
CA ASP D 308 31.79 -6.57 -58.40
C ASP D 308 32.94 -5.58 -58.29
N ALA D 309 32.63 -4.32 -57.96
CA ALA D 309 33.65 -3.27 -57.83
C ALA D 309 34.58 -3.51 -56.65
N ARG D 310 33.97 -3.72 -55.49
CA ARG D 310 34.70 -4.00 -54.25
C ARG D 310 35.58 -5.25 -54.32
N PHE D 311 35.12 -6.28 -55.05
CA PHE D 311 35.92 -7.49 -55.19
C PHE D 311 37.20 -7.20 -55.94
N GLU D 312 37.08 -6.56 -57.10
CA GLU D 312 38.25 -6.20 -57.90
C GLU D 312 39.22 -5.27 -57.17
N THR D 313 38.68 -4.25 -56.50
CA THR D 313 39.50 -3.36 -55.66
C THR D 313 40.29 -4.16 -54.65
N ALA D 314 39.64 -5.11 -53.99
CA ALA D 314 40.30 -5.90 -52.97
C ALA D 314 41.25 -6.94 -53.56
N PHE D 315 40.87 -7.58 -54.66
CA PHE D 315 41.60 -8.78 -55.08
C PHE D 315 42.31 -8.74 -56.44
N GLY D 316 42.01 -7.73 -57.24
CA GLY D 316 42.69 -7.55 -58.53
C GLY D 316 42.17 -8.37 -59.70
N TYR D 317 40.95 -8.89 -59.58
CA TYR D 317 40.29 -9.58 -60.69
C TYR D 317 38.80 -9.70 -60.42
N ARG D 318 38.08 -10.29 -61.39
CA ARG D 318 36.65 -10.57 -61.31
C ARG D 318 36.37 -12.08 -61.43
N PRO D 319 35.74 -12.69 -60.41
CA PRO D 319 35.42 -14.12 -60.44
C PRO D 319 34.33 -14.47 -61.45
N ALA E 10 44.59 32.95 6.90
CA ALA E 10 43.23 32.51 7.31
C ALA E 10 42.63 33.40 8.40
N THR E 11 41.35 33.17 8.66
CA THR E 11 40.66 33.80 9.78
C THR E 11 40.35 32.67 10.78
N LEU E 12 40.83 32.81 12.02
CA LEU E 12 40.50 31.86 13.08
C LEU E 12 39.12 32.18 13.66
N ILE E 13 38.31 31.15 13.89
CA ILE E 13 37.00 31.35 14.48
C ILE E 13 36.93 30.56 15.77
N CYS E 14 37.12 31.24 16.88
CA CYS E 14 36.99 30.58 18.17
C CYS E 14 35.54 30.66 18.61
N GLY E 15 35.02 29.57 19.17
CA GLY E 15 33.66 29.57 19.69
C GLY E 15 33.08 28.18 19.78
N SER E 16 31.83 28.11 20.20
CA SER E 16 31.17 26.84 20.41
C SER E 16 30.90 26.08 19.10
N ILE E 17 30.90 24.75 19.21
CA ILE E 17 30.44 23.88 18.14
C ILE E 17 29.34 23.01 18.77
N ALA E 18 28.12 23.08 18.24
CA ALA E 18 26.95 22.49 18.92
C ALA E 18 25.86 21.99 18.01
N TYR E 19 25.02 21.12 18.55
CA TYR E 19 23.77 20.74 17.93
C TYR E 19 22.65 21.61 18.50
N ASP E 20 21.84 22.20 17.63
CA ASP E 20 20.78 23.11 18.08
C ASP E 20 19.38 22.51 17.91
N ASN E 21 18.61 22.50 18.99
CA ASN E 21 17.16 22.24 18.95
C ASN E 21 16.41 23.54 19.17
N ILE E 22 15.78 24.02 18.11
CA ILE E 22 15.19 25.35 18.10
C ILE E 22 13.68 25.28 18.00
N MET E 23 13.01 25.95 18.94
CA MET E 23 11.56 26.12 18.86
CA MET E 23 11.56 26.11 18.88
C MET E 23 11.23 27.58 18.70
N THR E 24 10.89 27.95 17.47
CA THR E 24 10.63 29.34 17.16
C THR E 24 9.13 29.65 17.17
N PHE E 25 8.77 30.57 18.05
CA PHE E 25 7.41 31.04 18.21
C PHE E 25 7.09 32.00 17.08
N GLU E 26 6.08 31.66 16.27
CA GLU E 26 5.71 32.46 15.09
C GLU E 26 4.99 33.74 15.56
N GLY E 27 5.75 34.61 16.19
CA GLY E 27 5.23 35.85 16.72
C GLY E 27 6.33 36.48 17.54
N ARG E 28 5.92 37.40 18.41
CA ARG E 28 6.87 38.15 19.21
C ARG E 28 6.43 38.17 20.66
N PHE E 29 7.30 37.69 21.54
CA PHE E 29 7.06 37.63 22.99
C PHE E 29 6.57 38.96 23.56
N ARG E 30 7.11 40.06 23.02
CA ARG E 30 6.76 41.42 23.44
C ARG E 30 5.24 41.68 23.39
N GLU E 31 4.58 41.06 22.43
CA GLU E 31 3.14 41.15 22.23
C GLU E 31 2.37 40.21 23.16
N HIS E 32 3.07 39.54 24.07
CA HIS E 32 2.42 38.58 24.96
C HIS E 32 2.81 38.71 26.43
N ILE E 33 3.49 39.79 26.76
CA ILE E 33 3.84 40.04 28.16
C ILE E 33 2.80 40.93 28.83
N LEU E 34 2.49 40.58 30.08
CA LEU E 34 1.55 41.34 30.89
C LEU E 34 2.15 41.60 32.26
N PRO E 35 2.89 42.73 32.40
CA PRO E 35 3.59 42.96 33.68
C PRO E 35 2.70 43.17 34.92
N ASP E 36 1.40 43.41 34.74
CA ASP E 36 0.50 43.58 35.89
C ASP E 36 0.06 42.25 36.51
N GLN E 37 0.28 41.18 35.76
CA GLN E 37 -0.11 39.85 36.22
C GLN E 37 1.08 39.17 36.85
N VAL E 38 0.83 38.33 37.85
CA VAL E 38 1.90 37.56 38.48
C VAL E 38 2.67 36.82 37.40
N HIS E 39 1.94 36.13 36.52
CA HIS E 39 2.53 35.45 35.39
C HIS E 39 2.79 36.47 34.28
N LEU E 40 4.06 36.83 34.07
CA LEU E 40 4.45 37.74 32.96
C LEU E 40 4.07 37.21 31.59
N ILE E 41 4.27 35.91 31.37
CA ILE E 41 4.04 35.33 30.03
C ILE E 41 3.78 33.81 30.10
N ASN E 42 2.75 33.38 29.37
CA ASN E 42 2.51 31.97 29.07
C ASN E 42 2.37 31.86 27.55
N LEU E 43 2.97 30.84 26.96
CA LEU E 43 2.69 30.49 25.57
C LEU E 43 2.78 29.00 25.44
N SER E 44 1.94 28.44 24.60
CA SER E 44 2.11 27.07 24.24
C SER E 44 1.77 27.03 22.78
N PHE E 45 2.78 26.81 21.95
CA PHE E 45 2.59 26.79 20.51
C PHE E 45 2.88 25.42 19.95
N LEU E 46 1.94 24.92 19.15
CA LEU E 46 2.04 23.59 18.58
C LEU E 46 3.12 23.60 17.50
N VAL E 47 3.95 22.56 17.42
CA VAL E 47 5.11 22.53 16.50
C VAL E 47 5.26 21.21 15.73
N PRO E 48 6.07 21.22 14.63
CA PRO E 48 6.42 19.97 13.94
C PRO E 48 7.43 19.24 14.80
N THR E 49 7.84 18.02 14.42
CA THR E 49 8.68 17.28 15.39
C THR E 49 10.17 17.71 15.40
N MET E 50 10.86 17.24 16.44
CA MET E 50 12.22 17.66 16.84
C MET E 50 13.31 17.56 15.78
N ARG E 51 13.68 18.72 15.27
CA ARG E 51 14.54 18.87 14.08
C ARG E 51 15.96 19.38 14.45
N ARG E 52 16.87 18.47 14.78
CA ARG E 52 18.22 18.83 15.27
C ARG E 52 19.08 19.50 14.20
N GLU E 53 19.63 20.69 14.50
CA GLU E 53 20.40 21.47 13.51
C GLU E 53 21.88 21.65 13.87
N PHE E 54 22.71 21.82 12.84
CA PHE E 54 24.11 22.19 13.05
C PHE E 54 24.19 23.64 13.57
N GLY E 55 24.73 23.79 14.77
CA GLY E 55 24.83 25.10 15.45
C GLY E 55 26.19 25.34 16.12
N GLY E 56 26.21 26.18 17.15
CA GLY E 56 27.45 26.53 17.84
C GLY E 56 28.03 27.76 17.15
N CYS E 57 28.47 28.71 17.94
CA CYS E 57 28.90 30.00 17.39
C CYS E 57 30.06 29.90 16.40
N ALA E 58 31.09 29.11 16.72
CA ALA E 58 32.19 28.86 15.77
C ALA E 58 31.72 28.12 14.51
N GLY E 59 30.79 27.19 14.68
CA GLY E 59 30.15 26.55 13.52
C GLY E 59 29.43 27.53 12.64
N ASN E 60 28.58 28.38 13.23
CA ASN E 60 27.73 29.31 12.47
C ASN E 60 28.50 30.40 11.74
N ILE E 61 29.52 30.97 12.41
CA ILE E 61 30.31 32.08 11.84
C ILE E 61 31.17 31.58 10.70
N ALA E 62 31.82 30.46 10.93
CA ALA E 62 32.66 29.84 9.93
C ALA E 62 31.87 29.39 8.69
N TYR E 63 30.62 28.97 8.91
CA TYR E 63 29.71 28.61 7.82
C TYR E 63 29.48 29.82 6.93
N ALA E 64 29.16 30.95 7.55
CA ALA E 64 28.94 32.22 6.88
C ALA E 64 30.17 32.67 6.10
N LEU E 65 31.34 32.55 6.74
CA LEU E 65 32.57 32.97 6.11
C LEU E 65 32.91 32.05 4.94
N ASN E 66 32.49 30.79 5.05
CA ASN E 66 32.71 29.84 3.97
C ASN E 66 31.83 30.12 2.75
N LEU E 67 30.55 30.44 3.01
CA LEU E 67 29.61 30.76 1.94
C LEU E 67 30.15 31.90 1.07
N LEU E 68 30.87 32.83 1.70
CA LEU E 68 31.45 33.96 0.99
C LEU E 68 32.79 33.60 0.33
N GLY E 69 33.28 32.40 0.60
CA GLY E 69 34.51 31.92 -0.04
C GLY E 69 35.77 32.23 0.74
N GLY E 70 35.61 32.68 1.98
CA GLY E 70 36.74 32.91 2.88
C GLY E 70 37.42 31.65 3.36
N ASP E 71 38.43 31.82 4.21
CA ASP E 71 39.24 30.73 4.76
C ASP E 71 38.96 30.56 6.26
N ALA E 72 37.74 30.10 6.56
CA ALA E 72 37.33 29.87 7.92
C ALA E 72 38.01 28.66 8.53
N ARG E 73 38.75 28.87 9.62
CA ARG E 73 39.37 27.78 10.41
C ARG E 73 38.82 27.75 11.85
N MET E 74 37.82 26.90 12.08
CA MET E 74 37.15 26.79 13.38
C MET E 74 38.08 26.21 14.42
N MET E 75 38.12 26.88 15.58
CA MET E 75 38.82 26.38 16.78
C MET E 75 37.77 26.17 17.86
N GLY E 76 37.50 24.91 18.14
CA GLY E 76 36.47 24.52 19.09
C GLY E 76 36.56 23.06 19.42
N THR E 77 35.87 22.67 20.48
CA THR E 77 35.83 21.28 20.94
C THR E 77 34.50 20.61 20.61
N LEU E 78 34.58 19.33 20.25
CA LEU E 78 33.41 18.48 20.01
C LEU E 78 33.52 17.25 20.89
N GLY E 79 32.40 16.56 21.09
CA GLY E 79 32.39 15.34 21.90
C GLY E 79 32.35 14.10 21.04
N ALA E 80 33.27 13.18 21.31
CA ALA E 80 33.39 11.93 20.53
C ALA E 80 32.12 11.06 20.47
N VAL E 81 31.27 11.12 21.48
CA VAL E 81 30.09 10.28 21.42
C VAL E 81 29.20 10.65 20.22
N ASP E 82 29.04 11.95 19.93
CA ASP E 82 28.09 12.38 18.88
C ASP E 82 28.59 13.35 17.79
N ALA E 83 29.91 13.60 17.74
CA ALA E 83 30.53 14.54 16.77
C ALA E 83 30.37 14.16 15.30
N GLN E 84 30.15 12.88 15.05
CA GLN E 84 30.33 12.33 13.71
C GLN E 84 29.62 13.08 12.58
N PRO E 85 28.30 13.34 12.69
CA PRO E 85 27.63 14.10 11.63
C PRO E 85 28.35 15.43 11.33
N TYR E 86 28.78 16.14 12.37
CA TYR E 86 29.40 17.46 12.19
C TYR E 86 30.76 17.37 11.49
N LEU E 87 31.52 16.30 11.75
CA LEU E 87 32.80 16.13 11.07
C LEU E 87 32.56 15.81 9.59
N ASP E 88 31.60 14.94 9.30
CA ASP E 88 31.18 14.68 7.91
C ASP E 88 30.85 15.97 7.15
N ARG E 89 30.02 16.79 7.79
CA ARG E 89 29.58 18.04 7.20
C ARG E 89 30.81 18.90 6.90
N MET E 90 31.68 19.09 7.89
CA MET E 90 32.85 19.94 7.71
C MET E 90 33.71 19.49 6.51
N ASP E 91 33.97 18.18 6.42
CA ASP E 91 34.75 17.65 5.28
C ASP E 91 34.08 17.98 3.94
N ALA E 92 32.78 17.73 3.89
CA ALA E 92 31.98 17.96 2.69
C ALA E 92 31.93 19.43 2.27
N LEU E 93 31.89 20.35 3.24
CA LEU E 93 31.88 21.78 2.88
C LEU E 93 33.29 22.36 2.70
N GLY E 94 34.31 21.54 2.94
CA GLY E 94 35.70 21.96 2.79
C GLY E 94 36.30 22.66 4.00
N LEU E 95 35.56 22.67 5.11
CA LEU E 95 36.03 23.30 6.35
C LEU E 95 37.12 22.47 7.02
N SER E 96 38.35 23.00 7.02
CA SER E 96 39.47 22.35 7.68
C SER E 96 39.12 22.02 9.12
N ARG E 97 39.62 20.89 9.60
CA ARG E 97 39.36 20.42 10.96
C ARG E 97 40.58 20.54 11.86
N GLU E 98 41.64 21.19 11.37
CA GLU E 98 42.91 21.21 12.08
C GLU E 98 42.83 21.63 13.56
N TYR E 99 42.01 22.65 13.87
CA TYR E 99 41.83 23.10 15.26
C TYR E 99 40.49 22.68 15.88
N VAL E 100 39.83 21.69 15.28
CA VAL E 100 38.64 21.10 15.89
C VAL E 100 39.06 19.85 16.62
N ARG E 101 39.03 19.96 17.95
CA ARG E 101 39.43 18.91 18.87
C ARG E 101 38.19 18.11 19.29
N VAL E 102 38.24 16.80 19.07
CA VAL E 102 37.16 15.92 19.47
C VAL E 102 37.56 15.16 20.73
N LEU E 103 36.91 15.50 21.85
CA LEU E 103 37.22 14.94 23.16
C LEU E 103 36.60 13.58 23.43
N PRO E 104 37.39 12.67 24.03
CA PRO E 104 36.90 11.32 24.27
C PRO E 104 35.92 11.28 25.45
N ASP E 105 34.94 10.40 25.39
CA ASP E 105 34.04 10.17 26.51
C ASP E 105 33.20 11.40 26.85
N THR E 106 32.98 12.31 25.89
CA THR E 106 32.06 13.45 26.12
C THR E 106 31.04 13.63 25.00
N TYR E 107 29.99 14.41 25.29
CA TYR E 107 28.96 14.77 24.33
C TYR E 107 29.35 16.11 23.73
N SER E 108 28.92 16.35 22.49
CA SER E 108 29.08 17.66 21.90
C SER E 108 28.11 18.59 22.62
N ALA E 109 28.43 19.88 22.67
CA ALA E 109 27.50 20.85 23.23
C ALA E 109 26.13 20.73 22.54
N GLN E 110 25.06 20.97 23.30
CA GLN E 110 23.71 20.89 22.76
CA GLN E 110 23.69 20.85 22.77
C GLN E 110 22.83 22.00 23.30
N ALA E 111 22.15 22.70 22.40
CA ALA E 111 21.33 23.85 22.80
C ALA E 111 19.85 23.64 22.53
N MET E 112 19.01 23.83 23.56
CA MET E 112 17.54 23.97 23.36
C MET E 112 17.14 25.44 23.44
N ILE E 113 16.78 25.98 22.29
CA ILE E 113 16.61 27.40 22.11
C ILE E 113 15.12 27.70 21.95
N THR E 114 14.53 28.36 22.93
CA THR E 114 13.15 28.84 22.79
C THR E 114 13.23 30.29 22.37
N THR E 115 12.69 30.62 21.21
CA THR E 115 12.89 31.96 20.69
C THR E 115 11.67 32.53 19.95
N ASP E 116 11.80 33.76 19.46
CA ASP E 116 10.75 34.40 18.66
C ASP E 116 11.34 35.12 17.44
N LEU E 117 10.48 35.80 16.68
CA LEU E 117 10.90 36.46 15.44
C LEU E 117 11.71 37.74 15.69
N ASP E 118 11.81 38.12 16.96
CA ASP E 118 12.63 39.25 17.42
C ASP E 118 13.96 38.76 17.97
N ASN E 119 14.23 37.48 17.79
CA ASN E 119 15.50 36.88 18.18
C ASN E 119 15.72 36.89 19.69
N ASN E 120 14.64 36.68 20.44
CA ASN E 120 14.70 36.67 21.89
C ASN E 120 15.02 35.28 22.42
N GLN E 121 16.25 34.83 22.20
CA GLN E 121 16.67 33.46 22.55
C GLN E 121 16.74 33.18 24.04
N ILE E 122 15.88 32.27 24.48
CA ILE E 122 15.90 31.73 25.83
C ILE E 122 16.35 30.28 25.69
N THR E 123 17.56 30.03 26.17
CA THR E 123 18.33 28.86 25.77
C THR E 123 18.78 28.08 27.01
N ALA E 124 18.46 26.78 26.99
CA ALA E 124 18.99 25.84 27.95
C ALA E 124 20.16 25.16 27.26
N PHE E 125 21.37 25.41 27.77
CA PHE E 125 22.59 24.95 27.13
C PHE E 125 23.27 23.86 27.97
N HIS E 126 23.48 22.71 27.35
CA HIS E 126 24.20 21.59 27.92
C HIS E 126 25.54 21.54 27.20
N PRO E 127 26.60 21.99 27.88
CA PRO E 127 27.86 22.34 27.21
C PRO E 127 28.72 21.17 26.74
N GLY E 128 28.58 20.01 27.36
CA GLY E 128 29.47 18.87 27.12
C GLY E 128 30.90 19.32 26.84
N ALA E 129 31.34 19.04 25.63
CA ALA E 129 32.71 19.29 25.20
C ALA E 129 33.16 20.76 25.26
N MET E 130 32.23 21.70 25.13
CA MET E 130 32.57 23.13 25.15
C MET E 130 33.26 23.58 26.45
N MET E 131 32.96 22.91 27.55
CA MET E 131 33.60 23.23 28.83
C MET E 131 35.11 23.02 28.78
N GLN E 132 35.57 22.17 27.87
CA GLN E 132 36.98 21.86 27.75
C GLN E 132 37.65 22.52 26.54
N SER E 133 37.11 23.66 26.10
CA SER E 133 37.57 24.34 24.89
C SER E 133 38.99 24.91 24.99
N HIS E 134 39.41 25.26 26.21
CA HIS E 134 40.77 25.77 26.46
C HIS E 134 41.90 24.77 26.17
N VAL E 135 41.55 23.51 25.87
CA VAL E 135 42.57 22.56 25.37
C VAL E 135 43.21 23.06 24.07
N ASN E 136 42.45 23.88 23.32
CA ASN E 136 42.96 24.54 22.11
C ASN E 136 43.65 25.84 22.46
N HIS E 137 44.85 26.03 21.91
CA HIS E 137 45.60 27.26 22.13
C HIS E 137 45.69 28.10 20.86
N ALA E 138 44.90 29.17 20.82
CA ALA E 138 44.90 30.11 19.71
C ALA E 138 46.29 30.65 19.37
N GLY E 139 47.15 30.77 20.38
CA GLY E 139 48.53 31.24 20.18
C GLY E 139 49.36 30.28 19.35
N GLU E 140 48.91 29.02 19.29
CA GLU E 140 49.64 27.97 18.61
C GLU E 140 49.10 27.69 17.20
N ALA E 141 48.20 28.56 16.73
CA ALA E 141 47.63 28.45 15.37
C ALA E 141 48.35 29.37 14.38
N LYS E 142 48.94 28.76 13.37
CA LYS E 142 49.84 29.46 12.45
C LYS E 142 49.12 30.00 11.21
N ASP E 143 49.74 30.98 10.55
CA ASP E 143 49.18 31.61 9.35
C ASP E 143 47.74 32.05 9.56
N ILE E 144 47.46 32.47 10.79
CA ILE E 144 46.22 33.14 11.12
C ILE E 144 46.49 34.62 11.05
N LYS E 145 45.67 35.34 10.30
CA LYS E 145 45.81 36.79 10.21
C LYS E 145 44.73 37.61 10.90
N LEU E 146 43.58 36.98 11.19
CA LEU E 146 42.43 37.67 11.77
C LEU E 146 41.58 36.66 12.54
N ALA E 147 40.89 37.12 13.59
CA ALA E 147 40.10 36.17 14.40
C ALA E 147 38.83 36.76 14.98
N ILE E 148 37.99 35.87 15.46
CA ILE E 148 36.89 36.24 16.31
C ILE E 148 36.95 35.33 17.51
N VAL E 149 36.70 35.90 18.68
CA VAL E 149 36.52 35.08 19.87
C VAL E 149 35.06 35.19 20.31
N GLY E 150 34.34 34.10 20.13
CA GLY E 150 32.92 33.99 20.49
C GLY E 150 32.68 33.12 21.70
N PRO E 151 31.39 32.95 22.09
CA PRO E 151 30.94 32.14 23.24
C PRO E 151 31.52 30.75 23.23
N ASP E 152 31.99 30.32 24.39
CA ASP E 152 32.75 29.09 24.54
C ASP E 152 32.80 28.78 26.01
N GLY E 153 33.49 27.69 26.37
CA GLY E 153 33.85 27.47 27.77
C GLY E 153 34.60 28.70 28.26
N PHE E 154 34.34 29.11 29.51
CA PHE E 154 34.84 30.41 29.98
C PHE E 154 36.37 30.56 29.93
N GLN E 155 37.07 29.52 30.37
CA GLN E 155 38.53 29.54 30.35
C GLN E 155 39.06 29.64 28.93
N GLY E 156 38.41 28.90 28.02
CA GLY E 156 38.71 28.96 26.60
C GLY E 156 38.64 30.37 26.06
N MET E 157 37.54 31.08 26.36
CA MET E 157 37.36 32.47 25.94
C MET E 157 38.50 33.39 26.38
N VAL E 158 38.83 33.34 27.66
CA VAL E 158 39.82 34.25 28.22
C VAL E 158 41.20 33.95 27.61
N GLN E 159 41.57 32.67 27.59
CA GLN E 159 42.84 32.20 27.01
C GLN E 159 43.02 32.61 25.55
N HIS E 160 41.94 32.54 24.75
CA HIS E 160 41.98 32.96 23.34
C HIS E 160 42.30 34.44 23.23
N THR E 161 41.55 35.25 23.97
CA THR E 161 41.69 36.70 23.96
C THR E 161 43.15 37.08 24.36
N GLU E 162 43.64 36.43 25.41
CA GLU E 162 45.01 36.69 25.90
C GLU E 162 46.09 36.21 24.94
N GLU E 163 45.88 35.06 24.29
CA GLU E 163 46.92 34.51 23.42
C GLU E 163 47.00 35.16 22.04
N LEU E 164 45.85 35.57 21.52
CA LEU E 164 45.81 36.19 20.22
C LEU E 164 46.42 37.58 20.33
N ALA E 165 46.12 38.29 21.42
CA ALA E 165 46.65 39.63 21.66
C ALA E 165 48.19 39.61 21.77
N GLN E 166 48.73 38.63 22.49
CA GLN E 166 50.18 38.51 22.66
C GLN E 166 50.88 38.27 21.34
N ALA E 167 50.25 37.47 20.47
CA ALA E 167 50.79 37.16 19.16
C ALA E 167 50.44 38.23 18.12
N GLY E 168 49.72 39.27 18.55
CA GLY E 168 49.42 40.41 17.69
C GLY E 168 48.38 40.12 16.61
N VAL E 169 47.44 39.23 16.90
CA VAL E 169 46.38 38.92 15.93
C VAL E 169 45.17 39.81 16.22
N PRO E 170 44.68 40.57 15.22
CA PRO E 170 43.51 41.42 15.46
C PRO E 170 42.23 40.56 15.58
N PHE E 171 41.43 40.79 16.61
CA PHE E 171 40.24 39.96 16.79
C PHE E 171 38.97 40.71 17.16
N ILE E 172 37.84 40.19 16.68
CA ILE E 172 36.55 40.63 17.13
C ILE E 172 36.20 39.88 18.40
N PHE E 173 35.68 40.61 19.37
CA PHE E 173 35.24 40.03 20.63
C PHE E 173 33.71 40.04 20.62
N ASP E 174 33.12 38.86 20.75
CA ASP E 174 31.68 38.67 20.73
C ASP E 174 31.38 37.76 21.91
N PRO E 175 31.32 38.32 23.13
CA PRO E 175 31.12 37.42 24.28
C PRO E 175 29.73 36.77 24.25
N GLY E 176 28.81 37.36 23.49
CA GLY E 176 27.48 36.78 23.23
C GLY E 176 26.82 36.11 24.43
N GLN E 177 26.45 34.85 24.28
CA GLN E 177 25.76 34.07 25.33
C GLN E 177 26.67 33.75 26.51
N GLY E 178 27.97 33.98 26.36
CA GLY E 178 28.94 33.65 27.40
C GLY E 178 29.07 34.66 28.53
N LEU E 179 28.43 35.83 28.37
CA LEU E 179 28.55 36.96 29.34
C LEU E 179 28.37 36.64 30.85
N PRO E 180 27.41 35.77 31.21
CA PRO E 180 27.23 35.40 32.63
C PRO E 180 28.48 34.84 33.29
N LEU E 181 29.34 34.20 32.50
CA LEU E 181 30.55 33.59 33.02
C LEU E 181 31.58 34.64 33.43
N PHE E 182 31.44 35.86 32.89
CA PHE E 182 32.38 36.96 33.13
C PHE E 182 32.02 37.75 34.41
N ASP E 183 33.03 38.38 35.03
CA ASP E 183 32.78 39.47 36.00
C ASP E 183 33.27 40.80 35.45
N GLY E 184 33.15 41.87 36.25
CA GLY E 184 33.55 43.21 35.85
C GLY E 184 34.97 43.27 35.31
N ALA E 185 35.93 42.76 36.09
CA ALA E 185 37.34 42.87 35.72
C ALA E 185 37.68 42.06 34.48
N THR E 186 37.32 40.77 34.48
CA THR E 186 37.72 39.86 33.40
C THR E 186 37.12 40.29 32.07
N LEU E 187 35.92 40.87 32.14
CA LEU E 187 35.28 41.42 30.94
C LEU E 187 35.94 42.71 30.46
N ARG E 188 36.21 43.63 31.38
CA ARG E 188 36.92 44.86 31.06
C ARG E 188 38.28 44.55 30.42
N ARG E 189 38.93 43.50 30.89
CA ARG E 189 40.23 43.05 30.37
C ARG E 189 40.15 42.53 28.93
N SER E 190 39.08 41.77 28.63
CA SER E 190 38.89 41.19 27.30
C SER E 190 38.70 42.26 26.24
N ILE E 191 37.98 43.30 26.62
CA ILE E 191 37.63 44.38 25.73
C ILE E 191 38.85 45.19 25.25
N GLU E 192 39.70 45.57 26.20
CA GLU E 192 40.87 46.39 25.87
C GLU E 192 41.85 45.62 25.00
N LEU E 193 41.95 44.31 25.24
CA LEU E 193 42.70 43.40 24.36
C LEU E 193 42.14 43.32 22.94
N ALA E 194 40.82 43.45 22.81
CA ALA E 194 40.16 43.28 21.51
C ALA E 194 40.39 44.44 20.54
N THR E 195 40.37 44.13 19.24
CA THR E 195 40.39 45.17 18.22
C THR E 195 38.98 45.69 18.02
N TYR E 196 38.02 44.76 17.91
CA TYR E 196 36.62 45.08 17.67
C TYR E 196 35.71 44.33 18.65
N ILE E 197 34.54 44.91 18.91
CA ILE E 197 33.49 44.28 19.71
C ILE E 197 32.27 44.18 18.79
N ALA E 198 31.69 42.98 18.67
CA ALA E 198 30.41 42.84 17.95
C ALA E 198 29.42 42.08 18.81
N VAL E 199 28.37 42.76 19.25
CA VAL E 199 27.39 42.18 20.17
C VAL E 199 26.04 42.67 19.68
N ASN E 200 24.96 41.95 19.98
CA ASN E 200 23.62 42.51 19.76
C ASN E 200 23.34 43.53 20.88
N ASP E 201 22.26 44.30 20.79
CA ASP E 201 22.10 45.44 21.73
C ASP E 201 21.82 45.02 23.18
N TYR E 202 21.05 43.95 23.37
CA TYR E 202 20.77 43.43 24.71
C TYR E 202 22.12 43.15 25.37
N GLU E 203 23.03 42.56 24.58
CA GLU E 203 24.38 42.25 25.05
C GLU E 203 25.18 43.54 25.29
N ALA E 204 25.08 44.50 24.38
CA ALA E 204 25.73 45.81 24.57
C ALA E 204 25.44 46.39 25.97
N LYS E 205 24.17 46.29 26.40
CA LYS E 205 23.70 46.88 27.66
C LYS E 205 24.35 46.14 28.81
N LEU E 206 24.20 44.82 28.80
CA LEU E 206 24.86 43.93 29.75
C LEU E 206 26.35 44.23 29.92
N VAL E 207 27.05 44.49 28.81
CA VAL E 207 28.49 44.73 28.86
C VAL E 207 28.82 46.01 29.62
N CYS E 208 28.08 47.08 29.28
CA CYS E 208 28.24 48.36 29.93
C CYS E 208 27.95 48.24 31.42
N ASP E 209 26.80 47.63 31.76
CA ASP E 209 26.39 47.40 33.14
C ASP E 209 27.41 46.58 33.94
N LYS E 210 27.97 45.54 33.31
CA LYS E 210 28.93 44.64 33.96
C LYS E 210 30.30 45.30 34.18
N THR E 211 30.75 46.04 33.17
CA THR E 211 32.08 46.66 33.19
C THR E 211 32.09 47.99 33.91
N GLY E 212 31.01 48.76 33.76
CA GLY E 212 30.95 50.13 34.25
C GLY E 212 31.16 51.18 33.17
N TRP E 213 31.64 50.76 32.00
CA TRP E 213 31.87 51.70 30.89
C TRP E 213 30.56 52.00 30.17
N SER E 214 30.47 53.18 29.57
CA SER E 214 29.32 53.53 28.73
C SER E 214 29.58 53.16 27.26
N GLU E 215 28.60 53.44 26.40
CA GLU E 215 28.66 53.11 24.96
C GLU E 215 29.59 54.05 24.20
N ASP E 216 30.25 54.96 24.92
CA ASP E 216 31.31 55.80 24.37
C ASP E 216 32.67 55.37 24.92
N GLU E 217 32.71 55.01 26.20
CA GLU E 217 33.94 54.60 26.87
C GLU E 217 34.53 53.28 26.34
N ILE E 218 33.68 52.29 26.10
CA ILE E 218 34.10 51.02 25.48
C ILE E 218 34.63 51.27 24.07
N ALA E 219 33.90 52.06 23.27
CA ALA E 219 34.31 52.43 21.92
C ALA E 219 35.68 53.10 21.90
N SER E 220 36.00 53.83 22.97
CA SER E 220 37.29 54.51 23.09
C SER E 220 38.48 53.55 23.22
N ARG E 221 38.23 52.30 23.58
CA ARG E 221 39.30 51.30 23.76
C ARG E 221 39.55 50.39 22.53
N VAL E 222 38.70 50.53 21.51
CA VAL E 222 38.72 49.63 20.38
C VAL E 222 38.62 50.41 19.08
N GLN E 223 39.01 49.77 17.99
CA GLN E 223 38.90 50.39 16.67
C GLN E 223 37.44 50.51 16.27
N ALA E 224 36.63 49.52 16.68
CA ALA E 224 35.22 49.52 16.33
C ALA E 224 34.36 48.80 17.39
N LEU E 225 33.26 49.46 17.74
CA LEU E 225 32.21 48.88 18.58
C LEU E 225 31.02 48.63 17.67
N ILE E 226 30.77 47.35 17.37
CA ILE E 226 29.66 46.95 16.51
C ILE E 226 28.48 46.42 17.34
N ILE E 227 27.32 47.05 17.20
CA ILE E 227 26.15 46.66 17.98
C ILE E 227 25.00 46.43 16.99
N THR E 228 24.35 45.26 17.08
CA THR E 228 23.32 44.86 16.10
C THR E 228 21.91 45.05 16.70
N ARG E 229 20.99 45.47 15.83
CA ARG E 229 19.68 45.99 16.25
C ARG E 229 18.54 45.26 15.55
N GLY E 230 18.78 43.99 15.21
CA GLY E 230 17.77 43.15 14.56
C GLY E 230 17.36 43.74 13.23
N GLU E 231 16.05 43.81 12.99
CA GLU E 231 15.58 44.24 11.68
C GLU E 231 15.82 45.73 11.40
N HIS E 232 16.18 46.49 12.43
CA HIS E 232 16.54 47.91 12.25
C HIS E 232 18.00 48.10 11.83
N GLY E 233 18.75 46.99 11.76
CA GLY E 233 20.11 47.02 11.27
C GLY E 233 21.16 46.94 12.34
N ALA E 234 22.06 47.91 12.31
CA ALA E 234 23.22 47.94 13.21
C ALA E 234 23.96 49.28 13.17
N THR E 235 24.92 49.42 14.07
CA THR E 235 25.78 50.57 14.11
C THR E 235 27.20 50.09 14.31
N ILE E 236 28.11 50.69 13.55
CA ILE E 236 29.54 50.47 13.73
C ILE E 236 30.19 51.82 14.03
N ARG E 237 30.64 51.98 15.27
CA ARG E 237 31.35 53.18 15.71
C ARG E 237 32.85 52.92 15.63
N HIS E 238 33.55 53.70 14.81
CA HIS E 238 34.98 53.62 14.67
C HIS E 238 35.58 55.00 15.03
N ARG E 239 36.87 55.06 15.35
CA ARG E 239 37.37 56.29 15.99
C ARG E 239 37.20 57.60 15.20
N ASP E 240 36.94 57.49 13.90
CA ASP E 240 36.70 58.66 13.03
C ASP E 240 35.23 58.93 12.66
N GLY E 241 34.35 57.99 13.00
CA GLY E 241 32.93 58.17 12.70
C GLY E 241 32.03 57.01 13.06
N THR E 242 30.78 57.10 12.63
CA THR E 242 29.77 56.10 12.92
C THR E 242 29.04 55.79 11.62
N GLU E 243 28.88 54.50 11.32
CA GLU E 243 27.98 54.09 10.24
C GLU E 243 26.70 53.43 10.75
N GLN E 244 25.57 54.05 10.42
CA GLN E 244 24.27 53.45 10.56
C GLN E 244 24.05 52.49 9.38
N ILE E 245 24.43 51.24 9.59
CA ILE E 245 24.22 50.15 8.62
C ILE E 245 22.73 49.85 8.53
N PRO E 246 22.18 49.86 7.30
CA PRO E 246 20.79 49.46 7.16
C PRO E 246 20.67 47.94 7.23
N ALA E 247 19.53 47.48 7.74
CA ALA E 247 19.12 46.09 7.54
C ALA E 247 18.71 45.98 6.08
N VAL E 248 18.81 44.77 5.53
CA VAL E 248 18.26 44.41 4.23
C VAL E 248 16.92 43.67 4.47
N ARG E 249 15.89 43.98 3.68
CA ARG E 249 14.60 43.29 3.86
C ARG E 249 14.75 41.80 3.55
N ALA E 250 14.12 40.97 4.39
CA ALA E 250 14.19 39.52 4.24
C ALA E 250 13.19 38.96 3.21
N GLU E 251 13.60 37.92 2.48
CA GLU E 251 12.73 37.13 1.59
C GLU E 251 11.52 36.54 2.34
N ARG E 252 11.75 36.13 3.60
CA ARG E 252 10.70 35.71 4.54
C ARG E 252 11.31 35.70 5.95
N VAL E 253 10.53 36.05 6.97
CA VAL E 253 11.02 36.10 8.35
C VAL E 253 10.67 34.81 9.10
N ILE E 254 11.62 33.88 9.13
CA ILE E 254 11.38 32.51 9.60
C ILE E 254 11.97 32.24 10.98
N ASP E 255 13.30 32.33 11.08
CA ASP E 255 13.99 32.05 12.32
C ASP E 255 15.23 32.95 12.42
N PRO E 256 15.23 33.89 13.36
CA PRO E 256 16.43 34.74 13.49
C PRO E 256 17.64 34.04 14.14
N THR E 257 17.49 32.77 14.51
CA THR E 257 18.56 32.06 15.23
C THR E 257 19.78 31.91 14.35
N GLY E 258 20.90 32.51 14.78
CA GLY E 258 22.13 32.47 14.00
C GLY E 258 22.29 33.67 13.08
N CYS E 259 21.36 34.62 13.17
CA CYS E 259 21.48 35.86 12.41
C CYS E 259 22.76 36.57 12.79
N GLY E 260 22.99 36.72 14.10
CA GLY E 260 24.23 37.32 14.64
C GLY E 260 25.51 36.71 14.10
N ASP E 261 25.57 35.37 14.04
CA ASP E 261 26.77 34.67 13.55
C ASP E 261 26.95 34.72 12.03
N ALA E 262 25.83 34.82 11.31
CA ALA E 262 25.84 35.14 9.85
C ALA E 262 26.46 36.52 9.61
N PHE E 263 26.01 37.48 10.40
CA PHE E 263 26.50 38.85 10.39
C PHE E 263 28.02 38.86 10.67
N ARG E 264 28.44 38.13 11.70
CA ARG E 264 29.88 37.96 12.03
C ARG E 264 30.74 37.54 10.84
N GLY E 265 30.26 36.56 10.07
CA GLY E 265 31.04 35.97 8.97
C GLY E 265 31.32 37.01 7.89
N GLY E 266 30.31 37.79 7.53
CA GLY E 266 30.44 38.83 6.53
C GLY E 266 31.28 40.00 7.02
N LEU E 267 31.16 40.29 8.32
CA LEU E 267 31.92 41.37 8.96
C LEU E 267 33.41 40.99 8.89
N LEU E 268 33.70 39.72 9.19
CA LEU E 268 35.07 39.18 9.07
C LEU E 268 35.59 39.17 7.62
N TYR E 269 34.74 38.81 6.67
CA TYR E 269 35.13 38.84 5.26
C TYR E 269 35.55 40.26 4.85
N GLY E 270 34.70 41.24 5.15
CA GLY E 270 34.99 42.64 4.79
C GLY E 270 36.26 43.20 5.43
N ILE E 271 36.42 42.93 6.73
CA ILE E 271 37.61 43.30 7.49
C ILE E 271 38.86 42.67 6.88
N GLU E 272 38.78 41.38 6.58
CA GLU E 272 39.88 40.69 5.93
C GLU E 272 40.20 41.31 4.57
N HIS E 273 39.16 41.63 3.81
CA HIS E 273 39.31 42.12 2.43
C HIS E 273 39.56 43.62 2.29
N GLY E 274 39.87 44.29 3.40
CA GLY E 274 40.11 45.73 3.39
C GLY E 274 38.97 46.54 2.81
N PHE E 275 37.74 46.18 3.17
CA PHE E 275 36.56 46.97 2.81
C PHE E 275 36.46 48.16 3.74
N ASP E 276 35.80 49.22 3.26
CA ASP E 276 35.33 50.27 4.14
C ASP E 276 34.28 49.66 5.08
N TRP E 277 34.11 50.27 6.26
CA TRP E 277 33.18 49.76 7.26
C TRP E 277 31.74 49.72 6.77
N ALA E 278 31.35 50.73 5.98
CA ALA E 278 29.97 50.78 5.46
C ALA E 278 29.67 49.57 4.58
N THR E 279 30.62 49.20 3.73
CA THR E 279 30.50 48.03 2.86
C THR E 279 30.57 46.74 3.66
N ALA E 280 31.55 46.64 4.56
CA ALA E 280 31.65 45.46 5.43
C ALA E 280 30.37 45.25 6.24
N GLY E 281 29.80 46.36 6.70
CA GLY E 281 28.54 46.35 7.45
C GLY E 281 27.37 45.91 6.60
N ARG E 282 27.25 46.50 5.40
CA ARG E 282 26.26 46.08 4.38
C ARG E 282 26.30 44.59 4.11
N LEU E 283 27.51 44.03 3.98
CA LEU E 283 27.64 42.61 3.68
C LEU E 283 27.18 41.78 4.89
N ALA E 284 27.71 42.11 6.07
CA ALA E 284 27.24 41.50 7.31
C ALA E 284 25.70 41.52 7.41
N SER E 285 25.12 42.68 7.10
CA SER E 285 23.68 42.89 7.17
C SER E 285 22.90 42.02 6.18
N LEU E 286 23.37 41.98 4.94
CA LEU E 286 22.78 41.09 3.93
C LEU E 286 22.95 39.62 4.32
N MET E 287 24.08 39.27 4.93
CA MET E 287 24.29 37.88 5.37
C MET E 287 23.25 37.45 6.41
N GLY E 288 22.91 38.38 7.30
CA GLY E 288 21.91 38.16 8.34
C GLY E 288 20.52 38.02 7.75
N ALA E 289 20.21 38.85 6.76
CA ALA E 289 18.91 38.81 6.06
C ALA E 289 18.75 37.58 5.17
N LEU E 290 19.83 37.11 4.54
CA LEU E 290 19.79 35.83 3.83
C LEU E 290 19.45 34.73 4.83
N LYS E 291 20.14 34.75 5.98
CA LYS E 291 19.94 33.75 7.02
C LYS E 291 18.50 33.65 7.58
N ILE E 292 17.86 34.79 7.81
CA ILE E 292 16.58 34.80 8.53
C ILE E 292 15.47 34.09 7.76
N ALA E 293 15.56 34.08 6.42
CA ALA E 293 14.62 33.38 5.55
C ALA E 293 14.66 31.85 5.67
N HIS E 294 15.50 31.34 6.58
CA HIS E 294 15.63 29.89 6.75
C HIS E 294 15.64 29.42 8.21
N GLN E 295 15.15 28.20 8.41
CA GLN E 295 15.11 27.53 9.70
C GLN E 295 16.53 27.19 10.18
N GLY E 296 16.82 27.46 11.45
CA GLY E 296 18.12 27.11 12.03
C GLY E 296 19.23 28.07 11.64
N PRO E 297 20.42 27.90 12.25
CA PRO E 297 21.50 28.83 11.92
C PRO E 297 22.24 28.60 10.61
N GLN E 298 22.20 27.38 10.07
CA GLN E 298 23.07 27.04 8.94
C GLN E 298 22.38 26.43 7.72
N THR E 299 21.06 26.51 7.63
CA THR E 299 20.41 25.84 6.50
C THR E 299 20.45 26.71 5.23
N TYR E 300 20.38 28.03 5.38
CA TYR E 300 20.57 28.93 4.24
C TYR E 300 21.85 28.53 3.53
N ALA E 301 21.83 28.61 2.20
CA ALA E 301 22.95 28.15 1.39
C ALA E 301 23.12 28.95 0.09
N PRO E 302 23.10 30.31 0.17
CA PRO E 302 23.33 31.05 -1.06
C PRO E 302 24.71 30.70 -1.65
N THR E 303 24.80 30.66 -2.98
CA THR E 303 26.10 30.57 -3.65
C THR E 303 26.78 31.94 -3.56
N ARG E 304 28.09 31.97 -3.82
CA ARG E 304 28.81 33.24 -3.86
C ARG E 304 28.14 34.21 -4.83
N ALA E 305 27.82 33.69 -6.02
CA ALA E 305 27.12 34.46 -7.06
C ALA E 305 25.79 35.05 -6.59
N GLU E 306 25.00 34.24 -5.87
CA GLU E 306 23.72 34.68 -5.35
C GLU E 306 23.87 35.86 -4.36
N ILE E 307 24.85 35.75 -3.45
CA ILE E 307 25.16 36.85 -2.52
C ILE E 307 25.51 38.15 -3.25
N ASP E 308 26.41 38.07 -4.22
CA ASP E 308 26.84 39.24 -4.97
C ASP E 308 25.66 39.90 -5.67
N ALA E 309 24.81 39.07 -6.28
CA ALA E 309 23.63 39.55 -7.00
C ALA E 309 22.66 40.29 -6.07
N ARG E 310 22.44 39.74 -4.87
CA ARG E 310 21.52 40.36 -3.92
C ARG E 310 22.13 41.65 -3.38
N PHE E 311 23.44 41.63 -3.14
CA PHE E 311 24.16 42.80 -2.67
C PHE E 311 24.12 43.93 -3.72
N GLU E 312 24.27 43.56 -4.98
CA GLU E 312 24.23 44.52 -6.10
C GLU E 312 22.87 45.15 -6.25
N THR E 313 21.83 44.34 -6.06
CA THR E 313 20.44 44.80 -6.24
C THR E 313 20.05 45.69 -5.06
N ALA E 314 20.57 45.36 -3.89
CA ALA E 314 20.28 46.12 -2.69
C ALA E 314 21.03 47.47 -2.67
N PHE E 315 22.32 47.44 -2.99
CA PHE E 315 23.19 48.61 -2.77
C PHE E 315 23.77 49.29 -4.03
N GLY E 316 23.62 48.67 -5.19
CA GLY E 316 24.07 49.29 -6.44
C GLY E 316 25.41 48.81 -6.98
N TYR E 317 26.17 48.10 -6.15
CA TYR E 317 27.52 47.60 -6.46
C TYR E 317 27.74 46.26 -5.78
N ARG E 318 28.86 45.61 -6.10
CA ARG E 318 29.21 44.31 -5.53
C ARG E 318 30.56 44.34 -4.76
N PRO E 319 30.82 43.30 -3.94
CA PRO E 319 32.12 42.85 -3.40
C PRO E 319 33.39 43.41 -4.03
N ALA F 10 -63.80 -34.92 14.81
CA ALA F 10 -63.37 -35.32 13.43
C ALA F 10 -63.39 -34.15 12.45
N THR F 11 -62.22 -33.58 12.22
CA THR F 11 -62.06 -32.38 11.42
C THR F 11 -61.35 -32.74 10.13
N LEU F 12 -62.00 -32.43 9.03
CA LEU F 12 -61.47 -32.79 7.72
C LEU F 12 -60.53 -31.72 7.19
N ILE F 13 -59.25 -32.07 7.09
CA ILE F 13 -58.22 -31.12 6.70
C ILE F 13 -57.79 -31.35 5.26
N CYS F 14 -58.28 -30.48 4.37
CA CYS F 14 -58.05 -30.57 2.94
C CYS F 14 -56.93 -29.64 2.50
N GLY F 15 -55.96 -30.16 1.75
CA GLY F 15 -54.85 -29.33 1.30
C GLY F 15 -53.61 -30.11 0.91
N SER F 16 -52.57 -29.38 0.55
CA SER F 16 -51.34 -29.97 0.06
C SER F 16 -50.63 -30.79 1.12
N ILE F 17 -50.01 -31.88 0.68
CA ILE F 17 -49.14 -32.70 1.54
C ILE F 17 -47.78 -32.73 0.83
N ALA F 18 -46.74 -32.14 1.40
CA ALA F 18 -45.50 -31.90 0.63
C ALA F 18 -44.21 -32.07 1.43
N TYR F 19 -43.08 -32.12 0.72
CA TYR F 19 -41.77 -31.99 1.35
C TYR F 19 -41.27 -30.57 1.10
N ASP F 20 -40.88 -29.90 2.16
CA ASP F 20 -40.35 -28.56 2.05
C ASP F 20 -38.83 -28.57 2.16
N ASN F 21 -38.20 -27.70 1.39
CA ASN F 21 -36.79 -27.42 1.50
C ASN F 21 -36.71 -25.92 1.75
N ILE F 22 -36.36 -25.54 2.98
CA ILE F 22 -36.51 -24.16 3.42
C ILE F 22 -35.17 -23.45 3.62
N MET F 23 -35.06 -22.26 3.04
CA MET F 23 -33.89 -21.42 3.24
C MET F 23 -34.35 -20.10 3.89
N THR F 24 -34.09 -19.97 5.19
CA THR F 24 -34.48 -18.78 5.94
C THR F 24 -33.32 -17.78 6.16
N PHE F 25 -33.40 -16.64 5.48
CA PHE F 25 -32.45 -15.54 5.67
C PHE F 25 -32.64 -15.00 7.09
N GLU F 26 -31.59 -15.02 7.89
CA GLU F 26 -31.70 -14.51 9.27
C GLU F 26 -31.69 -12.99 9.13
N GLY F 27 -32.88 -12.44 8.90
CA GLY F 27 -33.03 -11.00 8.64
C GLY F 27 -34.35 -10.70 7.97
N ARG F 28 -34.47 -9.46 7.48
CA ARG F 28 -35.69 -8.97 6.86
C ARG F 28 -35.38 -8.49 5.46
N PHE F 29 -36.12 -8.99 4.48
CA PHE F 29 -35.98 -8.52 3.09
C PHE F 29 -36.19 -6.98 2.97
N ARG F 30 -37.20 -6.43 3.69
CA ARG F 30 -37.51 -4.97 3.67
C ARG F 30 -36.32 -4.07 3.92
N GLU F 31 -35.41 -4.53 4.77
CA GLU F 31 -34.21 -3.77 5.12
C GLU F 31 -33.18 -3.75 4.00
N HIS F 32 -33.24 -4.74 3.10
CA HIS F 32 -32.24 -4.89 2.04
C HIS F 32 -32.81 -4.52 0.69
N ILE F 33 -33.79 -3.63 0.72
CA ILE F 33 -34.54 -3.29 -0.48
C ILE F 33 -34.22 -1.85 -0.93
N LEU F 34 -33.86 -1.71 -2.20
CA LEU F 34 -33.42 -0.42 -2.76
C LEU F 34 -34.17 -0.05 -4.03
N PRO F 35 -35.36 0.55 -3.88
CA PRO F 35 -36.27 0.93 -4.98
C PRO F 35 -35.59 1.77 -6.07
N ASP F 36 -34.65 2.62 -5.65
CA ASP F 36 -33.91 3.55 -6.52
C ASP F 36 -33.15 2.79 -7.62
N GLN F 37 -32.58 1.65 -7.25
CA GLN F 37 -31.82 0.78 -8.17
C GLN F 37 -32.69 0.02 -9.15
N VAL F 38 -32.10 -0.47 -10.25
CA VAL F 38 -32.82 -1.38 -11.14
C VAL F 38 -32.89 -2.79 -10.50
N HIS F 39 -31.88 -3.11 -9.68
CA HIS F 39 -31.92 -4.30 -8.85
C HIS F 39 -32.47 -3.85 -7.50
N LEU F 40 -33.66 -4.36 -7.19
CA LEU F 40 -34.35 -4.06 -5.95
C LEU F 40 -33.66 -4.69 -4.74
N ILE F 41 -33.34 -5.98 -4.86
CA ILE F 41 -32.69 -6.71 -3.78
C ILE F 41 -31.76 -7.79 -4.34
N ASN F 42 -30.63 -7.97 -3.67
CA ASN F 42 -29.68 -9.06 -3.90
C ASN F 42 -29.26 -9.54 -2.52
N LEU F 43 -29.33 -10.84 -2.30
CA LEU F 43 -28.79 -11.44 -1.09
C LEU F 43 -28.09 -12.72 -1.44
N SER F 44 -27.00 -12.99 -0.75
CA SER F 44 -26.42 -14.32 -0.80
C SER F 44 -25.97 -14.66 0.59
N PHE F 45 -26.71 -15.54 1.24
CA PHE F 45 -26.46 -15.88 2.63
C PHE F 45 -26.04 -17.33 2.81
N LEU F 46 -25.20 -17.55 3.82
CA LEU F 46 -24.62 -18.87 4.08
C LEU F 46 -25.64 -19.81 4.73
N VAL F 47 -25.94 -20.91 4.06
CA VAL F 47 -26.73 -21.97 4.66
C VAL F 47 -25.83 -23.16 4.98
N PRO F 48 -26.23 -23.96 5.99
CA PRO F 48 -25.58 -25.24 6.23
C PRO F 48 -26.23 -26.32 5.37
N THR F 49 -25.94 -27.58 5.68
CA THR F 49 -26.40 -28.75 4.92
C THR F 49 -27.93 -28.79 4.73
N MET F 50 -28.38 -29.45 3.66
CA MET F 50 -29.81 -29.59 3.31
C MET F 50 -30.60 -30.45 4.30
N ARG F 51 -31.90 -30.18 4.45
CA ARG F 51 -32.81 -31.01 5.25
C ARG F 51 -34.23 -30.95 4.68
N ARG F 52 -34.76 -32.11 4.31
CA ARG F 52 -36.10 -32.23 3.73
C ARG F 52 -37.13 -32.34 4.86
N GLU F 53 -37.88 -31.27 5.10
CA GLU F 53 -38.84 -31.23 6.19
C GLU F 53 -40.24 -31.69 5.77
N PHE F 54 -41.01 -32.18 6.74
CA PHE F 54 -42.40 -32.55 6.49
C PHE F 54 -43.26 -31.30 6.50
N GLY F 55 -44.08 -31.16 5.46
CA GLY F 55 -44.88 -29.97 5.25
C GLY F 55 -46.14 -30.16 4.45
N GLY F 56 -46.44 -29.17 3.60
CA GLY F 56 -47.74 -29.09 2.95
C GLY F 56 -48.75 -28.53 3.92
N CYS F 57 -49.73 -27.82 3.38
CA CYS F 57 -50.68 -27.10 4.21
C CYS F 57 -51.52 -28.02 5.08
N ALA F 58 -52.06 -29.08 4.50
CA ALA F 58 -52.86 -30.04 5.28
C ALA F 58 -52.01 -30.81 6.28
N GLY F 59 -50.79 -31.15 5.89
CA GLY F 59 -49.84 -31.83 6.80
C GLY F 59 -49.55 -31.05 8.06
N ASN F 60 -49.37 -29.74 7.90
CA ASN F 60 -49.00 -28.80 8.97
C ASN F 60 -50.15 -28.49 9.91
N ILE F 61 -51.32 -28.20 9.33
CA ILE F 61 -52.54 -27.91 10.08
C ILE F 61 -52.94 -29.15 10.90
N ALA F 62 -52.77 -30.33 10.31
CA ALA F 62 -53.21 -31.56 10.96
C ALA F 62 -52.26 -31.90 12.11
N TYR F 63 -50.99 -31.54 11.93
CA TYR F 63 -49.97 -31.73 12.95
C TYR F 63 -50.24 -30.83 14.14
N ALA F 64 -50.64 -29.60 13.85
CA ALA F 64 -50.99 -28.65 14.90
C ALA F 64 -52.23 -29.07 15.70
N LEU F 65 -53.28 -29.52 15.01
CA LEU F 65 -54.51 -29.98 15.68
C LEU F 65 -54.22 -31.24 16.51
N ASN F 66 -53.42 -32.15 15.95
CA ASN F 66 -53.05 -33.34 16.70
C ASN F 66 -52.24 -33.01 17.96
N LEU F 67 -51.37 -32.00 17.87
CA LEU F 67 -50.61 -31.54 19.03
C LEU F 67 -51.55 -31.09 20.16
N LEU F 68 -52.67 -30.48 19.78
CA LEU F 68 -53.68 -30.02 20.74
C LEU F 68 -54.58 -31.13 21.28
N GLY F 69 -54.57 -32.27 20.58
CA GLY F 69 -55.37 -33.44 20.95
C GLY F 69 -56.71 -33.49 20.26
N GLY F 70 -56.80 -32.81 19.13
CA GLY F 70 -58.01 -32.88 18.30
C GLY F 70 -57.93 -34.02 17.31
N ASP F 71 -59.05 -34.31 16.66
CA ASP F 71 -59.10 -35.38 15.68
C ASP F 71 -58.91 -34.75 14.30
N ALA F 72 -57.78 -35.07 13.67
CA ALA F 72 -57.43 -34.52 12.36
C ALA F 72 -57.41 -35.59 11.28
N ARG F 73 -58.28 -35.45 10.27
CA ARG F 73 -58.31 -36.33 9.11
C ARG F 73 -57.85 -35.57 7.86
N MET F 74 -56.67 -35.94 7.37
CA MET F 74 -56.07 -35.33 6.19
C MET F 74 -56.71 -35.89 4.92
N MET F 75 -57.13 -34.97 4.05
CA MET F 75 -57.57 -35.30 2.71
C MET F 75 -56.62 -34.58 1.76
N GLY F 76 -55.86 -35.34 0.98
CA GLY F 76 -54.84 -34.79 0.08
C GLY F 76 -54.16 -35.90 -0.69
N THR F 77 -53.23 -35.54 -1.59
CA THR F 77 -52.54 -36.55 -2.39
C THR F 77 -51.02 -36.56 -2.27
N LEU F 78 -50.47 -37.77 -2.18
CA LEU F 78 -49.05 -38.00 -2.18
C LEU F 78 -48.66 -38.75 -3.44
N GLY F 79 -47.34 -38.80 -3.68
CA GLY F 79 -46.80 -39.58 -4.78
C GLY F 79 -46.10 -40.82 -4.28
N ALA F 80 -46.43 -41.95 -4.88
CA ALA F 80 -45.94 -43.24 -4.40
C ALA F 80 -44.41 -43.40 -4.45
N VAL F 81 -43.76 -42.66 -5.34
CA VAL F 81 -42.29 -42.72 -5.48
C VAL F 81 -41.55 -42.30 -4.20
N ASP F 82 -42.08 -41.34 -3.46
CA ASP F 82 -41.38 -40.87 -2.26
C ASP F 82 -42.31 -40.55 -1.08
N ALA F 83 -43.50 -41.20 -1.06
CA ALA F 83 -44.51 -41.02 -0.01
C ALA F 83 -44.15 -41.61 1.35
N GLN F 84 -43.33 -42.67 1.36
CA GLN F 84 -43.18 -43.50 2.54
C GLN F 84 -42.75 -42.78 3.85
N PRO F 85 -41.76 -41.87 3.78
CA PRO F 85 -41.42 -41.20 5.04
C PRO F 85 -42.62 -40.48 5.68
N TYR F 86 -43.47 -39.84 4.87
CA TYR F 86 -44.69 -39.19 5.38
C TYR F 86 -45.74 -40.18 5.89
N LEU F 87 -45.96 -41.27 5.13
CA LEU F 87 -46.87 -42.35 5.53
C LEU F 87 -46.47 -42.94 6.88
N ASP F 88 -45.16 -43.14 7.08
CA ASP F 88 -44.63 -43.65 8.34
C ASP F 88 -44.86 -42.66 9.49
N ARG F 89 -44.60 -41.39 9.21
CA ARG F 89 -44.72 -40.32 10.19
C ARG F 89 -46.18 -40.12 10.62
N MET F 90 -47.09 -40.23 9.65
CA MET F 90 -48.53 -40.14 9.93
C MET F 90 -48.94 -41.29 10.83
N ASP F 91 -48.43 -42.49 10.57
CA ASP F 91 -48.76 -43.65 11.40
C ASP F 91 -48.14 -43.55 12.80
N ALA F 92 -46.95 -42.97 12.88
CA ALA F 92 -46.28 -42.85 14.17
C ALA F 92 -47.06 -41.87 15.03
N LEU F 93 -47.59 -40.83 14.38
CA LEU F 93 -48.34 -39.80 15.07
C LEU F 93 -49.81 -40.23 15.34
N GLY F 94 -50.26 -41.29 14.66
CA GLY F 94 -51.66 -41.73 14.76
C GLY F 94 -52.60 -40.78 14.03
N LEU F 95 -52.11 -40.27 12.90
CA LEU F 95 -52.85 -39.37 12.05
C LEU F 95 -53.51 -40.28 11.02
N SER F 96 -54.83 -40.24 10.92
CA SER F 96 -55.50 -41.13 9.98
C SER F 96 -55.12 -40.83 8.53
N ARG F 97 -54.94 -41.91 7.76
CA ARG F 97 -54.63 -41.87 6.33
C ARG F 97 -55.81 -42.28 5.45
N GLU F 98 -57.00 -42.34 6.03
CA GLU F 98 -58.18 -42.80 5.28
C GLU F 98 -58.53 -41.93 4.05
N TYR F 99 -58.12 -40.66 4.08
CA TYR F 99 -58.28 -39.79 2.92
C TYR F 99 -56.93 -39.30 2.35
N VAL F 100 -55.83 -39.90 2.80
CA VAL F 100 -54.52 -39.65 2.20
C VAL F 100 -54.33 -40.62 1.05
N ARG F 101 -54.39 -40.10 -0.16
CA ARG F 101 -54.31 -40.94 -1.34
C ARG F 101 -52.90 -40.93 -1.91
N VAL F 102 -52.36 -42.13 -2.11
CA VAL F 102 -51.00 -42.31 -2.61
C VAL F 102 -51.11 -42.78 -4.06
N LEU F 103 -50.61 -41.95 -4.98
CA LEU F 103 -50.83 -42.18 -6.41
C LEU F 103 -49.63 -42.77 -7.11
N PRO F 104 -49.84 -43.90 -7.82
CA PRO F 104 -48.80 -44.64 -8.53
C PRO F 104 -47.91 -43.80 -9.45
N ASP F 105 -46.61 -44.11 -9.41
CA ASP F 105 -45.61 -43.54 -10.32
C ASP F 105 -45.56 -42.02 -10.36
N THR F 106 -45.90 -41.38 -9.24
CA THR F 106 -45.85 -39.92 -9.16
C THR F 106 -45.00 -39.44 -7.99
N TYR F 107 -44.49 -38.21 -8.11
CA TYR F 107 -43.74 -37.60 -7.02
C TYR F 107 -44.65 -36.73 -6.18
N SER F 108 -44.36 -36.71 -4.88
CA SER F 108 -45.08 -35.90 -3.92
C SER F 108 -44.70 -34.43 -4.11
N ALA F 109 -45.60 -33.53 -3.72
CA ALA F 109 -45.34 -32.11 -3.85
C ALA F 109 -44.05 -31.75 -3.12
N GLN F 110 -43.31 -30.79 -3.70
CA GLN F 110 -42.08 -30.25 -3.13
C GLN F 110 -42.21 -28.75 -3.11
N ALA F 111 -41.89 -28.14 -1.97
CA ALA F 111 -41.75 -26.68 -1.92
C ALA F 111 -40.30 -26.30 -1.68
N MET F 112 -39.79 -25.41 -2.53
CA MET F 112 -38.48 -24.82 -2.36
C MET F 112 -38.75 -23.39 -1.88
N ILE F 113 -38.58 -23.17 -0.58
CA ILE F 113 -39.07 -21.96 0.09
C ILE F 113 -37.93 -21.07 0.51
N THR F 114 -37.88 -19.85 -0.03
CA THR F 114 -36.91 -18.85 0.44
C THR F 114 -37.64 -17.76 1.20
N THR F 115 -37.25 -17.58 2.45
CA THR F 115 -38.01 -16.74 3.33
C THR F 115 -37.11 -15.84 4.18
N ASP F 116 -37.73 -15.07 5.06
CA ASP F 116 -36.99 -14.24 5.99
C ASP F 116 -37.74 -14.30 7.32
N LEU F 117 -37.33 -13.48 8.27
CA LEU F 117 -37.93 -13.52 9.59
C LEU F 117 -39.28 -12.80 9.64
N ASP F 118 -39.65 -12.12 8.55
CA ASP F 118 -40.98 -11.54 8.41
C ASP F 118 -41.96 -12.51 7.74
N ASN F 119 -41.50 -13.70 7.39
CA ASN F 119 -42.36 -14.71 6.74
C ASN F 119 -42.76 -14.32 5.33
N ASN F 120 -41.89 -13.59 4.63
CA ASN F 120 -42.07 -13.30 3.21
C ASN F 120 -41.62 -14.50 2.38
N GLN F 121 -42.46 -15.53 2.38
CA GLN F 121 -42.16 -16.78 1.67
C GLN F 121 -42.27 -16.60 0.18
N ILE F 122 -41.17 -16.92 -0.50
CA ILE F 122 -41.10 -16.88 -1.96
C ILE F 122 -40.74 -18.28 -2.44
N THR F 123 -41.78 -18.99 -2.89
CA THR F 123 -41.69 -20.44 -3.10
C THR F 123 -41.73 -20.81 -4.56
N ALA F 124 -40.75 -21.62 -4.97
CA ALA F 124 -40.87 -22.37 -6.19
C ALA F 124 -41.46 -23.70 -5.74
N PHE F 125 -42.65 -23.99 -6.24
CA PHE F 125 -43.44 -25.14 -5.84
C PHE F 125 -43.46 -26.16 -6.97
N HIS F 126 -43.16 -27.42 -6.64
CA HIS F 126 -43.16 -28.52 -7.59
C HIS F 126 -44.42 -29.31 -7.30
N PRO F 127 -45.52 -29.02 -8.03
CA PRO F 127 -46.82 -29.55 -7.60
C PRO F 127 -46.90 -31.08 -7.50
N GLY F 128 -46.34 -31.78 -8.47
CA GLY F 128 -46.39 -33.25 -8.49
C GLY F 128 -47.80 -33.77 -8.23
N ALA F 129 -47.90 -34.78 -7.37
CA ALA F 129 -49.17 -35.43 -7.02
C ALA F 129 -50.31 -34.48 -6.58
N MET F 130 -49.98 -33.27 -6.12
CA MET F 130 -51.01 -32.28 -5.76
C MET F 130 -51.95 -31.94 -6.93
N MET F 131 -51.44 -32.11 -8.16
CA MET F 131 -52.22 -31.85 -9.38
CA MET F 131 -52.22 -31.86 -9.39
C MET F 131 -53.45 -32.76 -9.49
N GLN F 132 -53.51 -33.79 -8.65
CA GLN F 132 -54.62 -34.74 -8.66
C GLN F 132 -55.54 -34.63 -7.43
N SER F 133 -55.36 -33.59 -6.62
CA SER F 133 -56.11 -33.48 -5.35
C SER F 133 -57.62 -33.70 -5.47
N HIS F 134 -58.17 -33.41 -6.64
CA HIS F 134 -59.60 -33.58 -6.92
C HIS F 134 -60.10 -35.03 -6.88
N VAL F 135 -59.19 -36.00 -6.90
CA VAL F 135 -59.60 -37.41 -6.88
C VAL F 135 -60.22 -37.82 -5.54
N ASN F 136 -60.06 -36.94 -4.55
CA ASN F 136 -60.68 -37.09 -3.25
C ASN F 136 -61.94 -36.25 -3.16
N HIS F 137 -62.99 -36.83 -2.59
CA HIS F 137 -64.27 -36.13 -2.53
C HIS F 137 -64.63 -35.78 -1.08
N ALA F 138 -64.53 -34.49 -0.78
CA ALA F 138 -64.76 -33.97 0.57
C ALA F 138 -66.11 -34.35 1.16
N GLY F 139 -67.14 -34.35 0.32
CA GLY F 139 -68.50 -34.65 0.75
C GLY F 139 -68.66 -36.08 1.21
N GLU F 140 -67.87 -36.98 0.63
CA GLU F 140 -67.91 -38.41 0.97
C GLU F 140 -67.43 -38.74 2.37
N ALA F 141 -66.58 -37.88 2.94
CA ALA F 141 -66.01 -38.10 4.27
C ALA F 141 -67.08 -38.31 5.35
N LYS F 142 -66.86 -39.31 6.20
CA LYS F 142 -67.81 -39.73 7.23
C LYS F 142 -67.82 -38.86 8.51
N ASP F 143 -69.02 -38.43 8.90
CA ASP F 143 -69.29 -37.77 10.20
C ASP F 143 -68.34 -36.63 10.60
N ILE F 144 -68.02 -35.78 9.63
CA ILE F 144 -67.18 -34.63 9.87
C ILE F 144 -67.97 -33.50 10.52
N LYS F 145 -67.40 -32.94 11.58
CA LYS F 145 -67.99 -31.83 12.33
C LYS F 145 -67.50 -30.47 11.81
N LEU F 146 -66.29 -30.46 11.25
CA LEU F 146 -65.66 -29.24 10.74
C LEU F 146 -64.63 -29.58 9.67
N ALA F 147 -64.38 -28.65 8.75
CA ALA F 147 -63.33 -28.87 7.76
C ALA F 147 -62.50 -27.61 7.52
N ILE F 148 -61.36 -27.76 6.87
CA ILE F 148 -60.63 -26.62 6.32
C ILE F 148 -60.25 -26.92 4.88
N VAL F 149 -60.35 -25.91 4.03
CA VAL F 149 -59.91 -26.03 2.65
C VAL F 149 -58.70 -25.13 2.45
N GLY F 150 -57.53 -25.76 2.34
CA GLY F 150 -56.27 -25.05 2.26
C GLY F 150 -55.72 -24.99 0.84
N PRO F 151 -54.52 -24.42 0.67
CA PRO F 151 -53.87 -24.41 -0.64
C PRO F 151 -53.72 -25.82 -1.16
N ASP F 152 -54.04 -26.00 -2.43
CA ASP F 152 -54.11 -27.31 -3.04
C ASP F 152 -54.16 -27.14 -4.55
N GLY F 153 -54.30 -28.23 -5.29
CA GLY F 153 -54.58 -28.16 -6.73
C GLY F 153 -55.89 -27.41 -6.93
N PHE F 154 -56.00 -26.66 -8.01
CA PHE F 154 -57.13 -25.72 -8.19
C PHE F 154 -58.47 -26.43 -8.21
N GLN F 155 -58.58 -27.48 -9.02
CA GLN F 155 -59.79 -28.30 -9.14
C GLN F 155 -60.20 -28.82 -7.77
N GLY F 156 -59.23 -29.33 -7.01
CA GLY F 156 -59.45 -29.79 -5.65
C GLY F 156 -60.06 -28.72 -4.76
N MET F 157 -59.38 -27.58 -4.64
CA MET F 157 -59.85 -26.49 -3.77
C MET F 157 -61.26 -25.99 -4.12
N VAL F 158 -61.63 -26.10 -5.39
CA VAL F 158 -62.95 -25.69 -5.85
C VAL F 158 -63.95 -26.75 -5.41
N GLN F 159 -63.64 -28.00 -5.73
CA GLN F 159 -64.54 -29.14 -5.48
C GLN F 159 -64.76 -29.41 -4.00
N HIS F 160 -63.71 -29.26 -3.19
CA HIS F 160 -63.85 -29.39 -1.74
C HIS F 160 -64.75 -28.27 -1.22
N THR F 161 -64.59 -27.09 -1.82
CA THR F 161 -65.39 -25.91 -1.51
C THR F 161 -66.88 -26.14 -1.85
N GLU F 162 -67.12 -26.76 -3.00
CA GLU F 162 -68.48 -27.10 -3.48
C GLU F 162 -69.13 -28.21 -2.62
N GLU F 163 -68.43 -29.34 -2.49
CA GLU F 163 -68.95 -30.47 -1.74
C GLU F 163 -69.23 -30.18 -0.26
N LEU F 164 -68.38 -29.37 0.39
CA LEU F 164 -68.57 -29.11 1.82
C LEU F 164 -69.78 -28.20 2.12
N ALA F 165 -69.97 -27.20 1.27
CA ALA F 165 -71.14 -26.32 1.37
C ALA F 165 -72.45 -27.09 1.12
N GLN F 166 -72.47 -27.94 0.10
CA GLN F 166 -73.64 -28.75 -0.21
C GLN F 166 -73.92 -29.73 0.92
N ALA F 167 -72.86 -30.24 1.54
CA ALA F 167 -72.99 -31.20 2.63
C ALA F 167 -73.39 -30.52 3.92
N GLY F 168 -73.29 -29.18 3.95
CA GLY F 168 -73.49 -28.43 5.17
C GLY F 168 -72.45 -28.76 6.24
N VAL F 169 -71.30 -29.32 5.82
CA VAL F 169 -70.13 -29.42 6.70
C VAL F 169 -69.45 -28.06 6.64
N PRO F 170 -69.51 -27.29 7.73
CA PRO F 170 -68.99 -25.93 7.68
C PRO F 170 -67.46 -25.91 7.59
N PHE F 171 -66.89 -24.91 6.93
CA PHE F 171 -65.43 -24.91 6.77
C PHE F 171 -64.75 -23.56 6.81
N ILE F 172 -63.48 -23.60 7.20
CA ILE F 172 -62.57 -22.49 7.05
C ILE F 172 -61.98 -22.59 5.65
N PHE F 173 -61.90 -21.47 4.94
CA PHE F 173 -61.32 -21.42 3.59
C PHE F 173 -60.03 -20.59 3.63
N ASP F 174 -58.92 -21.22 3.28
CA ASP F 174 -57.62 -20.54 3.31
C ASP F 174 -57.01 -20.75 1.94
N PRO F 175 -57.29 -19.82 1.01
CA PRO F 175 -56.82 -20.01 -0.36
C PRO F 175 -55.29 -19.92 -0.44
N GLY F 176 -54.70 -18.99 0.31
CA GLY F 176 -53.23 -18.81 0.43
C GLY F 176 -52.46 -18.87 -0.88
N GLN F 177 -51.44 -19.71 -0.91
CA GLN F 177 -50.60 -19.87 -2.10
C GLN F 177 -51.36 -20.34 -3.35
N GLY F 178 -52.60 -20.77 -3.17
CA GLY F 178 -53.44 -21.15 -4.29
C GLY F 178 -54.11 -19.99 -5.02
N LEU F 179 -53.97 -18.77 -4.49
CA LEU F 179 -54.62 -17.59 -5.08
C LEU F 179 -54.47 -17.41 -6.61
N PRO F 180 -53.21 -17.33 -7.13
CA PRO F 180 -53.02 -17.13 -8.58
C PRO F 180 -53.80 -18.11 -9.46
N LEU F 181 -54.24 -19.22 -8.87
CA LEU F 181 -54.99 -20.25 -9.58
C LEU F 181 -56.48 -19.88 -9.70
N PHE F 182 -56.89 -18.88 -8.92
CA PHE F 182 -58.29 -18.44 -8.92
C PHE F 182 -58.51 -17.25 -9.83
N ASP F 183 -59.69 -17.19 -10.46
CA ASP F 183 -60.14 -15.94 -11.05
C ASP F 183 -61.26 -15.32 -10.21
N GLY F 184 -61.62 -14.07 -10.52
CA GLY F 184 -62.69 -13.36 -9.81
C GLY F 184 -63.96 -14.16 -9.61
N ALA F 185 -64.41 -14.84 -10.67
CA ALA F 185 -65.63 -15.66 -10.60
C ALA F 185 -65.51 -16.84 -9.61
N THR F 186 -64.38 -17.53 -9.65
CA THR F 186 -64.24 -18.72 -8.79
C THR F 186 -63.80 -18.39 -7.37
N LEU F 187 -63.20 -17.23 -7.16
CA LEU F 187 -62.87 -16.81 -5.80
C LEU F 187 -64.13 -16.28 -5.10
N ARG F 188 -64.91 -15.47 -5.80
CA ARG F 188 -66.20 -15.00 -5.29
C ARG F 188 -67.07 -16.19 -4.87
N ARG F 189 -67.17 -17.18 -5.75
CA ARG F 189 -67.98 -18.38 -5.50
C ARG F 189 -67.52 -19.13 -4.24
N SER F 190 -66.22 -19.35 -4.12
CA SER F 190 -65.68 -20.08 -2.97
C SER F 190 -65.89 -19.31 -1.68
N ILE F 191 -65.74 -18.00 -1.73
CA ILE F 191 -66.00 -17.17 -0.54
C ILE F 191 -67.48 -17.19 -0.14
N GLU F 192 -68.37 -17.36 -1.12
CA GLU F 192 -69.81 -17.50 -0.82
C GLU F 192 -70.10 -18.83 -0.13
N LEU F 193 -69.38 -19.88 -0.50
CA LEU F 193 -69.60 -21.20 0.08
C LEU F 193 -68.98 -21.41 1.47
N ALA F 194 -68.06 -20.52 1.85
CA ALA F 194 -67.22 -20.69 3.03
C ALA F 194 -67.86 -20.17 4.29
N THR F 195 -67.70 -20.93 5.37
CA THR F 195 -68.22 -20.50 6.66
C THR F 195 -67.29 -19.49 7.32
N TYR F 196 -65.98 -19.74 7.23
CA TYR F 196 -64.98 -18.79 7.70
C TYR F 196 -63.87 -18.64 6.64
N ILE F 197 -63.25 -17.47 6.61
CA ILE F 197 -62.11 -17.20 5.72
C ILE F 197 -60.89 -16.86 6.60
N ALA F 198 -59.77 -17.50 6.33
CA ALA F 198 -58.54 -17.28 7.13
C ALA F 198 -57.33 -17.07 6.22
N VAL F 199 -56.79 -15.86 6.27
CA VAL F 199 -55.74 -15.37 5.37
C VAL F 199 -54.72 -14.54 6.15
N ASN F 200 -53.52 -14.30 5.59
CA ASN F 200 -52.63 -13.28 6.16
C ASN F 200 -52.93 -11.93 5.47
N ASP F 201 -52.27 -10.85 5.88
CA ASP F 201 -52.69 -9.53 5.35
C ASP F 201 -52.44 -9.34 3.84
N TYR F 202 -51.35 -9.95 3.35
CA TYR F 202 -51.03 -9.95 1.92
C TYR F 202 -52.10 -10.69 1.11
N GLU F 203 -52.42 -11.91 1.52
CA GLU F 203 -53.45 -12.73 0.84
C GLU F 203 -54.83 -12.05 0.86
N ALA F 204 -55.11 -11.34 1.95
CA ALA F 204 -56.34 -10.54 2.03
C ALA F 204 -56.40 -9.52 0.88
N LYS F 205 -55.32 -8.75 0.69
CA LYS F 205 -55.30 -7.74 -0.39
C LYS F 205 -55.44 -8.36 -1.78
N LEU F 206 -54.77 -9.48 -2.02
CA LEU F 206 -54.97 -10.22 -3.28
C LEU F 206 -56.42 -10.65 -3.45
N VAL F 207 -57.07 -11.05 -2.36
CA VAL F 207 -58.47 -11.47 -2.39
C VAL F 207 -59.41 -10.26 -2.60
N CYS F 208 -59.12 -9.15 -1.93
CA CYS F 208 -59.83 -7.90 -2.20
C CYS F 208 -59.79 -7.57 -3.69
N ASP F 209 -58.58 -7.49 -4.24
CA ASP F 209 -58.35 -7.15 -5.65
C ASP F 209 -59.04 -8.11 -6.61
N LYS F 210 -58.77 -9.40 -6.47
CA LYS F 210 -59.32 -10.42 -7.39
C LYS F 210 -60.85 -10.56 -7.34
N THR F 211 -61.46 -10.45 -6.16
CA THR F 211 -62.93 -10.44 -6.08
C THR F 211 -63.54 -9.09 -6.45
N GLY F 212 -62.77 -8.03 -6.24
CA GLY F 212 -63.25 -6.65 -6.40
C GLY F 212 -64.20 -6.31 -5.27
N TRP F 213 -64.04 -7.04 -4.16
CA TRP F 213 -64.82 -6.84 -2.95
C TRP F 213 -63.95 -6.15 -1.91
N SER F 214 -64.58 -5.26 -1.14
CA SER F 214 -63.95 -4.68 0.03
C SER F 214 -63.97 -5.70 1.18
N GLU F 215 -63.20 -5.43 2.23
CA GLU F 215 -63.18 -6.28 3.41
C GLU F 215 -64.52 -6.25 4.11
N ASP F 216 -65.21 -5.10 4.00
CA ASP F 216 -66.61 -4.97 4.38
C ASP F 216 -67.47 -5.99 3.62
N GLU F 217 -67.40 -5.95 2.29
CA GLU F 217 -68.18 -6.86 1.44
C GLU F 217 -67.87 -8.36 1.65
N ILE F 218 -66.62 -8.64 2.01
CA ILE F 218 -66.17 -10.01 2.27
C ILE F 218 -66.72 -10.62 3.57
N ALA F 219 -66.60 -9.90 4.68
CA ALA F 219 -66.99 -10.43 5.99
C ALA F 219 -68.51 -10.57 6.15
N SER F 220 -69.27 -9.92 5.27
CA SER F 220 -70.71 -9.95 5.29
C SER F 220 -71.25 -11.20 4.60
N ARG F 221 -70.37 -11.88 3.88
CA ARG F 221 -70.72 -13.13 3.17
C ARG F 221 -70.21 -14.39 3.89
N VAL F 222 -69.56 -14.18 5.03
CA VAL F 222 -69.05 -15.28 5.84
C VAL F 222 -69.35 -15.06 7.31
N GLN F 223 -69.16 -16.10 8.11
CA GLN F 223 -69.38 -16.01 9.54
C GLN F 223 -68.25 -15.27 10.25
N ALA F 224 -67.02 -15.39 9.75
CA ALA F 224 -65.89 -14.60 10.23
C ALA F 224 -64.74 -14.47 9.22
N LEU F 225 -64.15 -13.28 9.17
CA LEU F 225 -62.94 -12.99 8.38
C LEU F 225 -61.76 -12.80 9.31
N ILE F 226 -60.76 -13.66 9.19
CA ILE F 226 -59.63 -13.66 10.10
C ILE F 226 -58.34 -13.31 9.36
N ILE F 227 -57.75 -12.18 9.70
CA ILE F 227 -56.54 -11.71 9.01
C ILE F 227 -55.35 -11.74 9.95
N THR F 228 -54.35 -12.56 9.63
CA THR F 228 -53.15 -12.61 10.45
C THR F 228 -52.12 -11.58 9.97
N ARG F 229 -51.41 -11.01 10.94
CA ARG F 229 -50.41 -9.97 10.68
C ARG F 229 -49.13 -10.26 11.45
N GLY F 230 -48.63 -11.49 11.29
CA GLY F 230 -47.36 -11.90 11.88
C GLY F 230 -47.21 -11.45 13.31
N GLU F 231 -46.14 -10.70 13.59
CA GLU F 231 -45.86 -10.27 14.97
C GLU F 231 -46.90 -9.26 15.52
N HIS F 232 -47.83 -8.83 14.66
CA HIS F 232 -48.89 -7.89 15.06
C HIS F 232 -50.21 -8.60 15.35
N GLY F 233 -50.14 -9.91 15.62
CA GLY F 233 -51.31 -10.71 15.96
C GLY F 233 -52.25 -10.94 14.80
N ALA F 234 -53.56 -10.91 15.08
CA ALA F 234 -54.57 -11.15 14.05
C ALA F 234 -55.89 -10.40 14.28
N THR F 235 -56.61 -10.15 13.19
CA THR F 235 -57.97 -9.61 13.21
C THR F 235 -59.00 -10.75 13.10
N ILE F 236 -60.02 -10.74 13.97
CA ILE F 236 -61.15 -11.69 13.84
C ILE F 236 -62.49 -10.95 13.67
N ARG F 237 -62.76 -10.58 12.42
CA ARG F 237 -63.90 -9.74 12.06
C ARG F 237 -65.20 -10.54 11.98
N HIS F 238 -66.25 -10.04 12.63
CA HIS F 238 -67.63 -10.45 12.37
C HIS F 238 -68.27 -9.39 11.51
N ARG F 239 -69.29 -9.77 10.74
CA ARG F 239 -70.07 -8.78 10.00
C ARG F 239 -70.81 -7.84 10.99
N ASP F 240 -70.48 -8.00 12.28
CA ASP F 240 -70.90 -7.11 13.37
C ASP F 240 -69.90 -7.05 14.54
N GLY F 241 -68.68 -6.58 14.24
CA GLY F 241 -67.62 -6.40 15.26
C GLY F 241 -66.30 -7.12 15.02
N THR F 242 -65.19 -6.41 15.14
CA THR F 242 -63.85 -6.98 14.92
C THR F 242 -63.08 -7.18 16.24
N GLU F 243 -62.65 -8.42 16.50
CA GLU F 243 -61.81 -8.77 17.65
C GLU F 243 -60.31 -8.68 17.34
N GLN F 244 -59.56 -8.09 18.26
CA GLN F 244 -58.12 -7.89 18.08
C GLN F 244 -57.29 -8.85 18.91
N ILE F 245 -56.70 -9.83 18.25
CA ILE F 245 -55.84 -10.84 18.87
C ILE F 245 -54.39 -10.34 18.93
N PRO F 246 -53.75 -10.46 20.11
CA PRO F 246 -52.33 -10.11 20.18
C PRO F 246 -51.44 -11.31 19.85
N ALA F 247 -50.26 -11.03 19.29
CA ALA F 247 -49.25 -12.05 19.10
C ALA F 247 -48.61 -12.38 20.44
N VAL F 248 -48.42 -13.67 20.73
CA VAL F 248 -47.66 -14.08 21.89
C VAL F 248 -46.19 -13.95 21.53
N ARG F 249 -45.45 -13.13 22.28
CA ARG F 249 -44.06 -12.83 21.95
C ARG F 249 -43.26 -14.12 21.92
N ALA F 250 -42.49 -14.28 20.84
CA ALA F 250 -41.73 -15.50 20.61
C ALA F 250 -40.56 -15.65 21.57
N GLU F 251 -40.38 -16.86 22.12
CA GLU F 251 -39.13 -17.21 22.81
C GLU F 251 -37.97 -16.74 21.91
N ARG F 252 -37.98 -17.16 20.66
CA ARG F 252 -37.06 -16.64 19.63
C ARG F 252 -37.71 -16.73 18.25
N VAL F 253 -37.21 -15.94 17.29
CA VAL F 253 -37.72 -15.97 15.93
C VAL F 253 -36.69 -16.67 15.05
N ILE F 254 -36.97 -17.93 14.76
CA ILE F 254 -36.07 -18.80 14.01
C ILE F 254 -36.55 -18.96 12.57
N ASP F 255 -37.85 -19.28 12.41
CA ASP F 255 -38.42 -19.59 11.12
C ASP F 255 -39.95 -19.46 11.19
N PRO F 256 -40.52 -18.49 10.46
CA PRO F 256 -41.99 -18.36 10.47
C PRO F 256 -42.74 -19.28 9.51
N THR F 257 -42.02 -20.10 8.73
CA THR F 257 -42.67 -21.02 7.78
C THR F 257 -43.53 -22.03 8.54
N GLY F 258 -44.84 -22.02 8.26
CA GLY F 258 -45.79 -22.91 8.93
C GLY F 258 -46.59 -22.20 10.04
N CYS F 259 -46.23 -20.96 10.33
CA CYS F 259 -46.88 -20.20 11.42
C CYS F 259 -48.36 -20.02 11.15
N GLY F 260 -48.71 -19.71 9.90
CA GLY F 260 -50.11 -19.65 9.48
C GLY F 260 -50.84 -20.94 9.74
N ASP F 261 -50.17 -22.06 9.49
CA ASP F 261 -50.81 -23.37 9.64
C ASP F 261 -50.94 -23.80 11.10
N ALA F 262 -49.94 -23.48 11.91
CA ALA F 262 -50.00 -23.68 13.36
C ALA F 262 -51.17 -22.90 13.92
N PHE F 263 -51.26 -21.62 13.55
CA PHE F 263 -52.35 -20.71 13.93
C PHE F 263 -53.67 -21.39 13.60
N ARG F 264 -53.81 -21.88 12.36
CA ARG F 264 -55.07 -22.49 11.95
C ARG F 264 -55.44 -23.77 12.71
N GLY F 265 -54.42 -24.56 13.08
CA GLY F 265 -54.64 -25.71 13.96
C GLY F 265 -55.29 -25.26 15.26
N GLY F 266 -54.84 -24.12 15.79
CA GLY F 266 -55.36 -23.59 17.04
C GLY F 266 -56.78 -23.08 16.91
N LEU F 267 -57.09 -22.54 15.73
CA LEU F 267 -58.40 -22.02 15.39
C LEU F 267 -59.39 -23.18 15.19
N LEU F 268 -58.99 -24.20 14.44
CA LEU F 268 -59.88 -25.37 14.24
C LEU F 268 -60.24 -26.03 15.55
N TYR F 269 -59.29 -26.08 16.48
CA TYR F 269 -59.54 -26.62 17.81
C TYR F 269 -60.52 -25.76 18.61
N GLY F 270 -60.37 -24.43 18.50
CA GLY F 270 -61.26 -23.50 19.19
C GLY F 270 -62.69 -23.52 18.68
N ILE F 271 -62.85 -23.46 17.36
CA ILE F 271 -64.17 -23.50 16.75
C ILE F 271 -64.90 -24.80 17.06
N GLU F 272 -64.19 -25.92 16.95
CA GLU F 272 -64.76 -27.25 17.24
C GLU F 272 -65.28 -27.36 18.67
N HIS F 273 -64.59 -26.70 19.60
CA HIS F 273 -65.00 -26.72 21.01
C HIS F 273 -65.84 -25.51 21.38
N GLY F 274 -66.20 -24.74 20.36
CA GLY F 274 -67.08 -23.60 20.51
C GLY F 274 -66.55 -22.44 21.34
N PHE F 275 -65.23 -22.39 21.53
CA PHE F 275 -64.57 -21.30 22.28
C PHE F 275 -65.10 -19.94 21.84
N ASP F 276 -65.05 -18.94 22.72
CA ASP F 276 -65.39 -17.60 22.27
C ASP F 276 -64.28 -17.12 21.34
N TRP F 277 -64.58 -16.15 20.49
CA TRP F 277 -63.64 -15.72 19.45
C TRP F 277 -62.30 -15.28 19.98
N ALA F 278 -62.31 -14.58 21.12
CA ALA F 278 -61.09 -14.23 21.84
C ALA F 278 -60.23 -15.47 22.15
N THR F 279 -60.77 -16.41 22.95
CA THR F 279 -60.02 -17.62 23.35
C THR F 279 -59.47 -18.46 22.17
N ALA F 280 -60.28 -18.67 21.14
CA ALA F 280 -59.82 -19.41 19.93
C ALA F 280 -58.70 -18.69 19.18
N GLY F 281 -58.85 -17.38 19.01
CA GLY F 281 -57.82 -16.54 18.42
C GLY F 281 -56.53 -16.52 19.21
N ARG F 282 -56.65 -16.42 20.53
CA ARG F 282 -55.48 -16.48 21.43
C ARG F 282 -54.77 -17.83 21.38
N LEU F 283 -55.54 -18.91 21.27
CA LEU F 283 -54.95 -20.25 21.15
C LEU F 283 -54.27 -20.44 19.82
N ALA F 284 -54.89 -19.93 18.75
CA ALA F 284 -54.27 -19.95 17.42
C ALA F 284 -53.00 -19.12 17.44
N SER F 285 -53.07 -17.95 18.06
CA SER F 285 -51.91 -17.07 18.17
C SER F 285 -50.73 -17.77 18.86
N LEU F 286 -51.02 -18.45 19.98
CA LEU F 286 -49.98 -19.14 20.73
C LEU F 286 -49.33 -20.26 19.92
N MET F 287 -50.11 -20.95 19.10
CA MET F 287 -49.51 -21.97 18.24
C MET F 287 -48.48 -21.32 17.33
N GLY F 288 -48.82 -20.14 16.81
CA GLY F 288 -47.95 -19.39 15.92
C GLY F 288 -46.63 -18.97 16.55
N ALA F 289 -46.68 -18.57 17.82
CA ALA F 289 -45.48 -18.24 18.60
C ALA F 289 -44.63 -19.48 18.89
N LEU F 290 -45.28 -20.58 19.28
CA LEU F 290 -44.56 -21.82 19.61
C LEU F 290 -43.83 -22.41 18.41
N LYS F 291 -44.46 -22.36 17.24
CA LYS F 291 -43.82 -22.84 16.01
C LYS F 291 -42.57 -22.04 15.58
N ILE F 292 -42.67 -20.71 15.58
CA ILE F 292 -41.61 -19.83 15.05
C ILE F 292 -40.26 -20.02 15.73
N ALA F 293 -40.28 -20.57 16.94
CA ALA F 293 -39.08 -20.85 17.72
C ALA F 293 -38.27 -22.02 17.14
N HIS F 294 -38.81 -22.67 16.10
CA HIS F 294 -38.14 -23.81 15.47
C HIS F 294 -38.16 -23.76 13.94
N GLN F 295 -37.10 -24.33 13.33
CA GLN F 295 -36.94 -24.34 11.87
C GLN F 295 -37.87 -25.38 11.22
N GLY F 296 -38.53 -24.97 10.14
CA GLY F 296 -39.48 -25.84 9.46
C GLY F 296 -40.87 -25.79 10.07
N PRO F 297 -41.88 -26.29 9.34
CA PRO F 297 -43.27 -26.13 9.77
C PRO F 297 -43.70 -27.03 10.94
N GLN F 298 -43.05 -28.19 11.07
CA GLN F 298 -43.45 -29.18 12.05
C GLN F 298 -42.31 -29.64 12.97
N THR F 299 -41.35 -28.77 13.29
CA THR F 299 -40.25 -29.16 14.17
C THR F 299 -40.67 -29.07 15.63
N TYR F 300 -41.35 -27.99 15.97
CA TYR F 300 -41.90 -27.80 17.30
C TYR F 300 -42.73 -29.03 17.71
N ALA F 301 -42.56 -29.47 18.96
CA ALA F 301 -43.30 -30.64 19.45
C ALA F 301 -43.72 -30.47 20.91
N PRO F 302 -44.45 -29.38 21.20
CA PRO F 302 -44.86 -29.17 22.60
C PRO F 302 -45.95 -30.16 23.00
N THR F 303 -45.90 -30.67 24.23
CA THR F 303 -47.00 -31.47 24.79
C THR F 303 -48.18 -30.55 25.06
N ARG F 304 -49.39 -31.11 25.12
CA ARG F 304 -50.59 -30.29 25.33
C ARG F 304 -50.58 -29.65 26.71
N ALA F 305 -49.95 -30.34 27.67
CA ALA F 305 -49.65 -29.79 28.98
C ALA F 305 -48.73 -28.58 28.90
N GLU F 306 -47.71 -28.65 28.03
CA GLU F 306 -46.85 -27.49 27.79
C GLU F 306 -47.60 -26.35 27.09
N ILE F 307 -48.48 -26.69 26.15
CA ILE F 307 -49.32 -25.67 25.52
C ILE F 307 -50.16 -24.96 26.57
N ASP F 308 -50.75 -25.73 27.47
CA ASP F 308 -51.65 -25.20 28.50
C ASP F 308 -50.92 -24.29 29.46
N ALA F 309 -49.70 -24.69 29.84
CA ALA F 309 -48.88 -23.90 30.75
C ALA F 309 -48.57 -22.53 30.17
N ARG F 310 -48.17 -22.48 28.90
CA ARG F 310 -47.79 -21.22 28.24
C ARG F 310 -49.00 -20.31 28.01
N PHE F 311 -50.15 -20.91 27.70
CA PHE F 311 -51.39 -20.17 27.51
C PHE F 311 -51.75 -19.48 28.82
N GLU F 312 -51.71 -20.26 29.90
CA GLU F 312 -51.93 -19.74 31.26
C GLU F 312 -51.03 -18.55 31.52
N THR F 313 -49.72 -18.72 31.35
CA THR F 313 -48.75 -17.62 31.48
C THR F 313 -49.18 -16.40 30.67
N ALA F 314 -49.50 -16.62 29.40
CA ALA F 314 -49.79 -15.55 28.45
C ALA F 314 -51.16 -14.88 28.62
N PHE F 315 -52.10 -15.54 29.30
CA PHE F 315 -53.48 -15.01 29.38
C PHE F 315 -54.21 -15.22 30.71
N GLY F 316 -53.59 -15.93 31.65
CA GLY F 316 -54.15 -16.10 32.98
C GLY F 316 -55.31 -17.06 33.14
N TYR F 317 -55.43 -18.01 32.19
CA TYR F 317 -56.40 -19.12 32.27
C TYR F 317 -56.02 -20.21 31.27
N ARG F 318 -56.61 -21.40 31.43
CA ARG F 318 -56.27 -22.53 30.56
C ARG F 318 -57.35 -22.75 29.48
N PRO F 319 -56.93 -23.11 28.25
CA PRO F 319 -57.92 -23.51 27.27
C PRO F 319 -58.62 -24.81 27.70
#